data_6PFZ
#
_entry.id   6PFZ
#
_cell.length_a   84.976
_cell.length_b   100.355
_cell.length_c   136.196
_cell.angle_alpha   90.000
_cell.angle_beta   91.894
_cell.angle_gamma   90.000
#
_symmetry.space_group_name_H-M   'P 1 21 1'
#
loop_
_entity.id
_entity.type
_entity.pdbx_description
1 polymer 'NADH oxidase (NoxA-3)'
2 non-polymer 'FLAVIN-ADENINE DINUCLEOTIDE'
3 non-polymer 'COENZYME A'
4 non-polymer 'CALCIUM ION'
5 water water
#
_entity_poly.entity_id   1
_entity_poly.type   'polypeptide(L)'
_entity_poly.pdbx_seq_one_letter_code
;MNVVVIGGGAAGLKAASRIRRKDGDASITVVEAGKYVSLGRCGLPYYVGGLVHEVDNLRETTYGAVRDEAYFKKLKNIDV
LTETVATEIDRSRKTVKIVRNGSEDELNYDYLVIATGARPAKPPIEGIEAEGVVTLTSAEEAEKIIEMWEEGAEKAVVIG
AGFIGLESAEALKNLDMEVTVIEMMDRVAPAMLDREMAVLVENHLREKGVNVVTSTRVEKIVSQDDKVRAVIANGKEYPA
DVVVVATGIKPNSELAEKAGLKIGETGAIWVDEYMRTSDESIYAGGDCVETTCLVTGKKIIAPFGDVANKQGRVIGENIT
GGRAVFPGVIRTAIFKVFDFTAASAGVNEQMAKEAGLDYFTVIAPSPDRAHYYPQANYIRLKLIVEKGSWRVIGAQGVGM
GEVAKRIDVLSTAIQAGMTIDQLANLDLAYAPPYSPALDPVITIANVAMNKRDGLFEGINVFELKEKLEKEDIVILDVRS
EEEFKTRRIESEKVIHIPILELRERLDEIPRDKEIVVVCAIGLRSFEASRILKHAGFEKVKILEGGMAFWF
;
_entity_poly.pdbx_strand_id   D,A,B,C
#
# COMPACT_ATOMS: atom_id res chain seq x y z
N MET A 1 -28.91 37.22 -9.02
CA MET A 1 -28.66 37.51 -10.45
C MET A 1 -29.81 37.07 -11.36
N ASN A 2 -30.25 37.94 -12.27
CA ASN A 2 -31.17 37.51 -13.32
C ASN A 2 -30.55 37.81 -14.68
N VAL A 3 -30.58 36.83 -15.56
CA VAL A 3 -29.90 36.90 -16.85
C VAL A 3 -30.96 36.80 -17.92
N VAL A 4 -30.85 37.63 -18.93
CA VAL A 4 -31.78 37.61 -20.04
C VAL A 4 -31.05 37.20 -21.30
N VAL A 5 -31.75 36.43 -22.13
CA VAL A 5 -31.21 35.88 -23.36
C VAL A 5 -32.20 36.14 -24.50
N ILE A 6 -31.77 36.78 -25.58
CA ILE A 6 -32.59 37.03 -26.75
C ILE A 6 -32.51 35.87 -27.73
N GLY A 7 -33.54 35.07 -27.81
CA GLY A 7 -33.54 34.04 -28.78
C GLY A 7 -33.10 32.69 -28.38
N GLY A 8 -33.90 31.72 -28.76
CA GLY A 8 -33.64 30.35 -28.46
C GLY A 8 -33.01 29.64 -29.61
N GLY A 9 -31.88 30.12 -30.06
CA GLY A 9 -31.20 29.48 -31.14
C GLY A 9 -30.41 28.49 -30.36
N ALA A 10 -29.37 27.96 -30.94
CA ALA A 10 -28.53 27.03 -30.26
C ALA A 10 -27.77 27.80 -29.26
N ALA A 11 -27.06 28.80 -29.69
CA ALA A 11 -26.27 29.62 -28.77
C ALA A 11 -27.09 30.09 -27.58
N GLY A 12 -28.27 30.66 -27.84
CA GLY A 12 -29.07 31.20 -26.75
C GLY A 12 -29.37 30.16 -25.68
N LEU A 13 -29.86 28.98 -26.08
CA LEU A 13 -30.24 28.00 -25.06
C LEU A 13 -29.06 27.19 -24.50
N LYS A 14 -27.96 27.02 -25.24
CA LYS A 14 -26.83 26.40 -24.56
C LYS A 14 -26.21 27.34 -23.55
N ALA A 15 -26.11 28.64 -23.88
CA ALA A 15 -25.69 29.62 -22.88
C ALA A 15 -26.56 29.54 -21.63
N ALA A 16 -27.88 29.65 -21.81
CA ALA A 16 -28.79 29.58 -20.66
C ALA A 16 -28.60 28.29 -19.89
N SER A 17 -28.42 27.18 -20.60
CA SER A 17 -28.30 25.90 -19.90
C SER A 17 -27.00 25.82 -19.10
N ARG A 18 -25.90 26.31 -19.66
CA ARG A 18 -24.65 26.29 -18.92
C ARG A 18 -24.74 27.16 -17.69
N ILE A 19 -25.47 28.28 -17.77
CA ILE A 19 -25.65 29.06 -16.54
C ILE A 19 -26.44 28.26 -15.51
N ARG A 20 -27.55 27.70 -15.94
CA ARG A 20 -28.43 26.92 -15.07
C ARG A 20 -27.72 25.82 -14.29
N ARG A 21 -26.78 25.13 -14.95
CA ARG A 21 -26.07 24.06 -14.28
C ARG A 21 -25.10 24.57 -13.22
N LYS A 22 -24.65 25.81 -13.34
CA LYS A 22 -23.73 26.36 -12.37
C LYS A 22 -24.39 27.31 -11.39
N ASP A 23 -25.67 27.66 -11.59
CA ASP A 23 -26.39 28.50 -10.64
C ASP A 23 -27.87 28.15 -10.66
N GLY A 24 -28.32 27.53 -9.56
CA GLY A 24 -29.70 27.19 -9.35
C GLY A 24 -30.56 28.33 -8.92
N ASP A 25 -29.93 29.43 -8.50
CA ASP A 25 -30.70 30.53 -7.99
C ASP A 25 -30.97 31.62 -9.03
N ALA A 26 -30.15 31.70 -10.09
CA ALA A 26 -30.28 32.81 -11.02
C ALA A 26 -31.59 32.70 -11.76
N SER A 27 -32.16 33.83 -12.09
CA SER A 27 -33.33 33.86 -12.96
C SER A 27 -32.84 33.99 -14.39
N ILE A 28 -33.23 33.06 -15.23
CA ILE A 28 -32.83 33.09 -16.62
C ILE A 28 -34.10 33.18 -17.44
N THR A 29 -34.24 34.26 -18.20
CA THR A 29 -35.36 34.43 -19.13
C THR A 29 -34.87 34.47 -20.57
N VAL A 30 -35.51 33.66 -21.42
CA VAL A 30 -35.17 33.57 -22.84
C VAL A 30 -36.37 34.03 -23.64
N VAL A 31 -36.15 35.03 -24.51
CA VAL A 31 -37.21 35.60 -25.34
C VAL A 31 -37.03 35.11 -26.78
N GLU A 32 -38.12 34.59 -27.36
CA GLU A 32 -38.10 33.98 -28.68
C GLU A 32 -39.21 34.54 -29.55
N ALA A 33 -38.82 35.03 -30.73
CA ALA A 33 -39.71 35.75 -31.65
C ALA A 33 -40.66 34.83 -32.40
N GLY A 34 -40.30 33.58 -32.55
CA GLY A 34 -41.09 32.64 -33.31
C GLY A 34 -41.77 31.67 -32.36
N LYS A 35 -42.63 30.83 -32.95
CA LYS A 35 -43.40 29.91 -32.13
C LYS A 35 -42.51 28.83 -31.54
N TYR A 36 -41.60 28.35 -32.34
CA TYR A 36 -40.77 27.26 -31.91
C TYR A 36 -39.44 27.47 -31.29
N VAL A 37 -39.30 27.00 -30.08
CA VAL A 37 -38.05 27.14 -29.40
C VAL A 37 -37.13 25.96 -29.57
N SER A 38 -35.89 26.22 -29.91
CA SER A 38 -34.89 25.18 -30.01
C SER A 38 -34.88 24.20 -31.17
N LEU A 39 -35.53 24.55 -32.27
CA LEU A 39 -35.57 23.65 -33.41
C LEU A 39 -34.19 23.45 -33.96
N GLY A 40 -33.89 22.23 -34.41
CA GLY A 40 -32.58 21.96 -34.94
C GLY A 40 -32.60 22.35 -36.39
N ARG A 41 -32.16 23.50 -36.75
CA ARG A 41 -32.21 23.83 -38.16
C ARG A 41 -31.40 22.97 -39.11
N CYS A 42 -30.24 22.54 -38.66
CA CYS A 42 -29.29 21.84 -39.50
C CYS A 42 -29.89 20.61 -40.15
N GLY A 43 -31.02 20.11 -39.61
CA GLY A 43 -31.79 18.99 -40.11
C GLY A 43 -32.99 19.28 -41.00
N LEU A 44 -33.34 20.56 -41.22
CA LEU A 44 -34.47 20.83 -42.09
C LEU A 44 -34.29 20.29 -43.50
N PRO A 45 -33.10 20.30 -44.12
CA PRO A 45 -32.99 19.67 -45.45
C PRO A 45 -33.38 18.21 -45.42
N TYR A 46 -32.85 17.44 -44.45
CA TYR A 46 -33.14 16.01 -44.35
C TYR A 46 -34.58 15.74 -43.92
N TYR A 47 -35.25 16.74 -43.36
CA TYR A 47 -36.68 16.68 -43.18
C TYR A 47 -37.40 16.73 -44.52
N VAL A 48 -37.09 17.76 -45.32
CA VAL A 48 -37.70 17.88 -46.63
C VAL A 48 -37.38 16.65 -47.47
N GLY A 49 -36.14 16.19 -47.42
CA GLY A 49 -35.75 15.01 -48.18
C GLY A 49 -36.35 13.72 -47.67
N GLY A 50 -36.99 13.73 -46.51
CA GLY A 50 -37.73 12.59 -46.04
C GLY A 50 -36.99 11.69 -45.08
N LEU A 51 -35.70 11.90 -44.86
CA LEU A 51 -34.96 11.07 -43.93
C LEU A 51 -35.51 11.23 -42.55
N VAL A 52 -35.98 12.42 -42.23
CA VAL A 52 -36.55 12.69 -40.94
C VAL A 52 -38.04 12.80 -41.19
N HIS A 53 -38.83 11.97 -40.54
CA HIS A 53 -40.27 12.00 -40.77
C HIS A 53 -41.09 13.21 -40.35
N GLU A 54 -40.82 13.75 -39.18
CA GLU A 54 -41.61 14.84 -38.68
C GLU A 54 -40.77 16.03 -38.32
N VAL A 55 -41.26 17.21 -38.57
CA VAL A 55 -40.49 18.39 -38.28
C VAL A 55 -40.20 18.39 -36.83
N ASP A 56 -41.16 17.92 -36.07
CA ASP A 56 -41.02 17.92 -34.65
C ASP A 56 -39.85 17.11 -34.15
N ASN A 57 -39.37 16.18 -34.95
CA ASN A 57 -38.26 15.37 -34.52
C ASN A 57 -37.01 16.16 -34.24
N LEU A 58 -36.79 17.21 -35.01
CA LEU A 58 -35.61 18.06 -34.89
C LEU A 58 -35.61 18.76 -33.56
N ARG A 59 -36.63 18.52 -32.74
CA ARG A 59 -36.70 19.00 -31.36
C ARG A 59 -36.95 17.83 -30.38
N GLU A 60 -36.24 16.73 -30.51
CA GLU A 60 -36.54 15.66 -29.60
C GLU A 60 -35.30 15.10 -28.99
N THR A 61 -35.45 14.23 -28.01
CA THR A 61 -34.31 13.63 -27.33
C THR A 61 -34.34 12.11 -27.44
N THR A 62 -35.55 11.55 -27.44
CA THR A 62 -35.73 10.11 -27.55
C THR A 62 -37.16 9.70 -27.22
N VAL A 66 -41.26 16.32 -27.26
CA VAL A 66 -40.99 17.66 -27.80
C VAL A 66 -40.53 18.59 -26.68
N ARG A 67 -39.41 19.24 -26.98
CA ARG A 67 -38.65 20.07 -26.07
C ARG A 67 -39.08 21.53 -26.21
N ASP A 68 -40.27 21.84 -25.71
CA ASP A 68 -40.87 23.18 -25.69
C ASP A 68 -40.61 23.94 -24.36
N GLU A 69 -41.24 25.11 -24.22
CA GLU A 69 -41.08 25.95 -23.04
C GLU A 69 -41.39 25.18 -21.75
N ALA A 70 -42.39 24.32 -21.80
CA ALA A 70 -42.66 23.46 -20.64
C ALA A 70 -41.46 22.58 -20.34
N TYR A 71 -40.79 22.07 -21.38
CA TYR A 71 -39.53 21.34 -21.18
C TYR A 71 -38.50 22.23 -20.47
N PHE A 72 -38.24 23.42 -21.01
CA PHE A 72 -37.21 24.25 -20.39
C PHE A 72 -37.61 24.76 -19.01
N LYS A 73 -38.90 24.77 -18.70
CA LYS A 73 -39.38 25.14 -17.37
C LYS A 73 -39.27 23.98 -16.40
N LYS A 74 -39.76 22.81 -16.82
CA LYS A 74 -39.81 21.67 -15.92
C LYS A 74 -38.41 21.14 -15.65
N LEU A 75 -37.54 21.13 -16.67
CA LEU A 75 -36.24 20.49 -16.53
C LEU A 75 -35.15 21.47 -16.12
N LYS A 76 -35.17 22.71 -16.59
CA LYS A 76 -34.06 23.60 -16.30
C LYS A 76 -34.52 24.83 -15.57
N ASN A 77 -35.80 24.90 -15.21
CA ASN A 77 -36.37 26.01 -14.50
C ASN A 77 -36.00 27.32 -15.19
N ILE A 78 -36.06 27.29 -16.53
CA ILE A 78 -35.79 28.44 -17.37
C ILE A 78 -37.11 28.94 -17.95
N ASP A 79 -37.34 30.26 -17.85
CA ASP A 79 -38.59 30.85 -18.33
C ASP A 79 -38.40 31.30 -19.76
N VAL A 80 -38.93 30.51 -20.70
CA VAL A 80 -38.80 30.73 -22.13
C VAL A 80 -40.07 31.40 -22.62
N LEU A 81 -39.92 32.59 -23.17
CA LEU A 81 -41.04 33.38 -23.69
C LEU A 81 -41.11 33.26 -25.22
N THR A 82 -42.12 32.54 -25.70
CA THR A 82 -42.28 32.35 -27.13
C THR A 82 -42.99 33.55 -27.73
N GLU A 83 -42.65 33.86 -28.99
CA GLU A 83 -43.38 34.87 -29.75
C GLU A 83 -43.36 36.20 -29.03
N THR A 84 -42.18 36.52 -28.52
CA THR A 84 -41.93 37.76 -27.82
C THR A 84 -40.74 38.38 -28.52
N VAL A 85 -40.91 39.54 -29.10
CA VAL A 85 -39.79 40.13 -29.83
C VAL A 85 -39.07 41.09 -28.90
N ALA A 86 -37.75 41.07 -28.93
CA ALA A 86 -36.95 42.06 -28.23
C ALA A 86 -36.71 43.20 -29.20
N THR A 87 -37.14 44.41 -28.82
CA THR A 87 -37.15 45.58 -29.71
C THR A 87 -35.97 46.50 -29.50
N GLU A 88 -35.57 46.75 -28.25
CA GLU A 88 -34.49 47.69 -27.97
C GLU A 88 -33.71 47.22 -26.75
N ILE A 89 -32.41 47.47 -26.75
CA ILE A 89 -31.62 47.20 -25.55
C ILE A 89 -31.05 48.53 -25.06
N ASP A 90 -31.13 48.79 -23.74
CA ASP A 90 -30.50 49.98 -23.16
C ASP A 90 -29.56 49.63 -22.02
N ARG A 91 -28.26 49.87 -22.30
CA ARG A 91 -27.16 49.48 -21.44
C ARG A 91 -27.04 50.33 -20.19
N SER A 92 -27.51 51.57 -20.23
CA SER A 92 -27.42 52.39 -19.04
C SER A 92 -28.42 51.91 -18.00
N ARG A 93 -29.65 51.78 -18.43
CA ARG A 93 -30.78 51.30 -17.69
C ARG A 93 -30.67 49.82 -17.30
N LYS A 94 -29.82 49.09 -18.01
CA LYS A 94 -29.74 47.62 -18.01
C LYS A 94 -31.13 47.01 -18.10
N THR A 95 -31.85 47.39 -19.14
CA THR A 95 -33.16 46.84 -19.40
C THR A 95 -33.30 46.46 -20.87
N VAL A 96 -34.26 45.58 -21.15
CA VAL A 96 -34.59 45.16 -22.50
C VAL A 96 -36.09 45.30 -22.67
N LYS A 97 -36.50 46.02 -23.70
CA LYS A 97 -37.92 46.19 -23.99
C LYS A 97 -38.40 45.04 -24.88
N ILE A 98 -39.44 44.33 -24.43
CA ILE A 98 -40.06 43.26 -25.22
C ILE A 98 -41.49 43.65 -25.56
N VAL A 99 -41.97 43.13 -26.69
CA VAL A 99 -43.38 43.20 -27.08
C VAL A 99 -43.87 41.76 -27.13
N ARG A 100 -44.74 41.43 -26.18
CA ARG A 100 -45.36 40.11 -26.09
C ARG A 100 -46.88 40.33 -26.05
N ASN A 101 -47.60 39.69 -26.97
CA ASN A 101 -49.04 39.87 -27.02
C ASN A 101 -49.50 41.24 -27.45
N GLY A 102 -48.72 41.88 -28.29
CA GLY A 102 -49.12 43.17 -28.77
C GLY A 102 -49.23 44.15 -27.66
N SER A 103 -48.47 43.91 -26.63
CA SER A 103 -48.42 44.78 -25.49
C SER A 103 -46.95 44.87 -25.36
N GLU A 104 -46.50 45.88 -24.67
CA GLU A 104 -45.09 46.18 -24.53
C GLU A 104 -44.77 46.17 -23.04
N ASP A 105 -43.73 45.43 -22.66
CA ASP A 105 -43.24 45.39 -21.29
C ASP A 105 -41.73 45.61 -21.31
N GLU A 106 -41.09 45.52 -20.15
CA GLU A 106 -39.64 45.60 -20.05
C GLU A 106 -39.09 44.49 -19.18
N LEU A 107 -37.83 44.14 -19.44
CA LEU A 107 -37.11 43.05 -18.78
C LEU A 107 -35.87 43.63 -18.11
N ASN A 108 -35.76 43.43 -16.79
CA ASN A 108 -34.59 43.88 -16.06
C ASN A 108 -33.48 42.83 -16.17
N TYR A 109 -32.24 43.29 -16.31
CA TYR A 109 -31.13 42.35 -16.38
C TYR A 109 -29.88 42.87 -15.69
N ASP A 110 -29.10 41.91 -15.16
CA ASP A 110 -27.72 42.11 -14.68
C ASP A 110 -26.70 41.72 -15.74
N TYR A 111 -26.88 40.57 -16.36
CA TYR A 111 -26.15 40.17 -17.55
C TYR A 111 -27.15 39.83 -18.65
N LEU A 112 -26.81 40.25 -19.87
CA LEU A 112 -27.63 40.08 -21.05
C LEU A 112 -26.85 39.31 -22.11
N VAL A 113 -27.51 38.35 -22.74
CA VAL A 113 -26.91 37.61 -23.84
C VAL A 113 -27.71 37.92 -25.10
N ILE A 114 -27.03 38.37 -26.15
CA ILE A 114 -27.61 38.57 -27.48
C ILE A 114 -27.26 37.35 -28.34
N ALA A 115 -28.25 36.55 -28.71
CA ALA A 115 -27.99 35.37 -29.54
C ALA A 115 -29.08 35.29 -30.60
N THR A 116 -29.16 36.34 -31.39
CA THR A 116 -30.25 36.51 -32.33
C THR A 116 -29.99 35.84 -33.66
N GLY A 117 -28.85 35.18 -33.83
CA GLY A 117 -28.68 34.49 -35.08
C GLY A 117 -28.59 35.44 -36.27
N ALA A 118 -28.92 34.91 -37.44
CA ALA A 118 -28.73 35.62 -38.71
C ALA A 118 -29.94 35.41 -39.61
N ARG A 119 -30.33 36.45 -40.28
CA ARG A 119 -31.36 36.26 -41.30
C ARG A 119 -30.73 35.91 -42.64
N PRO A 120 -31.49 35.30 -43.54
CA PRO A 120 -30.94 34.99 -44.88
C PRO A 120 -30.79 36.25 -45.69
N ALA A 121 -29.61 36.43 -46.29
CA ALA A 121 -29.43 37.57 -47.18
C ALA A 121 -30.31 37.37 -48.41
N LYS A 122 -31.05 38.42 -48.75
CA LYS A 122 -32.04 38.30 -49.81
C LYS A 122 -31.58 39.10 -50.99
N PRO A 123 -31.22 38.47 -52.12
CA PRO A 123 -30.71 39.24 -53.26
C PRO A 123 -31.77 40.20 -53.79
N PRO A 124 -31.39 41.47 -53.98
CA PRO A 124 -32.35 42.49 -54.42
C PRO A 124 -32.74 42.36 -55.88
N ILE A 125 -33.79 41.58 -56.10
CA ILE A 125 -34.22 41.13 -57.41
C ILE A 125 -35.74 41.31 -57.52
N GLU A 126 -36.23 41.50 -58.74
CA GLU A 126 -37.67 41.61 -58.90
C GLU A 126 -38.35 40.26 -58.70
N GLY A 127 -39.44 40.25 -57.92
CA GLY A 127 -40.18 39.01 -57.73
C GLY A 127 -39.64 38.07 -56.67
N ILE A 128 -38.64 38.51 -55.89
CA ILE A 128 -38.08 37.67 -54.85
C ILE A 128 -39.06 37.38 -53.72
N GLU A 129 -40.18 38.10 -53.65
CA GLU A 129 -41.20 37.85 -52.64
C GLU A 129 -42.38 37.09 -53.25
N ALA A 130 -42.21 36.57 -54.45
CA ALA A 130 -43.30 35.80 -55.01
C ALA A 130 -43.55 34.52 -54.21
N GLU A 131 -44.68 33.87 -54.51
CA GLU A 131 -45.07 32.63 -53.84
C GLU A 131 -44.41 31.45 -54.54
N GLY A 132 -43.84 30.55 -53.72
CA GLY A 132 -42.94 29.52 -54.20
C GLY A 132 -41.47 29.82 -53.95
N VAL A 133 -41.13 31.07 -53.63
CA VAL A 133 -39.77 31.45 -53.26
C VAL A 133 -39.58 31.22 -51.78
N VAL A 134 -38.56 30.44 -51.42
CA VAL A 134 -38.34 30.11 -50.02
C VAL A 134 -36.87 30.23 -49.65
N THR A 135 -36.65 30.19 -48.35
CA THR A 135 -35.36 29.99 -47.72
C THR A 135 -35.54 28.78 -46.84
N LEU A 136 -34.48 28.02 -46.58
CA LEU A 136 -34.63 26.95 -45.58
C LEU A 136 -34.23 27.42 -44.20
N THR A 137 -34.74 28.56 -43.76
CA THR A 137 -34.26 29.08 -42.50
C THR A 137 -35.15 28.67 -41.35
N SER A 138 -36.40 28.30 -41.63
CA SER A 138 -37.30 27.94 -40.56
C SER A 138 -38.17 26.76 -40.97
N ALA A 139 -38.71 26.12 -39.93
CA ALA A 139 -39.59 25.00 -40.15
C ALA A 139 -40.77 25.42 -41.00
N GLU A 140 -41.21 26.68 -40.84
CA GLU A 140 -42.30 27.22 -41.67
C GLU A 140 -41.98 27.19 -43.15
N GLU A 141 -40.80 27.67 -43.54
CA GLU A 141 -40.48 27.66 -44.96
C GLU A 141 -40.28 26.23 -45.45
N ALA A 142 -39.66 25.37 -44.64
CA ALA A 142 -39.43 23.98 -45.06
C ALA A 142 -40.73 23.26 -45.39
N GLU A 143 -41.71 23.31 -44.48
CA GLU A 143 -42.93 22.61 -44.84
C GLU A 143 -43.75 23.38 -45.87
N LYS A 144 -43.48 24.68 -46.07
CA LYS A 144 -44.02 25.31 -47.27
C LYS A 144 -43.55 24.57 -48.51
N ILE A 145 -42.26 24.21 -48.55
CA ILE A 145 -41.79 23.42 -49.69
C ILE A 145 -42.55 22.10 -49.77
N ILE A 146 -42.67 21.39 -48.64
CA ILE A 146 -43.24 20.05 -48.76
C ILE A 146 -44.67 20.12 -49.27
N GLU A 147 -45.39 21.19 -48.92
CA GLU A 147 -46.78 21.27 -49.31
C GLU A 147 -46.94 21.69 -50.76
N MET A 148 -46.04 22.54 -51.27
CA MET A 148 -46.06 22.83 -52.70
C MET A 148 -45.73 21.61 -53.54
N TRP A 149 -44.97 20.69 -52.99
CA TRP A 149 -44.78 19.43 -53.69
C TRP A 149 -46.01 18.54 -53.57
N GLU A 150 -46.65 18.57 -52.40
CA GLU A 150 -47.90 17.85 -52.22
C GLU A 150 -48.94 18.35 -53.23
N GLU A 151 -48.94 19.64 -53.49
CA GLU A 151 -49.78 20.21 -54.54
C GLU A 151 -49.25 19.90 -55.93
N GLY A 152 -48.03 19.39 -56.05
CA GLY A 152 -47.62 18.82 -57.31
C GLY A 152 -46.54 19.59 -58.03
N ALA A 153 -45.61 20.16 -57.28
CA ALA A 153 -44.53 20.90 -57.91
C ALA A 153 -43.47 19.90 -58.35
N GLU A 154 -42.95 20.09 -59.55
CA GLU A 154 -41.89 19.23 -60.05
C GLU A 154 -40.62 19.92 -60.55
N LYS A 155 -40.62 21.24 -60.61
CA LYS A 155 -39.47 21.98 -61.11
C LYS A 155 -38.90 22.89 -60.04
N ALA A 156 -37.59 22.93 -59.89
CA ALA A 156 -37.00 23.78 -58.88
C ALA A 156 -35.71 24.42 -59.26
N VAL A 157 -35.49 25.55 -58.70
CA VAL A 157 -34.25 26.29 -58.91
C VAL A 157 -33.69 26.71 -57.56
N VAL A 158 -32.41 26.40 -57.33
CA VAL A 158 -31.66 26.81 -56.15
C VAL A 158 -30.67 27.88 -56.59
N ILE A 159 -30.63 28.99 -55.88
CA ILE A 159 -29.63 30.04 -56.12
C ILE A 159 -28.63 30.00 -54.97
N GLY A 160 -27.39 29.59 -55.31
CA GLY A 160 -26.33 29.40 -54.34
C GLY A 160 -25.83 27.96 -54.28
N ALA A 161 -24.54 27.78 -54.56
CA ALA A 161 -23.90 26.49 -54.38
C ALA A 161 -23.18 26.41 -53.02
N GLY A 162 -23.66 27.15 -52.01
CA GLY A 162 -23.18 26.97 -50.67
C GLY A 162 -23.71 25.64 -50.17
N PHE A 163 -23.35 25.30 -48.93
CA PHE A 163 -23.83 24.01 -48.39
C PHE A 163 -25.35 24.00 -48.26
N ILE A 164 -25.96 25.11 -47.81
CA ILE A 164 -27.41 25.09 -47.66
C ILE A 164 -28.06 24.86 -49.02
N GLY A 165 -27.59 25.59 -50.03
CA GLY A 165 -28.12 25.38 -51.37
C GLY A 165 -27.97 23.95 -51.85
N LEU A 166 -26.78 23.37 -51.65
CA LEU A 166 -26.53 22.03 -52.18
C LEU A 166 -27.35 20.95 -51.47
N GLU A 167 -27.42 21.04 -50.14
CA GLU A 167 -28.23 20.13 -49.37
C GLU A 167 -29.67 20.23 -49.87
N SER A 168 -30.08 21.44 -50.28
CA SER A 168 -31.43 21.66 -50.79
C SER A 168 -31.59 21.01 -52.16
N ALA A 169 -30.54 21.07 -52.97
CA ALA A 169 -30.61 20.38 -54.25
C ALA A 169 -30.88 18.90 -54.04
N GLU A 170 -30.18 18.26 -53.08
CA GLU A 170 -30.45 16.84 -52.94
C GLU A 170 -31.83 16.62 -52.32
N ALA A 171 -32.19 17.44 -51.33
CA ALA A 171 -33.48 17.24 -50.68
C ALA A 171 -34.62 17.38 -51.68
N LEU A 172 -34.50 18.34 -52.58
CA LEU A 172 -35.53 18.63 -53.57
C LEU A 172 -35.56 17.57 -54.67
N LYS A 173 -34.38 17.07 -55.05
CA LYS A 173 -34.32 15.97 -56.00
C LYS A 173 -34.82 14.66 -55.39
N ASN A 174 -34.68 14.50 -54.07
CA ASN A 174 -35.28 13.33 -53.44
C ASN A 174 -36.80 13.33 -53.56
N LEU A 175 -37.39 14.47 -53.87
CA LEU A 175 -38.83 14.55 -54.07
C LEU A 175 -39.16 14.29 -55.53
N ASP A 176 -38.17 13.77 -56.25
CA ASP A 176 -38.16 13.52 -57.69
C ASP A 176 -38.68 14.74 -58.47
N MET A 177 -38.11 15.88 -58.16
CA MET A 177 -38.26 17.11 -58.91
C MET A 177 -37.03 17.23 -59.78
N GLU A 178 -37.07 18.12 -60.76
CA GLU A 178 -35.92 18.39 -61.61
C GLU A 178 -35.27 19.66 -61.08
N VAL A 179 -34.02 19.55 -60.66
CA VAL A 179 -33.42 20.55 -59.80
C VAL A 179 -32.27 21.22 -60.54
N THR A 180 -32.33 22.56 -60.62
CA THR A 180 -31.23 23.32 -61.22
C THR A 180 -30.60 24.23 -60.18
N VAL A 181 -29.27 24.33 -60.23
CA VAL A 181 -28.53 25.18 -59.32
C VAL A 181 -27.80 26.25 -60.12
N ILE A 182 -27.98 27.51 -59.71
CA ILE A 182 -27.35 28.64 -60.35
C ILE A 182 -26.45 29.31 -59.31
N GLU A 183 -25.14 29.38 -59.59
CA GLU A 183 -24.20 30.06 -58.70
C GLU A 183 -23.33 31.06 -59.49
N MET A 184 -23.18 32.27 -58.93
CA MET A 184 -22.45 33.33 -59.63
C MET A 184 -20.97 33.00 -59.81
N MET A 185 -20.35 32.25 -58.89
CA MET A 185 -18.93 32.01 -59.03
C MET A 185 -18.64 30.79 -59.92
N ASP A 186 -17.37 30.65 -60.30
CA ASP A 186 -16.94 29.65 -61.27
C ASP A 186 -17.03 28.21 -60.80
N ARG A 187 -17.36 27.99 -59.53
CA ARG A 187 -17.32 26.64 -58.98
C ARG A 187 -18.39 26.48 -57.91
N VAL A 188 -18.89 25.26 -57.79
CA VAL A 188 -19.76 24.96 -56.67
C VAL A 188 -19.01 25.09 -55.32
N ALA A 189 -19.76 25.29 -54.25
CA ALA A 189 -19.22 25.41 -52.90
C ALA A 189 -17.96 26.32 -52.85
N PRO A 190 -18.11 27.58 -53.31
CA PRO A 190 -16.89 28.45 -53.35
C PRO A 190 -16.13 28.59 -52.05
N ALA A 191 -16.81 28.89 -50.92
CA ALA A 191 -16.10 29.14 -49.67
C ALA A 191 -15.28 27.93 -49.25
N MET A 192 -15.71 26.73 -49.63
CA MET A 192 -15.03 25.52 -49.17
C MET A 192 -14.00 25.01 -50.17
N LEU A 193 -14.31 24.96 -51.44
CA LEU A 193 -13.45 24.20 -52.34
C LEU A 193 -12.82 25.06 -53.42
N ASP A 194 -11.83 24.46 -54.06
CA ASP A 194 -11.17 24.96 -55.25
C ASP A 194 -11.70 24.27 -56.50
N ARG A 195 -11.40 24.87 -57.66
CA ARG A 195 -12.06 24.43 -58.90
C ARG A 195 -11.72 22.98 -59.21
N GLU A 196 -10.44 22.64 -59.10
CA GLU A 196 -9.99 21.28 -59.35
C GLU A 196 -10.83 20.29 -58.55
N MET A 197 -11.10 20.62 -57.29
CA MET A 197 -11.89 19.76 -56.42
C MET A 197 -13.36 19.97 -56.66
N ALA A 198 -13.76 21.23 -56.90
CA ALA A 198 -15.17 21.56 -56.97
C ALA A 198 -15.86 20.93 -58.17
N VAL A 199 -15.09 20.67 -59.24
CA VAL A 199 -15.73 20.07 -60.39
C VAL A 199 -16.26 18.66 -60.10
N LEU A 200 -15.58 17.95 -59.21
CA LEU A 200 -15.97 16.59 -58.86
C LEU A 200 -17.37 16.63 -58.30
N VAL A 201 -17.54 17.48 -57.29
CA VAL A 201 -18.83 17.65 -56.66
C VAL A 201 -19.87 17.99 -57.70
N GLU A 202 -19.57 18.99 -58.52
CA GLU A 202 -20.43 19.34 -59.64
C GLU A 202 -20.85 18.10 -60.45
N ASN A 203 -19.86 17.37 -60.98
CA ASN A 203 -20.15 16.27 -61.89
C ASN A 203 -20.94 15.18 -61.20
N HIS A 204 -20.65 14.90 -59.93
CA HIS A 204 -21.51 13.96 -59.22
C HIS A 204 -22.95 14.49 -59.15
N LEU A 205 -23.12 15.82 -59.03
CA LEU A 205 -24.47 16.37 -59.02
C LEU A 205 -25.16 16.11 -60.35
N ARG A 206 -24.52 16.45 -61.47
CA ARG A 206 -25.16 16.20 -62.77
C ARG A 206 -25.34 14.71 -63.07
N GLU A 207 -24.43 13.86 -62.61
CA GLU A 207 -24.60 12.45 -62.87
C GLU A 207 -25.70 11.87 -62.00
N LYS A 208 -26.07 12.59 -60.94
CA LYS A 208 -27.26 12.32 -60.15
C LYS A 208 -28.41 13.22 -60.54
N GLY A 209 -28.31 13.91 -61.67
CA GLY A 209 -29.48 14.57 -62.21
C GLY A 209 -29.90 15.88 -61.57
N VAL A 210 -29.07 16.49 -60.74
CA VAL A 210 -29.32 17.89 -60.38
C VAL A 210 -28.39 18.71 -61.26
N ASN A 211 -28.95 19.41 -62.23
CA ASN A 211 -28.15 20.18 -63.17
C ASN A 211 -27.69 21.49 -62.53
N VAL A 212 -26.54 21.97 -62.98
CA VAL A 212 -25.87 23.07 -62.31
C VAL A 212 -25.26 24.00 -63.34
N VAL A 213 -25.42 25.30 -63.11
CA VAL A 213 -24.91 26.33 -64.01
C VAL A 213 -24.03 27.24 -63.16
N THR A 214 -22.74 27.26 -63.46
CA THR A 214 -21.85 28.14 -62.70
C THR A 214 -21.62 29.42 -63.47
N SER A 215 -20.99 30.37 -62.78
CA SER A 215 -20.63 31.67 -63.35
C SER A 215 -21.83 32.26 -64.08
N THR A 216 -22.96 32.25 -63.38
CA THR A 216 -24.22 32.83 -63.83
C THR A 216 -24.85 33.62 -62.68
N ARG A 217 -25.40 34.80 -62.97
CA ARG A 217 -26.22 35.52 -61.99
C ARG A 217 -27.70 35.35 -62.28
N VAL A 218 -28.51 35.58 -61.26
CA VAL A 218 -29.96 35.58 -61.44
C VAL A 218 -30.38 37.04 -61.60
N GLU A 219 -31.27 37.31 -62.57
CA GLU A 219 -31.55 38.68 -62.99
C GLU A 219 -32.97 39.10 -62.71
N LYS A 220 -33.89 38.15 -62.84
CA LYS A 220 -35.31 38.31 -62.55
C LYS A 220 -35.96 36.96 -62.27
N ILE A 221 -37.07 37.03 -61.55
CA ILE A 221 -38.00 35.95 -61.33
C ILE A 221 -39.36 36.37 -61.87
N VAL A 222 -39.90 35.61 -62.79
CA VAL A 222 -41.21 35.86 -63.35
C VAL A 222 -42.20 35.08 -62.50
N SER A 223 -43.48 35.43 -62.58
CA SER A 223 -44.55 34.76 -61.86
C SER A 223 -45.94 35.00 -62.43
N GLN A 224 -46.94 34.52 -61.73
CA GLN A 224 -48.32 34.67 -62.16
C GLN A 224 -49.28 34.72 -60.98
N LYS A 227 -45.97 33.48 -59.75
CA LYS A 227 -45.71 32.12 -59.30
C LYS A 227 -44.53 31.42 -60.01
N VAL A 228 -43.41 32.12 -59.98
CA VAL A 228 -42.09 31.70 -60.46
C VAL A 228 -41.70 31.17 -61.87
N ARG A 229 -40.42 31.42 -62.17
CA ARG A 229 -39.66 31.07 -63.38
C ARG A 229 -38.41 32.00 -63.25
N ALA A 230 -37.18 31.55 -63.44
CA ALA A 230 -36.07 32.41 -63.15
C ALA A 230 -35.25 32.62 -64.35
N VAL A 231 -35.03 33.87 -64.69
CA VAL A 231 -34.23 34.18 -65.83
C VAL A 231 -32.82 34.22 -65.30
N ILE A 232 -31.90 33.58 -66.00
CA ILE A 232 -30.54 33.54 -65.54
C ILE A 232 -29.72 34.23 -66.58
N ALA A 233 -28.45 34.52 -66.26
CA ALA A 233 -27.51 35.17 -67.17
C ALA A 233 -27.65 34.53 -68.48
N ASN A 234 -27.35 35.24 -69.55
CA ASN A 234 -27.54 34.66 -70.85
C ASN A 234 -29.04 34.60 -70.96
N GLY A 235 -29.73 35.31 -70.09
CA GLY A 235 -31.14 35.30 -70.28
C GLY A 235 -31.68 33.93 -70.48
N LYS A 236 -30.98 32.94 -69.98
CA LYS A 236 -31.49 31.59 -70.14
C LYS A 236 -32.64 31.61 -69.21
N GLU A 237 -33.78 31.08 -69.62
CA GLU A 237 -34.89 31.03 -68.69
C GLU A 237 -35.10 29.59 -68.24
N TYR A 238 -35.10 29.40 -66.90
CA TYR A 238 -35.29 28.15 -66.17
C TYR A 238 -36.67 28.10 -65.59
N PRO A 239 -37.57 27.29 -66.07
CA PRO A 239 -38.89 27.25 -65.44
C PRO A 239 -38.81 26.88 -63.97
N ALA A 240 -39.73 27.34 -63.22
CA ALA A 240 -39.63 27.02 -61.83
C ALA A 240 -40.99 26.96 -61.10
N ASP A 241 -41.12 25.98 -60.24
CA ASP A 241 -42.29 25.98 -59.41
C ASP A 241 -41.96 26.16 -57.94
N VAL A 242 -40.70 25.96 -57.55
CA VAL A 242 -40.18 26.36 -56.26
C VAL A 242 -38.80 26.91 -56.52
N VAL A 243 -38.40 27.94 -55.77
CA VAL A 243 -37.02 28.40 -55.77
C VAL A 243 -36.58 28.55 -54.31
N VAL A 244 -35.40 28.04 -53.99
CA VAL A 244 -34.79 28.31 -52.69
C VAL A 244 -33.59 29.21 -52.93
N VAL A 245 -33.58 30.33 -52.22
CA VAL A 245 -32.47 31.26 -52.28
C VAL A 245 -31.52 30.86 -51.19
N ALA A 246 -30.28 30.53 -51.54
CA ALA A 246 -29.25 30.14 -50.59
C ALA A 246 -27.96 30.92 -50.85
N THR A 247 -28.09 32.24 -50.78
CA THR A 247 -27.07 33.17 -51.27
C THR A 247 -26.15 33.69 -50.17
N GLY A 248 -26.36 33.28 -48.94
CA GLY A 248 -25.65 33.85 -47.81
C GLY A 248 -26.62 34.47 -46.83
N ILE A 249 -26.05 35.01 -45.76
CA ILE A 249 -26.83 35.46 -44.62
C ILE A 249 -26.42 36.89 -44.26
N LYS A 250 -27.08 37.45 -43.23
CA LYS A 250 -26.76 38.75 -42.60
C LYS A 250 -26.93 38.50 -41.10
N PRO A 251 -25.97 38.92 -40.25
CA PRO A 251 -26.12 38.73 -38.81
C PRO A 251 -27.21 39.62 -38.25
N ASN A 252 -27.98 39.07 -37.30
CA ASN A 252 -29.10 39.81 -36.71
C ASN A 252 -28.61 40.68 -35.54
N SER A 253 -27.78 41.66 -35.92
CA SER A 253 -26.99 42.48 -35.02
C SER A 253 -27.53 43.91 -34.84
N GLU A 254 -28.75 44.20 -35.29
CA GLU A 254 -29.17 45.60 -35.43
C GLU A 254 -29.51 46.24 -34.08
N LEU A 255 -30.16 45.50 -33.19
CA LEU A 255 -30.41 46.00 -31.84
C LEU A 255 -29.12 46.34 -31.14
N ALA A 256 -28.05 45.63 -31.51
CA ALA A 256 -26.74 45.86 -30.92
C ALA A 256 -26.18 47.23 -31.29
N GLU A 257 -26.09 47.54 -32.59
CA GLU A 257 -25.52 48.86 -32.91
C GLU A 257 -26.48 49.95 -32.53
N LYS A 258 -27.79 49.66 -32.54
CA LYS A 258 -28.74 50.66 -32.07
C LYS A 258 -28.57 50.92 -30.57
N ALA A 259 -28.03 49.97 -29.81
CA ALA A 259 -27.71 50.19 -28.41
C ALA A 259 -26.33 50.82 -28.15
N GLY A 260 -25.59 51.18 -29.20
CA GLY A 260 -24.24 51.74 -29.08
C GLY A 260 -23.11 50.74 -28.92
N LEU A 261 -23.39 49.44 -28.91
CA LEU A 261 -22.33 48.43 -28.85
C LEU A 261 -21.57 48.40 -30.15
N LYS A 262 -20.45 47.72 -30.13
CA LYS A 262 -19.51 47.82 -31.23
C LYS A 262 -19.83 46.76 -32.28
N ILE A 263 -19.89 47.17 -33.54
CA ILE A 263 -20.13 46.26 -34.66
C ILE A 263 -18.83 46.08 -35.44
N GLY A 264 -18.45 44.84 -35.69
CA GLY A 264 -17.20 44.56 -36.35
C GLY A 264 -17.23 44.81 -37.85
N GLU A 265 -16.05 44.69 -38.46
CA GLU A 265 -15.92 45.00 -39.88
C GLU A 265 -16.78 44.12 -40.78
N THR A 266 -17.28 43.00 -40.29
CA THR A 266 -18.15 42.09 -41.04
C THR A 266 -19.63 42.45 -41.01
N GLY A 267 -20.05 43.34 -40.13
CA GLY A 267 -21.45 43.58 -39.90
C GLY A 267 -22.01 42.83 -38.71
N ALA A 268 -21.24 41.90 -38.14
CA ALA A 268 -21.68 41.13 -36.99
C ALA A 268 -21.22 41.82 -35.71
N ILE A 269 -21.90 41.49 -34.59
CA ILE A 269 -21.47 42.05 -33.31
C ILE A 269 -20.04 41.62 -33.03
N TRP A 270 -19.20 42.59 -32.67
CA TRP A 270 -17.83 42.29 -32.25
C TRP A 270 -17.81 41.69 -30.84
N VAL A 271 -16.98 40.65 -30.66
CA VAL A 271 -16.78 40.09 -29.34
C VAL A 271 -15.30 39.86 -29.13
N ASP A 272 -14.89 39.91 -27.87
CA ASP A 272 -13.52 39.56 -27.54
C ASP A 272 -13.44 38.05 -27.32
N GLU A 273 -12.25 37.56 -26.96
CA GLU A 273 -12.09 36.13 -26.73
C GLU A 273 -13.02 35.60 -25.62
N TYR A 274 -13.35 36.44 -24.63
CA TYR A 274 -14.25 36.01 -23.56
C TYR A 274 -15.70 35.95 -23.97
N MET A 275 -16.02 36.47 -25.17
CA MET A 275 -17.33 36.52 -25.84
C MET A 275 -18.13 37.71 -25.36
N ARG A 276 -17.44 38.64 -24.73
CA ARG A 276 -18.03 39.93 -24.41
C ARG A 276 -17.94 40.88 -25.59
N THR A 277 -18.76 41.93 -25.49
CA THR A 277 -18.97 43.11 -26.31
C THR A 277 -18.36 44.37 -25.68
N SER A 278 -18.74 45.54 -26.20
CA SER A 278 -18.33 46.78 -25.56
C SER A 278 -18.85 46.81 -24.14
N ASP A 279 -20.15 46.63 -23.93
CA ASP A 279 -20.66 46.56 -22.57
C ASP A 279 -20.34 45.18 -22.00
N GLU A 280 -19.65 45.16 -20.86
CA GLU A 280 -19.28 43.90 -20.22
C GLU A 280 -20.47 43.07 -19.74
N SER A 281 -21.60 43.74 -19.48
CA SER A 281 -22.78 43.07 -19.03
C SER A 281 -23.47 42.38 -20.18
N ILE A 282 -23.00 42.60 -21.40
CA ILE A 282 -23.65 42.12 -22.61
C ILE A 282 -22.68 41.20 -23.33
N TYR A 283 -22.97 39.89 -23.25
CA TYR A 283 -22.26 38.87 -24.00
C TYR A 283 -23.05 38.56 -25.27
N ALA A 284 -22.34 38.13 -26.28
CA ALA A 284 -22.99 37.89 -27.56
C ALA A 284 -22.28 36.73 -28.23
N GLY A 285 -23.08 35.84 -28.81
CA GLY A 285 -22.52 34.67 -29.44
C GLY A 285 -23.52 34.09 -30.41
N GLY A 286 -23.01 33.22 -31.28
CA GLY A 286 -23.87 32.61 -32.26
C GLY A 286 -23.68 33.25 -33.61
N ASP A 287 -24.70 33.19 -34.46
CA ASP A 287 -24.57 33.64 -35.85
C ASP A 287 -24.44 35.15 -36.00
N CYS A 288 -24.69 35.93 -34.94
CA CYS A 288 -24.60 37.38 -35.00
C CYS A 288 -23.21 37.94 -34.68
N VAL A 289 -22.21 37.10 -34.42
CA VAL A 289 -20.99 37.63 -33.84
C VAL A 289 -19.85 37.46 -34.81
N GLU A 290 -18.94 38.43 -34.77
CA GLU A 290 -17.68 38.33 -35.46
C GLU A 290 -16.76 37.34 -34.73
N THR A 291 -15.93 36.63 -35.51
CA THR A 291 -15.04 35.57 -35.04
C THR A 291 -13.68 35.76 -35.68
N THR A 292 -12.68 35.06 -35.17
CA THR A 292 -11.36 35.09 -35.75
C THR A 292 -11.12 33.81 -36.55
N CYS A 293 -10.59 33.96 -37.76
CA CYS A 293 -10.04 32.82 -38.52
C CYS A 293 -8.62 32.58 -38.00
N LEU A 294 -8.37 31.41 -37.44
CA LEU A 294 -7.12 31.31 -36.71
C LEU A 294 -5.88 31.18 -37.59
N VAL A 295 -5.98 30.78 -38.85
CA VAL A 295 -4.73 30.66 -39.57
C VAL A 295 -4.26 32.01 -40.11
N THR A 296 -5.17 32.93 -40.38
CA THR A 296 -4.77 34.21 -40.95
C THR A 296 -4.96 35.40 -40.01
N GLY A 297 -5.66 35.21 -38.89
CA GLY A 297 -6.04 36.30 -38.03
C GLY A 297 -7.18 37.13 -38.53
N LYS A 298 -7.73 36.81 -39.68
CA LYS A 298 -8.82 37.57 -40.25
C LYS A 298 -10.11 37.52 -39.47
N LYS A 299 -10.87 38.60 -39.51
CA LYS A 299 -12.17 38.67 -38.84
C LYS A 299 -13.23 38.21 -39.85
N ILE A 300 -14.11 37.29 -39.45
CA ILE A 300 -15.06 36.62 -40.34
C ILE A 300 -16.34 36.31 -39.57
N ILE A 301 -17.33 35.83 -40.29
CA ILE A 301 -18.57 35.39 -39.70
C ILE A 301 -18.63 33.89 -39.94
N ALA A 302 -18.66 33.12 -38.85
CA ALA A 302 -18.72 31.67 -39.00
C ALA A 302 -20.11 31.18 -38.59
N PRO A 303 -21.03 31.31 -39.42
CA PRO A 303 -22.42 31.06 -39.01
C PRO A 303 -22.70 29.57 -39.03
N PHE A 304 -22.12 28.86 -38.07
CA PHE A 304 -22.25 27.42 -38.03
C PHE A 304 -22.78 26.99 -36.67
N GLY A 305 -23.41 25.81 -36.66
CA GLY A 305 -24.01 25.32 -35.43
C GLY A 305 -22.98 24.90 -34.41
N ASP A 306 -21.90 24.26 -34.84
CA ASP A 306 -20.85 23.89 -33.88
C ASP A 306 -20.22 25.12 -33.22
N VAL A 307 -19.92 26.18 -34.00
CA VAL A 307 -19.34 27.32 -33.32
C VAL A 307 -20.37 27.96 -32.40
N ALA A 308 -21.64 27.87 -32.78
CA ALA A 308 -22.69 28.46 -31.97
C ALA A 308 -22.71 27.84 -30.58
N ASN A 309 -22.69 26.50 -30.50
CA ASN A 309 -22.73 25.85 -29.18
C ASN A 309 -21.43 26.04 -28.39
N LYS A 310 -20.27 26.02 -29.07
CA LYS A 310 -19.05 26.20 -28.30
C LYS A 310 -19.08 27.56 -27.60
N GLN A 311 -19.41 28.60 -28.38
CA GLN A 311 -19.54 29.94 -27.82
C GLN A 311 -20.59 29.96 -26.71
N GLY A 312 -21.77 29.42 -27.00
CA GLY A 312 -22.83 29.43 -26.01
C GLY A 312 -22.38 28.85 -24.70
N ARG A 313 -21.55 27.79 -24.75
CA ARG A 313 -21.05 27.22 -23.50
C ARG A 313 -20.08 28.15 -22.80
N VAL A 314 -19.20 28.80 -23.57
CA VAL A 314 -18.25 29.67 -22.88
C VAL A 314 -18.97 30.90 -22.31
N ILE A 315 -19.95 31.44 -23.06
CA ILE A 315 -20.79 32.55 -22.59
C ILE A 315 -21.43 32.20 -21.26
N GLY A 316 -22.11 31.04 -21.22
CA GLY A 316 -22.70 30.59 -19.97
C GLY A 316 -21.68 30.44 -18.87
N GLU A 317 -20.44 30.06 -19.22
CA GLU A 317 -19.41 29.86 -18.20
C GLU A 317 -18.93 31.17 -17.57
N ASN A 318 -18.91 32.26 -18.31
CA ASN A 318 -18.42 33.50 -17.71
C ASN A 318 -19.49 34.33 -17.04
N ILE A 319 -20.72 34.31 -17.56
CA ILE A 319 -21.81 34.90 -16.82
C ILE A 319 -21.78 34.37 -15.39
N THR A 320 -21.51 33.06 -15.24
CA THR A 320 -21.50 32.31 -13.99
C THR A 320 -20.11 32.26 -13.38
N GLY A 321 -19.39 33.37 -13.51
CA GLY A 321 -18.15 33.60 -12.82
C GLY A 321 -16.95 32.87 -13.37
N GLY A 322 -16.83 32.73 -14.67
CA GLY A 322 -15.72 31.94 -15.10
C GLY A 322 -14.82 32.69 -16.04
N ARG A 323 -13.95 31.91 -16.66
CA ARG A 323 -13.00 32.42 -17.63
C ARG A 323 -13.11 31.49 -18.86
N ALA A 324 -13.96 31.90 -19.77
CA ALA A 324 -14.15 31.15 -20.99
C ALA A 324 -13.37 31.79 -22.10
N VAL A 325 -12.84 30.96 -23.00
CA VAL A 325 -12.14 31.52 -24.13
C VAL A 325 -12.60 30.81 -25.37
N PHE A 326 -12.89 31.57 -26.41
CA PHE A 326 -13.20 31.07 -27.75
C PHE A 326 -12.28 31.83 -28.70
N PRO A 327 -11.12 31.28 -29.05
CA PRO A 327 -10.13 32.05 -29.82
C PRO A 327 -10.53 32.31 -31.28
N GLY A 328 -11.48 31.59 -31.80
CA GLY A 328 -11.76 31.72 -33.20
C GLY A 328 -12.06 30.35 -33.75
N VAL A 329 -11.98 30.23 -35.07
CA VAL A 329 -12.34 29.02 -35.78
C VAL A 329 -11.34 28.82 -36.91
N ILE A 330 -11.54 27.72 -37.66
CA ILE A 330 -10.68 27.33 -38.77
C ILE A 330 -11.49 27.11 -40.04
N ARG A 331 -12.79 27.40 -40.01
CA ARG A 331 -13.67 27.27 -41.17
C ARG A 331 -13.68 25.83 -41.70
N THR A 332 -13.77 24.88 -40.79
CA THR A 332 -13.89 23.46 -41.11
C THR A 332 -15.35 23.11 -41.30
N ALA A 333 -15.78 22.96 -42.53
CA ALA A 333 -17.17 22.66 -42.83
C ALA A 333 -17.23 21.39 -43.67
N ILE A 334 -18.38 20.74 -43.60
CA ILE A 334 -18.60 19.49 -44.32
C ILE A 334 -20.04 19.48 -44.80
N PHE A 335 -20.27 18.99 -46.01
CA PHE A 335 -21.64 18.70 -46.41
C PHE A 335 -21.67 17.44 -47.23
N LYS A 336 -22.86 16.87 -47.34
CA LYS A 336 -23.11 15.67 -48.08
C LYS A 336 -24.02 15.92 -49.25
N VAL A 337 -23.60 15.48 -50.42
CA VAL A 337 -24.41 15.62 -51.59
C VAL A 337 -24.45 14.25 -52.17
N PHE A 338 -25.61 13.62 -52.12
CA PHE A 338 -25.74 12.31 -52.69
C PHE A 338 -24.78 11.27 -52.16
N ASP A 339 -24.01 10.66 -53.03
CA ASP A 339 -23.05 9.64 -52.67
C ASP A 339 -21.70 10.22 -52.32
N PHE A 340 -21.57 11.52 -52.44
CA PHE A 340 -20.34 12.24 -52.20
C PHE A 340 -20.30 13.07 -50.96
N THR A 341 -19.11 13.25 -50.42
CA THR A 341 -18.93 14.08 -49.23
C THR A 341 -17.89 15.10 -49.65
N ALA A 342 -18.12 16.37 -49.29
CA ALA A 342 -17.17 17.45 -49.53
C ALA A 342 -16.87 18.16 -48.21
N ALA A 343 -15.58 18.46 -47.96
CA ALA A 343 -15.18 19.07 -46.69
C ALA A 343 -13.94 19.92 -46.87
N SER A 344 -13.82 20.92 -46.02
CA SER A 344 -12.71 21.87 -46.02
C SER A 344 -12.38 22.25 -44.59
N ALA A 345 -11.11 22.55 -44.37
CA ALA A 345 -10.66 23.09 -43.09
C ALA A 345 -9.53 24.05 -43.37
N GLY A 346 -9.47 25.12 -42.59
CA GLY A 346 -8.33 25.97 -42.80
C GLY A 346 -8.49 26.82 -44.03
N VAL A 347 -7.38 27.32 -44.48
CA VAL A 347 -7.43 28.28 -45.56
C VAL A 347 -7.60 27.58 -46.90
N ASN A 348 -8.23 28.31 -47.80
CA ASN A 348 -8.42 27.92 -49.18
C ASN A 348 -7.54 28.78 -50.08
N GLU A 349 -7.32 28.34 -51.33
CA GLU A 349 -6.44 29.07 -52.25
C GLU A 349 -6.77 30.56 -52.35
N GLN A 350 -8.05 30.89 -52.60
CA GLN A 350 -8.39 32.29 -52.78
C GLN A 350 -8.14 33.08 -51.51
N MET A 351 -8.61 32.56 -50.38
CA MET A 351 -8.41 33.25 -49.13
C MET A 351 -6.95 33.27 -48.69
N ALA A 352 -6.15 32.34 -49.19
CA ALA A 352 -4.71 32.36 -48.88
C ALA A 352 -4.02 33.49 -49.62
N LYS A 353 -4.28 33.63 -50.93
CA LYS A 353 -3.67 34.75 -51.64
C LYS A 353 -4.20 36.08 -51.13
N GLU A 354 -5.50 36.16 -50.79
CA GLU A 354 -5.99 37.43 -50.26
C GLU A 354 -5.44 37.68 -48.87
N ALA A 355 -5.01 36.64 -48.16
CA ALA A 355 -4.25 36.80 -46.92
C ALA A 355 -2.77 37.02 -47.17
N GLY A 356 -2.35 36.96 -48.43
CA GLY A 356 -0.98 37.28 -48.76
C GLY A 356 0.06 36.26 -48.37
N LEU A 357 -0.34 35.03 -48.07
CA LEU A 357 0.63 34.01 -47.70
C LEU A 357 1.19 33.31 -48.95
N ASP A 358 2.47 32.94 -48.90
CA ASP A 358 3.08 32.26 -50.03
C ASP A 358 3.17 30.80 -49.65
N TYR A 359 2.58 29.95 -50.48
CA TYR A 359 2.22 28.59 -50.18
C TYR A 359 2.40 27.74 -51.42
N PHE A 360 2.33 26.45 -51.22
CA PHE A 360 2.26 25.51 -52.32
C PHE A 360 1.16 24.48 -52.05
N THR A 361 0.80 23.82 -53.12
CA THR A 361 -0.36 22.95 -53.15
C THR A 361 0.01 21.54 -53.57
N VAL A 362 -0.72 20.55 -53.06
CA VAL A 362 -0.55 19.20 -53.58
C VAL A 362 -1.86 18.44 -53.48
N ILE A 363 -2.07 17.51 -54.41
CA ILE A 363 -3.30 16.71 -54.47
C ILE A 363 -2.95 15.23 -54.61
N ALA A 364 -3.50 14.38 -53.73
CA ALA A 364 -3.19 12.95 -53.81
C ALA A 364 -4.32 12.07 -53.27
N PRO A 365 -5.19 11.59 -54.15
CA PRO A 365 -6.20 10.60 -53.74
C PRO A 365 -5.61 9.22 -53.40
N SER A 366 -6.33 8.51 -52.52
CA SER A 366 -5.84 7.28 -51.89
C SER A 366 -7.03 6.50 -51.37
N PRO A 367 -6.86 5.19 -51.11
CA PRO A 367 -8.01 4.36 -50.73
C PRO A 367 -8.56 4.57 -49.31
N ASP A 368 -9.89 4.51 -49.23
CA ASP A 368 -10.68 4.56 -48.02
C ASP A 368 -10.21 3.56 -46.99
N ARG A 369 -9.96 2.33 -47.45
CA ARG A 369 -9.48 1.23 -46.62
C ARG A 369 -8.46 0.45 -47.43
N ALA A 370 -7.93 -0.62 -46.85
CA ALA A 370 -7.03 -1.47 -47.61
C ALA A 370 -7.71 -1.90 -48.92
N HIS A 371 -6.97 -1.73 -50.04
CA HIS A 371 -7.55 -1.86 -51.36
C HIS A 371 -8.28 -3.19 -51.56
N TYR A 372 -7.79 -4.27 -50.92
CA TYR A 372 -8.40 -5.60 -50.97
C TYR A 372 -9.65 -5.73 -50.10
N TYR A 373 -9.85 -4.80 -49.11
CA TYR A 373 -11.04 -4.88 -48.27
C TYR A 373 -12.26 -4.40 -49.04
N PRO A 374 -13.42 -4.97 -48.79
CA PRO A 374 -14.65 -4.57 -49.51
C PRO A 374 -15.09 -3.14 -49.20
N GLN A 375 -15.69 -2.49 -50.18
CA GLN A 375 -16.20 -1.10 -50.15
C GLN A 375 -15.12 -0.05 -49.96
N ALA A 376 -13.90 -0.35 -50.37
CA ALA A 376 -12.89 0.68 -50.42
C ALA A 376 -13.30 1.72 -51.45
N ASN A 377 -13.28 2.99 -51.10
CA ASN A 377 -13.38 4.02 -52.13
C ASN A 377 -12.09 4.81 -52.19
N TYR A 378 -11.97 5.64 -53.20
CA TYR A 378 -10.83 6.52 -53.37
C TYR A 378 -11.28 7.94 -53.03
N ILE A 379 -10.79 8.47 -51.91
CA ILE A 379 -11.10 9.85 -51.58
C ILE A 379 -10.05 10.71 -52.26
N ARG A 380 -10.39 11.96 -52.56
CA ARG A 380 -9.43 12.90 -53.11
C ARG A 380 -9.14 13.95 -52.06
N LEU A 381 -7.88 14.08 -51.68
CA LEU A 381 -7.45 15.10 -50.73
C LEU A 381 -6.60 16.14 -51.43
N LYS A 382 -6.89 17.37 -51.11
CA LYS A 382 -6.01 18.45 -51.47
C LYS A 382 -5.49 19.10 -50.22
N LEU A 383 -4.18 19.40 -50.24
CA LEU A 383 -3.44 19.98 -49.13
C LEU A 383 -2.76 21.29 -49.53
N ILE A 384 -2.98 22.34 -48.73
CA ILE A 384 -2.37 23.64 -48.94
C ILE A 384 -1.38 23.86 -47.80
N VAL A 385 -0.10 23.83 -48.13
CA VAL A 385 0.96 24.02 -47.13
C VAL A 385 1.72 25.32 -47.29
N GLU A 386 1.85 26.07 -46.18
CA GLU A 386 2.53 27.36 -46.17
C GLU A 386 4.04 27.24 -46.39
N LYS A 387 4.60 28.22 -47.11
CA LYS A 387 6.03 28.28 -47.41
C LYS A 387 6.89 28.63 -46.20
N GLY A 388 8.14 28.16 -46.23
CA GLY A 388 9.10 28.43 -45.16
C GLY A 388 8.83 27.65 -43.90
N SER A 389 7.65 27.87 -43.33
CA SER A 389 7.21 27.21 -42.10
C SER A 389 7.08 25.70 -42.25
N TRP A 390 6.38 25.47 -43.35
CA TRP A 390 5.90 24.23 -43.88
C TRP A 390 4.65 23.76 -43.20
N ARG A 391 3.98 24.69 -42.56
CA ARG A 391 2.74 24.44 -41.86
C ARG A 391 1.60 24.08 -42.76
N VAL A 392 0.67 23.25 -42.29
CA VAL A 392 -0.46 22.88 -43.10
C VAL A 392 -1.48 23.91 -42.72
N ILE A 393 -1.93 24.69 -43.68
CA ILE A 393 -2.88 25.76 -43.40
C ILE A 393 -4.23 25.54 -44.05
N GLY A 394 -4.38 24.51 -44.87
CA GLY A 394 -5.70 24.20 -45.35
C GLY A 394 -5.76 22.84 -46.01
N ALA A 395 -6.90 22.17 -45.89
CA ALA A 395 -7.10 20.93 -46.63
C ALA A 395 -8.54 20.80 -47.09
N GLN A 396 -8.72 20.19 -48.24
CA GLN A 396 -10.03 19.91 -48.78
C GLN A 396 -10.04 18.46 -49.19
N GLY A 397 -11.18 17.83 -49.01
CA GLY A 397 -11.38 16.49 -49.50
C GLY A 397 -12.77 16.28 -50.03
N VAL A 398 -12.88 15.56 -51.14
CA VAL A 398 -14.17 15.22 -51.75
C VAL A 398 -14.12 13.77 -52.19
N GLY A 399 -15.29 13.14 -52.30
CA GLY A 399 -15.34 11.78 -52.79
C GLY A 399 -16.47 10.90 -52.30
N MET A 400 -16.39 9.64 -52.64
CA MET A 400 -17.36 8.72 -52.19
C MET A 400 -16.54 7.96 -51.20
N GLY A 401 -17.00 7.81 -49.97
CA GLY A 401 -16.22 7.07 -49.01
C GLY A 401 -16.05 7.91 -47.80
N GLU A 402 -15.21 7.50 -46.88
CA GLU A 402 -15.04 8.29 -45.68
C GLU A 402 -14.03 9.36 -45.89
N VAL A 403 -14.48 10.57 -46.13
CA VAL A 403 -13.55 11.67 -46.26
C VAL A 403 -13.55 12.41 -44.93
N ALA A 404 -14.72 12.44 -44.27
CA ALA A 404 -14.88 13.25 -43.07
C ALA A 404 -13.81 12.92 -42.03
N LYS A 405 -13.47 11.64 -41.88
CA LYS A 405 -12.43 11.33 -40.93
C LYS A 405 -11.15 12.12 -41.24
N ARG A 406 -10.68 12.07 -42.50
CA ARG A 406 -9.41 12.71 -42.80
C ARG A 406 -9.47 14.22 -42.65
N ILE A 407 -10.62 14.84 -42.90
CA ILE A 407 -10.69 16.27 -42.65
C ILE A 407 -10.78 16.59 -41.15
N ASP A 408 -11.36 15.71 -40.32
CA ASP A 408 -11.33 15.99 -38.88
C ASP A 408 -9.90 15.90 -38.35
N VAL A 409 -9.12 14.90 -38.80
CA VAL A 409 -7.74 14.78 -38.35
C VAL A 409 -6.90 15.96 -38.87
N LEU A 410 -7.02 16.26 -40.17
CA LEU A 410 -6.24 17.37 -40.74
C LEU A 410 -6.65 18.71 -40.15
N SER A 411 -7.93 18.88 -39.83
CA SER A 411 -8.35 20.12 -39.19
C SER A 411 -7.65 20.24 -37.83
N THR A 412 -7.57 19.13 -37.10
CA THR A 412 -6.83 19.14 -35.84
C THR A 412 -5.36 19.52 -36.04
N ALA A 413 -4.71 18.94 -37.05
CA ALA A 413 -3.32 19.26 -37.30
C ALA A 413 -3.15 20.75 -37.60
N ILE A 414 -4.05 21.31 -38.43
CA ILE A 414 -3.97 22.72 -38.81
C ILE A 414 -4.12 23.60 -37.58
N GLN A 415 -5.05 23.28 -36.69
CA GLN A 415 -5.20 24.12 -35.52
C GLN A 415 -4.03 24.00 -34.53
N ALA A 416 -3.29 22.89 -34.59
CA ALA A 416 -2.08 22.64 -33.81
C ALA A 416 -0.83 23.13 -34.49
N GLY A 417 -0.94 23.67 -35.69
CA GLY A 417 0.22 24.18 -36.39
C GLY A 417 1.20 23.14 -36.89
N MET A 418 0.73 21.94 -37.16
CA MET A 418 1.64 20.91 -37.62
C MET A 418 2.20 21.19 -39.01
N THR A 419 3.45 20.82 -39.19
CA THR A 419 4.08 20.84 -40.50
C THR A 419 3.93 19.47 -41.14
N ILE A 420 3.98 19.44 -42.47
CA ILE A 420 3.91 18.18 -43.22
C ILE A 420 4.97 17.19 -42.75
N ASP A 421 6.05 17.70 -42.18
CA ASP A 421 7.11 16.82 -41.71
C ASP A 421 6.70 16.11 -40.44
N GLN A 422 6.00 16.80 -39.55
CA GLN A 422 5.43 16.11 -38.39
C GLN A 422 4.11 15.43 -38.73
N LEU A 423 3.39 15.90 -39.74
CA LEU A 423 2.20 15.20 -40.20
C LEU A 423 2.53 13.78 -40.68
N ALA A 424 3.66 13.61 -41.37
CA ALA A 424 3.96 12.31 -41.97
C ALA A 424 4.10 11.20 -40.94
N ASN A 425 4.45 11.53 -39.68
CA ASN A 425 4.74 10.55 -38.65
C ASN A 425 3.55 10.29 -37.73
N LEU A 426 2.41 10.88 -38.04
CA LEU A 426 1.31 10.93 -37.11
C LEU A 426 0.80 9.51 -36.86
N ASP A 427 0.69 9.12 -35.60
CA ASP A 427 0.24 7.77 -35.32
C ASP A 427 -1.29 7.78 -35.36
N LEU A 428 -1.87 7.10 -36.37
CA LEU A 428 -3.31 6.98 -36.54
C LEU A 428 -3.75 5.54 -36.37
N ALA A 429 -5.07 5.35 -36.39
CA ALA A 429 -5.70 4.04 -36.11
C ALA A 429 -5.91 3.27 -37.41
N TYR A 430 -5.04 2.31 -37.65
CA TYR A 430 -5.04 1.57 -38.89
C TYR A 430 -5.37 0.09 -38.71
N ALA A 431 -6.32 -0.38 -39.51
CA ALA A 431 -6.60 -1.80 -39.71
C ALA A 431 -7.34 -1.92 -41.03
N PRO A 432 -7.20 -3.02 -41.74
CA PRO A 432 -7.67 -3.09 -43.12
C PRO A 432 -9.07 -2.54 -43.34
N PRO A 433 -10.04 -2.74 -42.43
CA PRO A 433 -11.37 -2.17 -42.70
C PRO A 433 -11.50 -0.67 -42.42
N TYR A 434 -10.48 0.00 -41.92
CA TYR A 434 -10.56 1.40 -41.52
C TYR A 434 -9.60 2.32 -42.27
N SER A 435 -8.48 1.81 -42.73
CA SER A 435 -7.57 2.64 -43.44
C SER A 435 -6.62 1.73 -44.10
N PRO A 436 -5.83 2.27 -45.10
CA PRO A 436 -4.84 1.34 -45.64
C PRO A 436 -3.65 1.40 -44.68
N ALA A 437 -2.49 0.87 -45.03
CA ALA A 437 -1.38 0.93 -44.10
C ALA A 437 -0.99 2.35 -43.76
N LEU A 438 -0.91 3.21 -44.75
CA LEU A 438 -0.59 4.60 -44.53
C LEU A 438 -1.85 5.27 -44.88
N ASP A 439 -2.37 6.03 -43.95
CA ASP A 439 -3.62 6.68 -44.17
C ASP A 439 -3.52 7.72 -45.20
N PRO A 440 -4.61 7.99 -45.87
CA PRO A 440 -4.56 9.04 -46.90
C PRO A 440 -3.93 10.34 -46.42
N VAL A 441 -4.15 10.72 -45.15
CA VAL A 441 -3.52 11.91 -44.57
C VAL A 441 -2.01 11.77 -44.59
N ILE A 442 -1.51 10.63 -44.15
CA ILE A 442 -0.08 10.43 -44.12
C ILE A 442 0.48 10.45 -45.54
N THR A 443 -0.26 9.88 -46.49
CA THR A 443 0.24 9.84 -47.86
C THR A 443 0.33 11.24 -48.47
N ILE A 444 -0.73 12.05 -48.33
CA ILE A 444 -0.64 13.39 -48.89
C ILE A 444 0.49 14.16 -48.22
N ALA A 445 0.73 13.90 -46.93
CA ALA A 445 1.88 14.52 -46.26
C ALA A 445 3.15 14.20 -47.00
N ASN A 446 3.34 12.91 -47.35
CA ASN A 446 4.56 12.51 -48.03
C ASN A 446 4.64 13.09 -49.43
N VAL A 447 3.50 13.15 -50.14
CA VAL A 447 3.52 13.72 -51.48
C VAL A 447 3.89 15.20 -51.41
N ALA A 448 3.40 15.90 -50.38
CA ALA A 448 3.80 17.29 -50.17
C ALA A 448 5.30 17.40 -49.91
N MET A 449 5.84 16.59 -48.98
CA MET A 449 7.28 16.67 -48.78
C MET A 449 8.03 16.25 -50.03
N ASN A 450 7.37 15.57 -50.97
CA ASN A 450 8.03 15.28 -52.24
C ASN A 450 8.01 16.49 -53.16
N LYS A 451 6.98 17.33 -53.09
CA LYS A 451 7.04 18.61 -53.81
C LYS A 451 8.08 19.53 -53.22
N ARG A 452 7.99 19.76 -51.91
CA ARG A 452 8.93 20.67 -51.27
C ARG A 452 10.38 20.22 -51.51
N ASP A 453 10.65 18.92 -51.38
CA ASP A 453 11.99 18.43 -51.70
C ASP A 453 12.31 18.48 -53.21
N GLY A 454 11.37 18.88 -54.07
CA GLY A 454 11.66 18.98 -55.49
C GLY A 454 11.74 17.67 -56.23
N LEU A 455 11.35 16.54 -55.61
CA LEU A 455 11.52 15.23 -56.26
C LEU A 455 10.58 15.05 -57.42
N PHE A 456 9.51 15.83 -57.48
CA PHE A 456 8.67 15.79 -58.67
C PHE A 456 8.17 17.20 -58.94
N GLU A 457 8.01 17.51 -60.21
CA GLU A 457 7.34 18.73 -60.62
C GLU A 457 5.97 18.35 -61.15
N GLY A 458 5.01 18.74 -60.33
CA GLY A 458 3.63 18.38 -60.48
C GLY A 458 2.85 19.62 -60.87
N ILE A 459 1.91 19.42 -61.80
CA ILE A 459 0.98 20.46 -62.26
C ILE A 459 -0.42 19.89 -62.29
N ASN A 460 -1.42 20.75 -62.16
CA ASN A 460 -2.82 20.30 -62.12
C ASN A 460 -3.61 20.08 -63.39
N VAL A 461 -4.90 19.80 -63.21
CA VAL A 461 -5.80 19.54 -64.33
C VAL A 461 -6.06 20.83 -65.11
N PHE A 462 -5.03 21.32 -65.80
CA PHE A 462 -5.16 22.54 -66.59
C PHE A 462 -4.00 22.67 -67.57
N GLU A 463 -4.13 22.02 -68.72
CA GLU A 463 -3.10 22.07 -69.75
C GLU A 463 -3.24 23.32 -70.62
N LYS A 470 -2.06 23.59 -74.52
CA LYS A 470 -1.86 23.98 -75.91
C LYS A 470 -0.40 24.27 -76.20
N GLU A 471 0.46 23.33 -75.84
CA GLU A 471 1.89 23.43 -76.03
C GLU A 471 2.40 22.08 -76.49
N ASP A 472 3.53 22.03 -77.18
CA ASP A 472 4.04 20.75 -77.66
C ASP A 472 4.36 19.88 -76.49
N ILE A 473 3.83 18.68 -76.45
CA ILE A 473 4.10 17.83 -75.31
C ILE A 473 3.55 16.45 -75.52
N VAL A 474 4.16 15.50 -74.85
CA VAL A 474 3.75 14.13 -74.95
C VAL A 474 3.17 13.73 -73.60
N ILE A 475 1.95 13.19 -73.63
CA ILE A 475 1.28 12.71 -72.44
C ILE A 475 1.62 11.24 -72.28
N LEU A 476 2.45 10.93 -71.27
CA LEU A 476 2.88 9.56 -70.98
C LEU A 476 1.80 8.92 -70.14
N ASP A 477 1.21 7.84 -70.64
CA ASP A 477 0.03 7.27 -70.02
C ASP A 477 0.39 5.96 -69.31
N VAL A 478 0.49 5.87 -68.00
CA VAL A 478 0.81 4.53 -67.54
C VAL A 478 -0.44 3.91 -67.01
N ARG A 479 -0.92 2.88 -67.67
CA ARG A 479 -2.13 2.21 -67.25
C ARG A 479 -2.25 0.87 -67.94
N SER A 480 -3.21 0.06 -67.50
CA SER A 480 -3.40 -1.23 -68.11
C SER A 480 -4.58 -1.31 -69.08
N GLU A 481 -5.73 -0.83 -68.67
CA GLU A 481 -6.93 -0.87 -69.51
C GLU A 481 -7.38 0.53 -69.84
N GLU A 482 -7.57 0.82 -71.13
CA GLU A 482 -7.95 2.14 -71.50
C GLU A 482 -9.44 2.15 -71.85
N GLU A 483 -10.23 2.58 -70.90
CA GLU A 483 -11.64 2.66 -71.10
C GLU A 483 -12.10 4.01 -70.56
N ARG A 488 -10.32 6.71 -71.17
CA ARG A 488 -9.16 7.57 -70.96
C ARG A 488 -9.09 8.73 -71.95
N ILE A 489 -8.13 9.61 -71.75
CA ILE A 489 -7.93 10.84 -72.52
C ILE A 489 -8.20 10.82 -74.01
N GLU A 490 -8.38 9.64 -74.56
CA GLU A 490 -8.63 9.52 -75.99
C GLU A 490 -7.35 9.80 -76.67
N SER A 491 -7.04 11.06 -76.97
CA SER A 491 -5.75 11.30 -77.60
C SER A 491 -5.33 12.72 -77.90
N GLU A 492 -4.29 12.78 -78.72
CA GLU A 492 -3.64 13.96 -79.22
C GLU A 492 -2.38 14.07 -78.45
N LYS A 493 -1.33 13.39 -78.92
CA LYS A 493 -0.05 13.46 -78.26
C LYS A 493 -0.04 12.62 -77.02
N VAL A 494 -0.62 11.43 -77.12
CA VAL A 494 -0.68 10.51 -76.02
C VAL A 494 0.08 9.29 -76.38
N ILE A 495 0.98 8.83 -75.52
CA ILE A 495 1.71 7.62 -75.81
C ILE A 495 1.40 6.70 -74.68
N HIS A 496 1.04 5.48 -74.99
CA HIS A 496 0.69 4.54 -73.95
C HIS A 496 1.79 3.50 -73.75
N ILE A 497 2.30 3.41 -72.52
CA ILE A 497 3.30 2.43 -72.08
C ILE A 497 2.95 2.06 -70.63
N PRO A 498 2.43 0.87 -70.38
CA PRO A 498 2.10 0.52 -68.99
C PRO A 498 3.36 0.53 -68.16
N ILE A 499 3.20 0.86 -66.86
CA ILE A 499 4.38 1.20 -66.04
C ILE A 499 5.31 0.01 -65.92
N LEU A 500 4.76 -1.22 -65.84
CA LEU A 500 5.63 -2.37 -65.64
C LEU A 500 6.44 -2.74 -66.86
N GLU A 501 6.20 -2.11 -67.99
CA GLU A 501 7.05 -2.25 -69.16
C GLU A 501 7.86 -1.02 -69.42
N LEU A 502 7.61 0.06 -68.68
CA LEU A 502 8.18 1.33 -69.05
C LEU A 502 9.69 1.30 -68.89
N ARG A 503 10.21 0.52 -67.92
CA ARG A 503 11.64 0.57 -67.56
C ARG A 503 12.57 0.38 -68.76
N GLU A 504 12.09 -0.49 -69.64
CA GLU A 504 12.71 -0.90 -70.87
C GLU A 504 12.27 -0.15 -72.13
N ARG A 505 10.97 0.00 -72.35
CA ARG A 505 10.49 0.70 -73.53
C ARG A 505 10.71 2.17 -73.40
N LEU A 506 11.83 2.69 -73.80
CA LEU A 506 12.00 4.11 -73.60
C LEU A 506 12.32 4.86 -74.85
N ASP A 507 13.02 4.20 -75.77
CA ASP A 507 13.27 4.85 -77.03
C ASP A 507 11.94 4.58 -77.67
N GLU A 508 11.03 5.45 -77.30
CA GLU A 508 9.67 5.51 -77.75
C GLU A 508 9.29 6.90 -77.28
N ILE A 509 9.60 7.21 -76.04
CA ILE A 509 9.31 8.52 -75.51
C ILE A 509 10.43 9.37 -76.00
N PRO A 510 10.10 10.26 -76.91
CA PRO A 510 11.05 11.16 -77.55
C PRO A 510 11.75 12.03 -76.55
N ARG A 511 13.04 11.82 -76.37
CA ARG A 511 13.79 12.62 -75.43
C ARG A 511 13.93 14.04 -75.96
N ASP A 512 12.84 14.62 -76.45
CA ASP A 512 12.90 15.97 -76.99
C ASP A 512 11.92 16.89 -76.35
N LYS A 513 10.68 16.46 -76.23
CA LYS A 513 9.66 17.33 -75.70
C LYS A 513 9.35 17.21 -74.23
N GLU A 514 8.69 18.23 -73.69
CA GLU A 514 8.25 18.21 -72.31
C GLU A 514 7.21 17.11 -72.13
N ILE A 515 7.43 16.27 -71.15
CA ILE A 515 6.61 15.09 -70.96
C ILE A 515 5.68 15.35 -69.79
N VAL A 516 4.43 14.90 -69.89
CA VAL A 516 3.49 15.04 -68.78
C VAL A 516 3.00 13.63 -68.46
N VAL A 517 3.51 13.05 -67.38
CA VAL A 517 3.08 11.71 -66.99
C VAL A 517 1.73 11.78 -66.32
N VAL A 518 0.79 10.98 -66.81
CA VAL A 518 -0.57 10.92 -66.30
C VAL A 518 -0.93 9.47 -66.00
N CYS A 519 -1.36 9.20 -64.76
CA CYS A 519 -1.82 7.85 -64.44
C CYS A 519 -3.20 7.94 -63.82
N ALA A 520 -3.68 6.82 -63.28
CA ALA A 520 -5.06 6.71 -62.78
C ALA A 520 -5.32 7.62 -61.58
N ILE A 521 -4.43 7.61 -60.59
CA ILE A 521 -4.66 8.37 -59.37
C ILE A 521 -3.50 9.35 -59.08
N GLY A 522 -2.36 9.15 -59.71
CA GLY A 522 -1.21 10.03 -59.47
C GLY A 522 -0.03 9.33 -58.84
N LEU A 523 -0.22 8.09 -58.38
CA LEU A 523 0.84 7.36 -57.69
C LEU A 523 1.86 6.70 -58.62
N ARG A 524 1.38 5.88 -59.55
CA ARG A 524 2.34 5.25 -60.43
C ARG A 524 2.99 6.25 -61.33
N SER A 525 2.36 7.42 -61.51
CA SER A 525 2.99 8.51 -62.24
C SER A 525 4.24 8.96 -61.53
N PHE A 526 4.14 9.16 -60.22
CA PHE A 526 5.34 9.53 -59.47
C PHE A 526 6.42 8.48 -59.69
N GLU A 527 6.09 7.17 -59.65
CA GLU A 527 7.24 6.28 -59.87
C GLU A 527 7.69 6.25 -61.34
N ALA A 528 6.83 6.63 -62.28
CA ALA A 528 7.26 6.80 -63.67
C ALA A 528 8.16 8.02 -63.82
N SER A 529 7.70 9.16 -63.32
CA SER A 529 8.45 10.41 -63.38
C SER A 529 9.85 10.24 -62.80
N ARG A 530 9.97 9.51 -61.67
CA ARG A 530 11.30 9.28 -61.12
C ARG A 530 12.08 8.30 -62.00
N ILE A 531 11.41 7.32 -62.61
CA ILE A 531 12.15 6.44 -63.52
C ILE A 531 12.84 7.23 -64.62
N LEU A 532 12.09 8.14 -65.25
CA LEU A 532 12.65 8.98 -66.31
C LEU A 532 13.69 9.93 -65.80
N LYS A 533 13.51 10.45 -64.57
CA LYS A 533 14.54 11.25 -63.93
C LYS A 533 15.87 10.51 -63.96
N HIS A 534 15.82 9.21 -63.65
CA HIS A 534 17.00 8.38 -63.73
C HIS A 534 17.45 8.36 -65.19
N ALA A 535 16.51 8.29 -66.14
CA ALA A 535 16.89 8.31 -67.56
C ALA A 535 17.34 9.69 -68.06
N GLY A 536 17.29 10.72 -67.20
CA GLY A 536 17.73 12.06 -67.56
C GLY A 536 16.77 12.84 -68.46
N PHE A 537 15.49 12.53 -68.46
CA PHE A 537 14.57 13.24 -69.33
C PHE A 537 14.42 14.72 -69.07
N GLU A 538 14.84 15.16 -67.90
CA GLU A 538 14.74 16.57 -67.54
C GLU A 538 13.35 17.15 -67.55
N LYS A 539 12.87 17.48 -68.74
CA LYS A 539 11.57 18.12 -68.87
C LYS A 539 10.40 17.17 -68.73
N VAL A 540 10.32 16.57 -67.57
CA VAL A 540 9.29 15.65 -67.21
C VAL A 540 8.53 16.29 -66.08
N LYS A 541 7.22 16.31 -66.20
CA LYS A 541 6.41 16.88 -65.18
C LYS A 541 5.37 15.86 -64.96
N ILE A 542 4.54 16.12 -64.00
CA ILE A 542 3.46 15.18 -63.66
C ILE A 542 2.11 15.85 -63.41
N LEU A 543 1.03 15.13 -63.77
CA LEU A 543 -0.34 15.54 -63.45
C LEU A 543 -0.70 15.04 -62.06
N GLU A 544 -0.61 15.93 -61.07
CA GLU A 544 -0.96 15.58 -59.70
C GLU A 544 -2.49 15.54 -59.59
N GLY A 545 -3.00 14.43 -59.05
CA GLY A 545 -4.43 14.15 -59.01
C GLY A 545 -4.82 12.93 -59.85
N GLY A 546 -4.04 12.64 -60.88
CA GLY A 546 -4.38 11.47 -61.68
C GLY A 546 -5.56 11.66 -62.61
N MET A 547 -5.93 10.55 -63.24
CA MET A 547 -7.08 10.53 -64.16
C MET A 547 -8.36 11.01 -63.51
N ALA A 548 -8.46 10.95 -62.18
CA ALA A 548 -9.70 11.30 -61.52
C ALA A 548 -10.18 12.72 -61.85
N PHE A 549 -9.26 13.63 -62.13
CA PHE A 549 -9.64 15.04 -62.29
C PHE A 549 -9.86 15.43 -63.76
N TRP A 550 -10.67 14.65 -64.46
CA TRP A 550 -10.68 14.71 -65.91
C TRP A 550 -12.09 14.55 -66.48
N PHE A 551 -12.30 15.18 -67.66
CA PHE A 551 -13.59 15.21 -68.37
C PHE A 551 -13.48 14.87 -69.85
N MET B 1 -9.48 2.03 3.18
CA MET B 1 -10.42 2.42 4.25
C MET B 1 -9.95 3.67 4.97
N ASN B 2 -10.86 4.33 5.68
CA ASN B 2 -10.52 5.52 6.46
C ASN B 2 -10.59 5.21 7.95
N VAL B 3 -9.48 5.46 8.66
CA VAL B 3 -9.41 5.25 10.11
C VAL B 3 -9.14 6.59 10.76
N VAL B 4 -10.02 6.99 11.67
CA VAL B 4 -9.82 8.19 12.44
C VAL B 4 -9.64 7.74 13.87
N VAL B 5 -8.72 8.37 14.57
CA VAL B 5 -8.41 8.10 15.95
C VAL B 5 -8.45 9.38 16.67
N ILE B 6 -9.20 9.50 17.73
CA ILE B 6 -9.22 10.73 18.44
C ILE B 6 -8.34 10.57 19.64
N GLY B 7 -7.39 11.45 19.79
CA GLY B 7 -6.47 11.45 20.88
C GLY B 7 -5.28 10.85 20.29
N GLY B 8 -4.12 11.39 20.61
CA GLY B 8 -2.92 10.87 20.06
C GLY B 8 -1.86 10.66 21.08
N GLY B 9 -2.22 9.77 22.00
CA GLY B 9 -1.41 9.32 23.12
C GLY B 9 -0.93 7.92 22.90
N ALA B 10 -0.66 7.20 23.97
CA ALA B 10 -0.17 5.85 23.83
C ALA B 10 -1.13 4.89 23.18
N ALA B 11 -2.35 4.85 23.67
CA ALA B 11 -3.32 3.96 23.11
C ALA B 11 -3.59 4.35 21.72
N GLY B 12 -3.76 5.63 21.52
CA GLY B 12 -4.09 6.12 20.21
C GLY B 12 -3.08 5.82 19.18
N LEU B 13 -1.81 5.94 19.52
CA LEU B 13 -0.79 5.66 18.52
C LEU B 13 -0.42 4.21 18.41
N LYS B 14 -0.66 3.43 19.42
CA LYS B 14 -0.38 2.04 19.31
C LYS B 14 -1.36 1.57 18.30
N ALA B 15 -2.60 1.99 18.41
CA ALA B 15 -3.61 1.60 17.44
C ALA B 15 -3.21 2.03 16.03
N ALA B 16 -2.94 3.32 15.83
CA ALA B 16 -2.62 3.79 14.49
C ALA B 16 -1.42 3.04 13.90
N SER B 17 -0.39 2.78 14.72
CA SER B 17 0.86 2.18 14.24
C SER B 17 0.68 0.73 13.83
N ARG B 18 -0.10 -0.01 14.61
CA ARG B 18 -0.42 -1.38 14.26
C ARG B 18 -1.23 -1.40 12.97
N ILE B 19 -2.18 -0.47 12.86
CA ILE B 19 -2.99 -0.43 11.64
C ILE B 19 -2.12 -0.22 10.43
N ARG B 20 -1.13 0.70 10.52
CA ARG B 20 -0.28 0.91 9.35
C ARG B 20 0.62 -0.29 9.08
N ARG B 21 1.08 -0.99 10.12
CA ARG B 21 1.93 -2.14 9.80
C ARG B 21 1.15 -3.18 9.05
N LYS B 22 -0.16 -3.24 9.29
CA LYS B 22 -0.96 -4.32 8.74
C LYS B 22 -1.72 -3.93 7.48
N ASP B 23 -1.79 -2.63 7.17
CA ASP B 23 -2.59 -2.16 6.02
C ASP B 23 -1.87 -0.93 5.48
N GLY B 24 -1.09 -1.10 4.41
CA GLY B 24 -0.35 0.02 3.84
C GLY B 24 -1.19 0.98 3.03
N ASP B 25 -2.41 0.56 2.68
CA ASP B 25 -3.36 1.28 1.84
C ASP B 25 -4.35 2.10 2.65
N ALA B 26 -4.53 1.82 3.93
CA ALA B 26 -5.50 2.59 4.69
C ALA B 26 -5.03 4.03 4.96
N SER B 27 -6.01 4.94 5.02
CA SER B 27 -5.76 6.31 5.44
C SER B 27 -5.97 6.39 6.95
N ILE B 28 -4.94 6.78 7.69
CA ILE B 28 -5.04 6.89 9.13
C ILE B 28 -4.78 8.33 9.51
N THR B 29 -5.81 8.97 10.05
CA THR B 29 -5.75 10.32 10.56
C THR B 29 -5.95 10.23 12.07
N VAL B 30 -5.08 10.90 12.84
CA VAL B 30 -5.23 10.98 14.28
C VAL B 30 -5.27 12.45 14.67
N VAL B 31 -6.30 12.83 15.45
CA VAL B 31 -6.49 14.20 15.90
C VAL B 31 -5.99 14.27 17.33
N GLU B 32 -5.23 15.31 17.63
CA GLU B 32 -4.60 15.54 18.92
C GLU B 32 -4.95 16.96 19.31
N ALA B 33 -5.46 17.11 20.53
CA ALA B 33 -5.93 18.40 20.95
C ALA B 33 -4.77 19.35 21.24
N GLY B 34 -3.59 18.80 21.55
CA GLY B 34 -2.49 19.62 22.02
C GLY B 34 -1.38 19.76 20.99
N LYS B 35 -0.29 20.36 21.48
CA LYS B 35 0.91 20.60 20.70
C LYS B 35 1.70 19.31 20.56
N TYR B 36 1.79 18.59 21.67
CA TYR B 36 2.67 17.45 21.83
C TYR B 36 1.86 16.20 21.48
N VAL B 37 2.50 15.25 20.82
CA VAL B 37 1.88 13.95 20.54
C VAL B 37 2.91 12.85 20.79
N SER B 38 2.44 11.71 21.32
CA SER B 38 3.30 10.57 21.67
C SER B 38 4.27 10.91 22.81
N LEU B 39 3.92 11.88 23.66
CA LEU B 39 4.80 12.28 24.73
C LEU B 39 4.73 11.27 25.85
N GLY B 40 5.89 10.77 26.29
CA GLY B 40 5.96 9.76 27.33
C GLY B 40 5.74 10.36 28.71
N ARG B 41 4.47 10.53 29.04
CA ARG B 41 4.15 11.29 30.24
C ARG B 41 4.56 10.56 31.49
N CYS B 42 4.70 9.23 31.41
CA CYS B 42 5.06 8.45 32.59
C CYS B 42 6.39 8.88 33.15
N GLY B 43 7.22 9.53 32.33
CA GLY B 43 8.52 10.08 32.66
C GLY B 43 8.53 11.55 33.07
N LEU B 44 7.41 12.26 33.10
CA LEU B 44 7.48 13.65 33.52
C LEU B 44 7.99 13.84 34.96
N PRO B 45 7.71 12.94 35.91
CA PRO B 45 8.36 13.11 37.23
C PRO B 45 9.89 13.12 37.14
N TYR B 46 10.49 12.19 36.38
CA TYR B 46 11.95 12.08 36.25
C TYR B 46 12.56 13.25 35.50
N TYR B 47 11.76 13.97 34.74
CA TYR B 47 12.18 15.22 34.15
C TYR B 47 12.24 16.30 35.20
N VAL B 48 11.16 16.47 35.96
CA VAL B 48 11.15 17.54 36.94
C VAL B 48 12.30 17.34 37.93
N GLY B 49 12.50 16.10 38.38
CA GLY B 49 13.54 15.72 39.31
C GLY B 49 14.93 15.76 38.74
N GLY B 50 15.09 15.98 37.44
CA GLY B 50 16.41 16.23 36.87
C GLY B 50 17.11 15.02 36.26
N LEU B 51 16.53 13.84 36.35
CA LEU B 51 17.10 12.62 35.76
C LEU B 51 17.14 12.69 34.26
N VAL B 52 16.11 13.26 33.67
CA VAL B 52 16.05 13.43 32.24
C VAL B 52 16.28 14.91 32.09
N HIS B 53 17.25 15.31 31.28
CA HIS B 53 17.59 16.71 31.17
C HIS B 53 16.60 17.72 30.62
N GLU B 54 15.79 17.29 29.69
CA GLU B 54 14.80 18.13 29.04
C GLU B 54 13.62 17.27 28.56
N VAL B 55 12.42 17.87 28.57
CA VAL B 55 11.19 17.16 28.21
C VAL B 55 11.19 16.57 26.78
N ASP B 56 11.93 17.13 25.81
CA ASP B 56 11.95 16.46 24.48
C ASP B 56 12.65 15.10 24.50
N ASN B 57 13.25 14.73 25.64
CA ASN B 57 13.78 13.40 25.78
C ASN B 57 12.70 12.40 26.15
N LEU B 58 11.47 12.87 26.35
CA LEU B 58 10.33 12.00 26.58
C LEU B 58 9.51 11.72 25.34
N ARG B 59 9.85 12.30 24.19
CA ARG B 59 9.25 11.92 22.92
C ARG B 59 10.34 11.72 21.86
N GLU B 60 11.34 10.89 22.19
CA GLU B 60 12.44 10.56 21.28
C GLU B 60 12.44 9.07 21.01
N THR B 61 13.37 8.67 20.15
CA THR B 61 13.75 7.29 19.89
C THR B 61 15.15 7.07 20.45
N THR B 62 15.68 5.89 20.26
CA THR B 62 17.00 5.62 20.71
C THR B 62 17.83 6.59 19.94
N TYR B 63 17.52 6.77 18.67
CA TYR B 63 18.20 7.74 17.87
C TYR B 63 17.44 8.96 18.39
N GLY B 64 17.99 10.14 18.28
CA GLY B 64 17.34 11.31 18.84
C GLY B 64 16.52 12.18 17.94
N ALA B 65 15.52 11.55 17.36
CA ALA B 65 14.60 12.14 16.43
C ALA B 65 13.30 12.29 17.19
N VAL B 66 12.77 13.51 17.24
CA VAL B 66 11.53 13.76 17.93
C VAL B 66 10.36 13.24 17.15
N ARG B 67 9.40 12.66 17.85
CA ARG B 67 8.25 12.12 17.20
C ARG B 67 7.22 13.19 16.97
N ASP B 68 7.56 14.12 16.11
CA ASP B 68 6.62 15.15 15.75
C ASP B 68 5.78 14.62 14.61
N GLU B 69 4.80 15.39 14.22
CA GLU B 69 3.95 14.87 13.16
C GLU B 69 4.79 14.52 11.94
N ALA B 70 5.83 15.30 11.66
CA ALA B 70 6.70 14.98 10.52
C ALA B 70 7.25 13.56 10.64
N TYR B 71 7.65 13.15 11.85
CA TYR B 71 8.06 11.78 12.11
C TYR B 71 6.96 10.78 11.73
N PHE B 72 5.75 10.97 12.26
CA PHE B 72 4.72 9.98 11.93
C PHE B 72 4.31 10.05 10.46
N LYS B 73 4.57 11.16 9.78
CA LYS B 73 4.21 11.17 8.36
C LYS B 73 5.25 10.45 7.54
N LYS B 74 6.52 10.80 7.72
CA LYS B 74 7.53 10.11 6.91
C LYS B 74 7.60 8.63 7.30
N LEU B 75 7.79 8.34 8.58
CA LEU B 75 7.95 6.97 9.07
C LEU B 75 6.77 5.99 9.11
N LYS B 76 5.53 6.48 9.14
CA LYS B 76 4.41 5.57 9.22
C LYS B 76 3.27 6.03 8.33
N ASN B 77 3.47 7.14 7.62
CA ASN B 77 2.43 7.66 6.75
C ASN B 77 1.10 7.81 7.48
N ILE B 78 1.17 8.34 8.70
CA ILE B 78 0.02 8.62 9.53
C ILE B 78 -0.12 10.15 9.57
N ASP B 79 -1.32 10.66 9.31
CA ASP B 79 -1.54 12.12 9.25
C ASP B 79 -1.94 12.63 10.62
N VAL B 80 -1.01 13.23 11.35
CA VAL B 80 -1.24 13.67 12.73
C VAL B 80 -1.58 15.16 12.73
N LEU B 81 -2.80 15.51 13.10
CA LEU B 81 -3.16 16.92 13.14
C LEU B 81 -3.16 17.41 14.59
N THR B 82 -2.08 18.08 15.01
CA THR B 82 -2.06 18.53 16.38
C THR B 82 -2.86 19.84 16.51
N GLU B 83 -3.10 20.24 17.75
CA GLU B 83 -3.91 21.43 18.07
C GLU B 83 -5.29 21.40 17.37
N THR B 84 -5.88 20.22 17.31
CA THR B 84 -7.16 19.94 16.67
C THR B 84 -8.08 19.28 17.70
N VAL B 85 -9.23 19.86 17.96
CA VAL B 85 -10.14 19.28 18.94
C VAL B 85 -11.20 18.43 18.26
N ALA B 86 -11.52 17.30 18.85
CA ALA B 86 -12.68 16.51 18.47
C ALA B 86 -13.88 16.95 19.28
N THR B 87 -14.91 17.47 18.63
CA THR B 87 -16.02 18.01 19.40
C THR B 87 -17.21 17.07 19.45
N GLU B 88 -17.45 16.29 18.39
CA GLU B 88 -18.64 15.45 18.28
C GLU B 88 -18.36 14.31 17.32
N ILE B 89 -18.97 13.15 17.59
CA ILE B 89 -19.01 12.01 16.68
C ILE B 89 -20.44 11.81 16.18
N ASP B 90 -20.57 11.53 14.90
CA ASP B 90 -21.86 11.22 14.29
C ASP B 90 -21.76 9.85 13.63
N ARG B 91 -22.31 8.84 14.32
CA ARG B 91 -22.24 7.44 13.92
C ARG B 91 -23.22 7.14 12.79
N SER B 92 -24.33 7.89 12.74
CA SER B 92 -25.30 7.72 11.66
C SER B 92 -24.76 8.31 10.36
N ARG B 93 -23.96 9.36 10.42
CA ARG B 93 -23.23 9.81 9.25
C ARG B 93 -21.77 9.33 9.21
N LYS B 94 -21.29 8.61 10.23
CA LYS B 94 -19.89 8.14 10.32
C LYS B 94 -18.88 9.24 9.98
N THR B 95 -18.99 10.38 10.68
CA THR B 95 -18.03 11.47 10.53
C THR B 95 -17.74 11.96 11.93
N VAL B 96 -16.65 12.71 12.09
CA VAL B 96 -16.33 13.29 13.38
C VAL B 96 -16.01 14.77 13.17
N LYS B 97 -16.63 15.62 13.99
CA LYS B 97 -16.48 17.07 13.93
C LYS B 97 -15.21 17.47 14.67
N ILE B 98 -14.30 18.14 13.96
CA ILE B 98 -13.08 18.67 14.55
C ILE B 98 -13.12 20.19 14.43
N VAL B 99 -12.29 20.85 15.21
CA VAL B 99 -12.10 22.28 15.12
C VAL B 99 -10.60 22.49 14.96
N ARG B 100 -10.15 22.92 13.81
CA ARG B 100 -8.74 23.18 13.65
C ARG B 100 -8.58 24.59 13.23
N ASN B 101 -7.80 25.32 13.98
CA ASN B 101 -7.56 26.70 13.65
C ASN B 101 -8.75 27.59 13.79
N GLY B 102 -9.67 27.22 14.63
CA GLY B 102 -10.84 28.03 14.81
C GLY B 102 -11.88 27.82 13.76
N SER B 103 -11.68 26.86 12.88
CA SER B 103 -12.64 26.55 11.84
C SER B 103 -13.09 25.16 12.15
N GLU B 104 -14.36 24.88 11.91
CA GLU B 104 -14.94 23.60 12.20
C GLU B 104 -14.87 22.74 10.96
N ASP B 105 -14.40 21.51 11.09
CA ASP B 105 -14.32 20.64 9.93
C ASP B 105 -14.78 19.23 10.16
N GLU B 106 -14.83 18.43 9.12
CA GLU B 106 -15.29 17.07 9.27
C GLU B 106 -14.24 16.09 8.78
N LEU B 107 -14.22 14.94 9.43
CA LEU B 107 -13.33 13.82 9.17
C LEU B 107 -14.20 12.60 8.89
N ASN B 108 -13.99 11.96 7.74
CA ASN B 108 -14.71 10.74 7.39
C ASN B 108 -13.98 9.51 7.92
N TYR B 109 -14.75 8.53 8.45
CA TYR B 109 -14.15 7.30 8.93
C TYR B 109 -14.99 6.07 8.60
N ASP B 110 -14.27 4.97 8.35
CA ASP B 110 -14.81 3.61 8.26
C ASP B 110 -14.77 2.97 9.65
N TYR B 111 -13.63 3.08 10.34
CA TYR B 111 -13.47 2.72 11.75
C TYR B 111 -12.94 3.91 12.54
N LEU B 112 -13.46 4.08 13.74
CA LEU B 112 -13.00 5.16 14.59
C LEU B 112 -12.45 4.56 15.89
N VAL B 113 -11.32 5.10 16.36
CA VAL B 113 -10.69 4.67 17.60
C VAL B 113 -10.76 5.85 18.55
N ILE B 114 -11.34 5.67 19.75
CA ILE B 114 -11.39 6.70 20.77
C ILE B 114 -10.26 6.48 21.76
N ALA B 115 -9.32 7.41 21.83
CA ALA B 115 -8.21 7.25 22.76
C ALA B 115 -7.96 8.58 23.47
N THR B 116 -8.98 9.03 24.20
CA THR B 116 -8.97 10.36 24.77
C THR B 116 -8.34 10.43 26.15
N GLY B 117 -7.95 9.30 26.73
CA GLY B 117 -7.31 9.33 28.00
C GLY B 117 -8.23 9.84 29.10
N ALA B 118 -7.62 10.30 30.18
CA ALA B 118 -8.37 10.73 31.35
C ALA B 118 -7.74 12.03 31.84
N ARG B 119 -8.56 12.97 32.22
CA ARG B 119 -8.09 14.21 32.81
C ARG B 119 -7.82 14.03 34.30
N PRO B 120 -7.05 14.92 34.92
CA PRO B 120 -6.93 14.84 36.38
C PRO B 120 -8.22 15.21 37.06
N ALA B 121 -8.56 14.42 38.07
CA ALA B 121 -9.68 14.69 38.95
C ALA B 121 -9.36 15.90 39.80
N LYS B 122 -10.34 16.79 39.89
CA LYS B 122 -10.22 18.09 40.56
C LYS B 122 -11.04 18.05 41.84
N PRO B 123 -10.40 18.04 43.00
CA PRO B 123 -11.17 18.07 44.25
C PRO B 123 -11.91 19.39 44.32
N PRO B 124 -13.19 19.37 44.63
CA PRO B 124 -13.92 20.63 44.72
C PRO B 124 -13.53 21.44 45.95
N ILE B 125 -12.51 22.27 45.76
CA ILE B 125 -11.89 23.02 46.84
C ILE B 125 -11.73 24.46 46.40
N GLU B 126 -11.92 25.36 47.36
CA GLU B 126 -11.70 26.77 47.08
C GLU B 126 -10.21 27.04 46.87
N GLY B 127 -9.89 27.73 45.78
CA GLY B 127 -8.52 28.00 45.41
C GLY B 127 -7.83 26.92 44.62
N ILE B 128 -8.54 25.87 44.20
CA ILE B 128 -7.83 24.83 43.48
C ILE B 128 -7.36 25.30 42.11
N GLU B 129 -7.87 26.44 41.63
CA GLU B 129 -7.43 26.97 40.33
C GLU B 129 -6.42 28.11 40.48
N ALA B 130 -5.95 28.37 41.69
CA ALA B 130 -4.99 29.43 41.92
C ALA B 130 -3.66 29.09 41.25
N GLU B 131 -2.76 30.07 41.21
CA GLU B 131 -1.47 29.87 40.56
C GLU B 131 -0.44 29.26 41.48
N GLY B 132 0.28 28.26 40.95
CA GLY B 132 1.08 27.36 41.73
C GLY B 132 0.43 26.01 42.00
N VAL B 133 -0.88 25.89 41.85
CA VAL B 133 -1.52 24.59 41.90
C VAL B 133 -1.46 24.01 40.49
N VAL B 134 -0.88 22.82 40.37
CA VAL B 134 -0.64 22.17 39.10
C VAL B 134 -0.95 20.69 39.24
N THR B 135 -0.91 20.00 38.10
CA THR B 135 -1.00 18.54 38.02
C THR B 135 0.24 17.97 37.33
N LEU B 136 0.48 16.68 37.45
CA LEU B 136 1.51 16.14 36.58
C LEU B 136 0.86 15.51 35.35
N THR B 137 0.04 16.28 34.64
CA THR B 137 -0.68 15.72 33.50
C THR B 137 -0.04 16.02 32.17
N SER B 138 0.76 17.07 32.06
CA SER B 138 1.25 17.46 30.75
C SER B 138 2.64 18.07 30.85
N ALA B 139 3.35 18.06 29.72
CA ALA B 139 4.70 18.62 29.72
C ALA B 139 4.66 20.09 30.10
N GLU B 140 3.64 20.80 29.63
CA GLU B 140 3.48 22.21 29.97
C GLU B 140 3.36 22.36 31.48
N GLU B 141 2.66 21.42 32.13
CA GLU B 141 2.45 21.44 33.57
C GLU B 141 3.76 21.19 34.35
N ALA B 142 4.56 20.21 33.90
CA ALA B 142 5.87 19.96 34.51
C ALA B 142 6.81 21.17 34.36
N GLU B 143 6.84 21.78 33.18
CA GLU B 143 7.63 22.99 33.01
C GLU B 143 7.16 24.07 33.97
N LYS B 144 5.85 24.31 34.06
CA LYS B 144 5.37 25.25 35.04
C LYS B 144 6.03 25.01 36.39
N ILE B 145 6.15 23.74 36.82
CA ILE B 145 6.86 23.49 38.08
C ILE B 145 8.31 24.00 38.02
N ILE B 146 9.04 23.66 36.96
CA ILE B 146 10.46 24.03 36.97
C ILE B 146 10.64 25.54 36.97
N GLU B 147 9.69 26.23 36.34
CA GLU B 147 9.62 27.68 36.31
C GLU B 147 9.37 28.24 37.72
N MET B 148 8.45 27.64 38.48
CA MET B 148 8.23 28.12 39.87
C MET B 148 9.44 27.84 40.78
N TRP B 149 10.22 26.79 40.49
CA TRP B 149 11.43 26.50 41.27
C TRP B 149 12.50 27.53 40.98
N GLU B 150 12.67 27.85 39.69
CA GLU B 150 13.63 28.85 39.27
C GLU B 150 13.31 30.19 39.90
N GLU B 151 12.04 30.55 39.99
CA GLU B 151 11.66 31.80 40.64
C GLU B 151 11.68 31.74 42.16
N GLY B 152 11.91 30.57 42.74
CA GLY B 152 12.23 30.51 44.14
C GLY B 152 11.20 29.81 45.00
N ALA B 153 10.55 28.79 44.43
CA ALA B 153 9.59 28.03 45.18
C ALA B 153 10.37 27.00 46.00
N GLU B 154 10.22 27.03 47.31
CA GLU B 154 10.96 26.14 48.21
C GLU B 154 10.05 25.29 49.09
N LYS B 155 8.76 25.49 49.04
CA LYS B 155 7.86 24.77 49.92
C LYS B 155 6.77 24.17 49.06
N ALA B 156 6.46 22.91 49.29
CA ALA B 156 5.59 22.22 48.36
C ALA B 156 4.63 21.36 49.14
N VAL B 157 3.41 21.26 48.64
CA VAL B 157 2.42 20.37 49.20
C VAL B 157 1.83 19.54 48.08
N VAL B 158 1.86 18.22 48.27
CA VAL B 158 1.30 17.25 47.32
C VAL B 158 0.07 16.68 47.96
N ILE B 159 -1.07 16.72 47.26
CA ILE B 159 -2.32 16.18 47.80
C ILE B 159 -2.58 14.84 47.10
N GLY B 160 -2.47 13.74 47.85
CA GLY B 160 -2.56 12.46 47.20
C GLY B 160 -1.29 11.66 47.36
N ALA B 161 -1.38 10.49 47.99
CA ALA B 161 -0.25 9.59 48.13
C ALA B 161 -0.28 8.42 47.14
N GLY B 162 -0.86 8.61 45.97
CA GLY B 162 -0.77 7.57 44.97
C GLY B 162 0.65 7.47 44.44
N PHE B 163 0.80 6.65 43.40
CA PHE B 163 2.11 6.60 42.74
C PHE B 163 2.50 7.95 42.14
N ILE B 164 1.55 8.69 41.58
CA ILE B 164 1.92 9.97 40.97
C ILE B 164 2.30 10.97 42.05
N GLY B 165 1.53 11.02 43.12
CA GLY B 165 1.87 11.92 44.21
C GLY B 165 3.26 11.65 44.76
N LEU B 166 3.52 10.38 45.07
CA LEU B 166 4.81 9.95 45.58
C LEU B 166 5.92 10.36 44.63
N GLU B 167 5.85 9.87 43.40
CA GLU B 167 6.87 10.20 42.39
C GLU B 167 7.09 11.70 42.39
N SER B 168 6.00 12.45 42.44
CA SER B 168 6.06 13.92 42.45
C SER B 168 6.78 14.43 43.70
N ALA B 169 6.51 13.81 44.85
CA ALA B 169 7.15 14.21 46.09
C ALA B 169 8.66 14.04 45.98
N GLU B 170 9.11 12.89 45.47
CA GLU B 170 10.55 12.71 45.36
C GLU B 170 11.12 13.67 44.35
N ALA B 171 10.42 13.86 43.22
CA ALA B 171 10.97 14.76 42.24
C ALA B 171 11.07 16.17 42.81
N LEU B 172 10.12 16.51 43.67
CA LEU B 172 10.05 17.83 44.26
C LEU B 172 11.14 18.02 45.31
N LYS B 173 11.48 16.93 46.03
CA LYS B 173 12.55 16.95 47.00
C LYS B 173 13.92 17.05 46.32
N ASN B 174 14.06 16.48 45.14
CA ASN B 174 15.21 16.73 44.29
C ASN B 174 15.31 18.19 43.86
N LEU B 175 14.26 18.97 44.05
CA LEU B 175 14.30 20.39 43.80
C LEU B 175 14.65 21.21 45.05
N ASP B 176 15.24 20.58 46.06
CA ASP B 176 15.61 21.22 47.32
C ASP B 176 14.40 21.98 47.92
N MET B 177 13.21 21.40 47.78
CA MET B 177 11.98 21.93 48.36
C MET B 177 11.57 21.08 49.57
N GLU B 178 11.15 21.73 50.65
CA GLU B 178 10.54 20.96 51.73
C GLU B 178 9.15 20.50 51.30
N VAL B 179 8.85 19.21 51.47
CA VAL B 179 7.67 18.62 50.82
C VAL B 179 6.76 17.96 51.87
N THR B 180 5.47 18.23 51.78
CA THR B 180 4.49 17.58 52.61
C THR B 180 3.50 16.85 51.72
N VAL B 181 3.11 15.65 52.11
CA VAL B 181 2.12 14.93 51.35
C VAL B 181 0.90 14.72 52.23
N ILE B 182 -0.27 15.05 51.70
CA ILE B 182 -1.54 14.97 52.42
C ILE B 182 -2.38 13.91 51.75
N GLU B 183 -2.80 12.91 52.53
CA GLU B 183 -3.59 11.81 52.02
C GLU B 183 -4.87 11.66 52.82
N MET B 184 -5.98 11.50 52.11
CA MET B 184 -7.29 11.32 52.73
C MET B 184 -7.37 9.98 53.48
N MET B 185 -6.70 8.96 52.98
CA MET B 185 -6.80 7.60 53.48
C MET B 185 -5.85 7.38 54.68
N ASP B 186 -6.00 6.21 55.32
CA ASP B 186 -5.20 5.89 56.50
C ASP B 186 -3.74 5.59 56.16
N ARG B 187 -3.40 5.47 54.88
CA ARG B 187 -2.03 5.10 54.52
C ARG B 187 -1.67 5.70 53.18
N VAL B 188 -0.37 5.85 52.94
CA VAL B 188 0.07 6.18 51.59
C VAL B 188 -0.18 4.99 50.65
N ALA B 189 -0.30 5.29 49.37
CA ALA B 189 -0.65 4.31 48.33
C ALA B 189 -1.85 3.41 48.63
N PRO B 190 -3.01 4.01 48.93
CA PRO B 190 -4.19 3.17 49.33
C PRO B 190 -4.50 2.09 48.31
N ALA B 191 -4.61 2.39 47.01
CA ALA B 191 -5.08 1.43 46.01
C ALA B 191 -4.17 0.22 45.96
N MET B 192 -2.91 0.41 46.32
CA MET B 192 -1.88 -0.60 46.17
C MET B 192 -1.57 -1.38 47.45
N LEU B 193 -1.44 -0.73 48.60
CA LEU B 193 -0.90 -1.42 49.77
C LEU B 193 -1.87 -1.43 50.95
N ASP B 194 -1.68 -2.43 51.81
CA ASP B 194 -2.51 -2.59 53.00
C ASP B 194 -2.26 -1.45 53.99
N ARG B 195 -2.46 -1.75 55.27
CA ARG B 195 -2.26 -0.75 56.33
C ARG B 195 -0.87 -0.87 56.93
N GLU B 196 -0.25 -2.03 56.79
CA GLU B 196 1.08 -2.28 57.32
C GLU B 196 2.15 -1.87 56.32
N MET B 197 2.27 -2.65 55.24
CA MET B 197 3.26 -2.38 54.20
C MET B 197 3.28 -0.90 53.84
N ALA B 198 2.14 -0.24 54.00
CA ALA B 198 2.02 1.18 53.68
C ALA B 198 2.83 2.03 54.66
N VAL B 199 3.09 1.48 55.85
CA VAL B 199 3.85 2.18 56.86
C VAL B 199 5.32 2.20 56.49
N LEU B 200 5.84 1.11 55.90
CA LEU B 200 7.28 1.05 55.65
C LEU B 200 7.74 2.00 54.54
N VAL B 201 6.89 2.16 53.52
CA VAL B 201 7.11 3.23 52.55
C VAL B 201 7.08 4.57 53.25
N GLU B 202 6.02 4.82 54.02
CA GLU B 202 5.88 6.07 54.75
C GLU B 202 7.16 6.44 55.51
N ASN B 203 7.64 5.57 56.39
CA ASN B 203 8.81 5.97 57.15
C ASN B 203 9.98 6.22 56.22
N HIS B 204 10.11 5.43 55.15
CA HIS B 204 11.21 5.74 54.24
C HIS B 204 11.10 7.16 53.71
N LEU B 205 9.86 7.62 53.51
CA LEU B 205 9.62 8.98 53.05
C LEU B 205 10.01 9.97 54.13
N ARG B 206 9.52 9.80 55.35
CA ARG B 206 9.86 10.78 56.37
C ARG B 206 11.37 10.79 56.61
N GLU B 207 12.01 9.63 56.48
CA GLU B 207 13.44 9.60 56.71
C GLU B 207 14.23 10.19 55.56
N LYS B 208 13.60 10.35 54.38
CA LYS B 208 14.20 11.14 53.31
C LYS B 208 13.69 12.58 53.30
N GLY B 209 12.98 13.00 54.35
CA GLY B 209 12.59 14.39 54.47
C GLY B 209 11.33 14.76 53.72
N VAL B 210 10.53 13.78 53.31
CA VAL B 210 9.20 14.03 52.80
C VAL B 210 8.25 13.82 53.96
N ASN B 211 7.67 14.89 54.46
CA ASN B 211 6.77 14.77 55.59
C ASN B 211 5.39 14.33 55.10
N VAL B 212 4.73 13.48 55.89
CA VAL B 212 3.58 12.74 55.40
C VAL B 212 2.49 12.75 56.45
N VAL B 213 1.28 13.10 56.06
CA VAL B 213 0.17 13.17 56.98
C VAL B 213 -1.03 12.46 56.33
N THR B 214 -1.41 11.32 56.89
CA THR B 214 -2.49 10.51 56.38
C THR B 214 -3.80 10.81 57.09
N SER B 215 -4.85 10.14 56.62
CA SER B 215 -6.16 10.19 57.22
C SER B 215 -6.63 11.62 57.45
N THR B 216 -6.31 12.52 56.54
CA THR B 216 -6.81 13.90 56.63
C THR B 216 -7.28 14.39 55.28
N ARG B 217 -8.32 15.21 55.28
CA ARG B 217 -8.74 15.88 54.08
C ARG B 217 -8.18 17.27 54.01
N VAL B 218 -8.19 17.79 52.81
CA VAL B 218 -7.80 19.16 52.53
C VAL B 218 -9.06 19.97 52.55
N GLU B 219 -9.00 21.16 53.16
CA GLU B 219 -10.24 21.89 53.30
C GLU B 219 -10.28 23.15 52.46
N LYS B 220 -9.15 23.85 52.30
CA LYS B 220 -9.09 24.94 51.34
C LYS B 220 -7.64 25.32 50.98
N ILE B 221 -7.48 26.00 49.83
CA ILE B 221 -6.19 26.48 49.38
C ILE B 221 -6.20 28.00 49.38
N VAL B 222 -5.31 28.56 50.15
CA VAL B 222 -5.18 29.98 50.33
C VAL B 222 -4.32 30.51 49.22
N SER B 223 -4.68 31.66 48.67
CA SER B 223 -3.92 32.22 47.55
C SER B 223 -3.12 33.51 47.66
N GLN B 224 -3.63 34.53 48.34
CA GLN B 224 -2.89 35.78 48.43
C GLN B 224 -2.45 36.26 47.04
N ASP B 225 -3.43 36.47 46.16
CA ASP B 225 -3.20 36.90 44.80
C ASP B 225 -2.72 35.72 44.00
N ASP B 226 -3.36 34.59 44.20
CA ASP B 226 -2.96 33.38 43.51
C ASP B 226 -1.59 32.93 44.06
N LYS B 227 -1.55 32.08 45.07
CA LYS B 227 -0.27 31.63 45.61
C LYS B 227 -0.17 30.70 46.84
N VAL B 228 0.10 31.37 47.96
CA VAL B 228 0.42 30.96 49.36
C VAL B 228 0.17 29.70 50.18
N ARG B 229 -1.02 29.18 50.39
CA ARG B 229 -1.01 27.96 51.24
C ARG B 229 -2.19 27.00 51.34
N ALA B 230 -1.96 25.79 51.83
CA ALA B 230 -2.99 24.77 51.95
C ALA B 230 -3.41 24.45 53.38
N VAL B 231 -4.68 24.14 53.62
CA VAL B 231 -5.19 23.88 54.98
C VAL B 231 -5.71 22.47 55.13
N ILE B 232 -5.37 21.79 56.22
CA ILE B 232 -5.78 20.40 56.38
C ILE B 232 -6.72 19.92 57.48
N ALA B 233 -7.45 18.85 57.15
CA ALA B 233 -8.44 18.16 58.02
C ALA B 233 -8.32 18.43 59.47
N ASN B 234 -7.13 18.78 59.89
CA ASN B 234 -6.93 19.16 61.24
C ASN B 234 -7.02 20.68 61.29
N GLY B 235 -7.28 21.33 60.17
CA GLY B 235 -7.37 22.77 60.16
C GLY B 235 -6.01 23.36 60.43
N LYS B 236 -4.99 22.55 60.22
CA LYS B 236 -3.64 22.98 60.39
C LYS B 236 -3.22 23.51 59.04
N GLU B 237 -2.53 24.63 59.03
CA GLU B 237 -2.12 25.24 57.80
C GLU B 237 -0.75 24.78 57.36
N TYR B 238 -0.59 24.46 56.08
CA TYR B 238 0.70 24.05 55.62
C TYR B 238 1.13 25.04 54.58
N PRO B 239 2.31 25.71 54.87
CA PRO B 239 2.73 26.66 53.85
C PRO B 239 3.28 25.98 52.63
N ALA B 240 2.92 26.48 51.45
CA ALA B 240 3.37 25.91 50.23
C ALA B 240 3.59 26.90 49.11
N ASP B 241 4.60 26.66 48.28
CA ASP B 241 4.88 27.45 47.10
C ASP B 241 4.58 26.73 45.82
N VAL B 242 4.38 25.42 45.86
CA VAL B 242 3.72 24.70 44.78
C VAL B 242 2.82 23.67 45.43
N VAL B 243 1.68 23.45 44.81
CA VAL B 243 0.79 22.37 45.19
C VAL B 243 0.54 21.54 43.95
N VAL B 244 0.81 20.23 44.04
CA VAL B 244 0.52 19.33 42.95
C VAL B 244 -0.65 18.49 43.42
N VAL B 245 -1.72 18.48 42.64
CA VAL B 245 -2.89 17.70 43.00
C VAL B 245 -2.80 16.39 42.29
N ALA B 246 -2.79 15.30 43.05
CA ALA B 246 -2.76 13.99 42.42
C ALA B 246 -3.79 13.07 43.09
N THR B 247 -5.04 13.49 43.08
CA THR B 247 -6.07 12.84 43.87
C THR B 247 -6.86 11.82 43.07
N GLY B 248 -6.40 11.50 41.88
CA GLY B 248 -7.13 10.64 40.99
C GLY B 248 -7.45 11.35 39.70
N ILE B 249 -8.12 10.59 38.82
CA ILE B 249 -8.35 10.97 37.43
C ILE B 249 -9.84 10.81 37.09
N LYS B 250 -10.19 11.12 35.83
CA LYS B 250 -11.57 11.08 35.33
C LYS B 250 -11.56 10.81 33.82
N PRO B 251 -12.10 9.66 33.39
CA PRO B 251 -11.98 9.26 31.97
C PRO B 251 -12.62 10.26 31.00
N ASN B 252 -11.93 10.51 29.88
CA ASN B 252 -12.39 11.52 28.92
C ASN B 252 -13.47 10.88 28.10
N SER B 253 -14.57 10.62 28.77
CA SER B 253 -15.58 9.76 28.22
C SER B 253 -16.74 10.51 27.59
N GLU B 254 -16.70 11.86 27.59
CA GLU B 254 -17.89 12.62 27.21
C GLU B 254 -18.16 12.63 25.68
N LEU B 255 -17.15 12.61 24.80
CA LEU B 255 -17.53 12.44 23.40
C LEU B 255 -18.35 11.18 23.18
N ALA B 256 -17.89 10.06 23.74
CA ALA B 256 -18.56 8.79 23.46
C ALA B 256 -19.97 8.78 24.02
N GLU B 257 -20.14 9.25 25.25
CA GLU B 257 -21.49 9.23 25.83
C GLU B 257 -22.39 10.14 25.05
N LYS B 258 -22.07 11.44 24.97
CA LYS B 258 -22.90 12.34 24.17
C LYS B 258 -23.13 11.82 22.74
N ALA B 259 -22.16 11.05 22.18
CA ALA B 259 -22.38 10.32 20.93
C ALA B 259 -23.33 9.07 21.10
N GLY B 260 -24.01 8.87 22.22
CA GLY B 260 -24.91 7.74 22.35
C GLY B 260 -24.26 6.41 22.63
N LEU B 261 -22.93 6.36 22.75
CA LEU B 261 -22.25 5.12 23.13
C LEU B 261 -22.52 4.86 24.61
N LYS B 262 -22.28 3.61 25.02
CA LYS B 262 -22.70 3.15 26.34
C LYS B 262 -21.54 3.36 27.29
N ILE B 263 -21.82 3.93 28.45
CA ILE B 263 -20.78 4.20 29.43
C ILE B 263 -21.00 3.23 30.58
N GLY B 264 -19.94 2.51 30.99
CA GLY B 264 -20.09 1.52 32.04
C GLY B 264 -20.27 2.21 33.39
N GLU B 265 -20.42 1.40 34.44
CA GLU B 265 -20.65 2.01 35.74
C GLU B 265 -19.45 2.83 36.24
N THR B 266 -18.28 2.69 35.62
CA THR B 266 -17.19 3.49 36.17
C THR B 266 -17.17 4.91 35.64
N GLY B 267 -17.93 5.20 34.59
CA GLY B 267 -17.85 6.45 33.87
C GLY B 267 -17.03 6.38 32.59
N ALA B 268 -16.29 5.30 32.38
CA ALA B 268 -15.44 5.11 31.22
C ALA B 268 -16.20 4.37 30.14
N ILE B 269 -15.72 4.52 28.90
CA ILE B 269 -16.36 3.88 27.76
C ILE B 269 -16.34 2.37 27.93
N TRP B 270 -17.51 1.73 27.82
CA TRP B 270 -17.61 0.28 27.82
C TRP B 270 -17.02 -0.30 26.52
N VAL B 271 -16.22 -1.34 26.67
CA VAL B 271 -15.67 -2.08 25.54
C VAL B 271 -15.81 -3.56 25.85
N ASP B 272 -15.89 -4.36 24.79
CA ASP B 272 -15.99 -5.81 24.90
C ASP B 272 -14.57 -6.39 25.07
N GLU B 273 -14.44 -7.72 24.99
CA GLU B 273 -13.12 -8.33 25.03
C GLU B 273 -12.22 -7.82 23.90
N TYR B 274 -12.78 -7.68 22.70
CA TYR B 274 -12.05 -7.28 21.51
C TYR B 274 -11.84 -5.78 21.45
N MET B 275 -12.43 -5.05 22.41
CA MET B 275 -12.27 -3.60 22.56
C MET B 275 -13.23 -2.77 21.69
N ARG B 276 -14.28 -3.38 21.13
CA ARG B 276 -15.33 -2.64 20.44
C ARG B 276 -16.27 -2.04 21.47
N THR B 277 -17.03 -1.05 21.04
CA THR B 277 -18.00 -0.50 21.94
C THR B 277 -19.40 -0.92 21.47
N SER B 278 -20.41 -0.16 21.90
CA SER B 278 -21.76 -0.35 21.42
C SER B 278 -21.78 -0.32 19.89
N ASP B 279 -21.21 0.72 19.29
CA ASP B 279 -21.10 0.79 17.85
C ASP B 279 -19.96 -0.13 17.41
N GLU B 280 -20.23 -0.94 16.40
CA GLU B 280 -19.20 -1.89 16.02
C GLU B 280 -18.12 -1.31 15.12
N SER B 281 -18.33 -0.10 14.58
CA SER B 281 -17.31 0.63 13.82
C SER B 281 -16.44 1.48 14.74
N ILE B 282 -16.74 1.49 16.04
CA ILE B 282 -16.11 2.39 16.96
C ILE B 282 -15.39 1.54 18.00
N TYR B 283 -14.06 1.52 17.93
CA TYR B 283 -13.17 0.93 18.92
C TYR B 283 -12.66 1.99 19.89
N ALA B 284 -12.30 1.56 21.09
CA ALA B 284 -11.85 2.53 22.07
C ALA B 284 -10.86 1.91 23.05
N GLY B 285 -9.83 2.68 23.44
CA GLY B 285 -8.79 2.15 24.30
C GLY B 285 -8.07 3.21 25.10
N GLY B 286 -7.32 2.74 26.07
CA GLY B 286 -6.55 3.64 26.88
C GLY B 286 -7.21 3.99 28.19
N ASP B 287 -6.82 5.15 28.70
CA ASP B 287 -7.30 5.57 30.02
C ASP B 287 -8.78 5.93 30.03
N CYS B 288 -9.42 6.13 28.87
CA CYS B 288 -10.84 6.48 28.86
C CYS B 288 -11.77 5.27 28.92
N VAL B 289 -11.21 4.06 29.00
CA VAL B 289 -11.93 2.82 28.72
C VAL B 289 -12.01 1.96 29.97
N GLU B 290 -13.17 1.35 30.19
CA GLU B 290 -13.41 0.44 31.29
C GLU B 290 -12.77 -0.94 31.06
N THR B 291 -12.33 -1.57 32.13
CA THR B 291 -11.70 -2.86 32.01
C THR B 291 -12.13 -3.80 33.14
N THR B 292 -11.68 -5.04 33.06
CA THR B 292 -11.99 -6.04 34.07
C THR B 292 -10.84 -6.34 35.02
N CYS B 293 -11.15 -6.40 36.30
CA CYS B 293 -10.21 -7.02 37.22
C CYS B 293 -10.36 -8.53 37.11
N LEU B 294 -9.29 -9.22 36.70
CA LEU B 294 -9.37 -10.66 36.48
C LEU B 294 -9.41 -11.44 37.77
N VAL B 295 -8.93 -10.88 38.89
CA VAL B 295 -9.02 -11.61 40.15
C VAL B 295 -10.45 -11.63 40.62
N THR B 296 -11.21 -10.56 40.39
CA THR B 296 -12.59 -10.52 40.87
C THR B 296 -13.66 -10.42 39.78
N GLY B 297 -13.32 -10.15 38.52
CA GLY B 297 -14.38 -9.94 37.54
C GLY B 297 -15.10 -8.60 37.63
N LYS B 298 -14.67 -7.71 38.54
CA LYS B 298 -15.24 -6.39 38.68
C LYS B 298 -14.80 -5.49 37.54
N LYS B 299 -15.68 -4.59 37.13
CA LYS B 299 -15.31 -3.65 36.07
C LYS B 299 -14.72 -2.41 36.69
N ILE B 300 -13.58 -1.95 36.13
CA ILE B 300 -12.75 -0.91 36.75
C ILE B 300 -11.99 -0.04 35.74
N ILE B 301 -11.27 0.96 36.24
CA ILE B 301 -10.47 1.84 35.39
C ILE B 301 -9.00 1.57 35.65
N ALA B 302 -8.30 1.07 34.63
CA ALA B 302 -6.87 0.79 34.79
C ALA B 302 -6.06 1.78 33.96
N PRO B 303 -5.80 2.94 34.48
CA PRO B 303 -5.18 4.05 33.70
C PRO B 303 -3.66 3.99 33.68
N PHE B 304 -3.11 3.00 32.98
CA PHE B 304 -1.68 2.73 32.94
C PHE B 304 -1.21 2.66 31.49
N GLY B 305 0.09 2.92 31.31
CA GLY B 305 0.64 2.93 29.97
C GLY B 305 0.84 1.56 29.40
N ASP B 306 1.13 0.59 30.27
CA ASP B 306 1.30 -0.79 29.85
C ASP B 306 -0.03 -1.29 29.31
N VAL B 307 -1.11 -0.96 30.02
CA VAL B 307 -2.46 -1.36 29.61
C VAL B 307 -2.88 -0.60 28.36
N ALA B 308 -2.49 0.68 28.26
CA ALA B 308 -2.86 1.47 27.08
C ALA B 308 -2.24 0.90 25.82
N ASN B 309 -0.93 0.62 25.83
CA ASN B 309 -0.34 0.05 24.62
C ASN B 309 -0.88 -1.33 24.33
N LYS B 310 -1.09 -2.15 25.37
CA LYS B 310 -1.64 -3.48 25.15
C LYS B 310 -3.00 -3.39 24.47
N GLN B 311 -3.87 -2.51 24.99
CA GLN B 311 -5.16 -2.33 24.35
C GLN B 311 -4.99 -1.84 22.92
N GLY B 312 -4.20 -0.77 22.73
CA GLY B 312 -4.04 -0.16 21.42
C GLY B 312 -3.60 -1.13 20.35
N ARG B 313 -2.71 -2.05 20.70
CA ARG B 313 -2.26 -3.02 19.71
C ARG B 313 -3.39 -3.99 19.38
N VAL B 314 -4.17 -4.35 20.41
CA VAL B 314 -5.27 -5.27 20.16
C VAL B 314 -6.30 -4.61 19.24
N ILE B 315 -6.61 -3.34 19.51
CA ILE B 315 -7.53 -2.55 18.68
C ILE B 315 -7.05 -2.48 17.23
N GLY B 316 -5.80 -2.09 17.03
CA GLY B 316 -5.31 -2.03 15.66
C GLY B 316 -5.39 -3.38 14.95
N GLU B 317 -5.15 -4.48 15.68
CA GLU B 317 -5.18 -5.79 15.04
C GLU B 317 -6.60 -6.17 14.61
N ASN B 318 -7.63 -5.70 15.34
CA ASN B 318 -8.96 -6.15 14.99
C ASN B 318 -9.57 -5.37 13.83
N ILE B 319 -9.39 -4.05 13.80
CA ILE B 319 -9.80 -3.26 12.65
C ILE B 319 -9.30 -3.87 11.36
N THR B 320 -8.06 -4.34 11.38
CA THR B 320 -7.39 -4.87 10.21
C THR B 320 -7.57 -6.39 10.08
N GLY B 321 -8.81 -6.82 10.29
CA GLY B 321 -9.16 -8.19 9.95
C GLY B 321 -8.62 -9.20 10.92
N GLY B 322 -8.70 -8.93 12.22
CA GLY B 322 -8.16 -9.80 13.22
C GLY B 322 -9.15 -10.19 14.30
N ARG B 323 -8.74 -11.16 15.09
CA ARG B 323 -9.37 -11.47 16.37
C ARG B 323 -8.19 -11.48 17.34
N ALA B 324 -8.06 -10.39 18.09
CA ALA B 324 -7.15 -10.31 19.21
C ALA B 324 -7.99 -9.85 20.38
N VAL B 325 -7.59 -10.26 21.56
CA VAL B 325 -8.39 -9.97 22.74
C VAL B 325 -7.52 -9.46 23.88
N PHE B 326 -8.12 -8.62 24.71
CA PHE B 326 -7.53 -8.12 25.95
C PHE B 326 -8.48 -8.49 27.06
N PRO B 327 -8.27 -9.60 27.78
CA PRO B 327 -9.30 -10.04 28.74
C PRO B 327 -9.44 -9.18 30.00
N GLY B 328 -8.48 -8.36 30.35
CA GLY B 328 -8.57 -7.60 31.58
C GLY B 328 -7.20 -7.45 32.19
N VAL B 329 -7.18 -7.06 33.45
CA VAL B 329 -5.94 -6.73 34.13
C VAL B 329 -5.98 -7.32 35.54
N ILE B 330 -4.87 -7.10 36.26
CA ILE B 330 -4.66 -7.59 37.62
C ILE B 330 -4.26 -6.46 38.57
N ARG B 331 -4.17 -5.22 38.06
CA ARG B 331 -3.78 -4.08 38.87
C ARG B 331 -2.40 -4.32 39.44
N THR B 332 -1.51 -4.89 38.60
CA THR B 332 -0.10 -5.03 38.94
C THR B 332 0.61 -3.69 38.68
N ALA B 333 0.97 -2.99 39.73
CA ALA B 333 1.58 -1.67 39.66
C ALA B 333 2.88 -1.65 40.45
N ILE B 334 3.77 -0.74 40.05
CA ILE B 334 5.05 -0.51 40.72
C ILE B 334 5.35 0.97 40.63
N PHE B 335 5.88 1.53 41.72
CA PHE B 335 6.46 2.86 41.67
C PHE B 335 7.74 2.88 42.52
N LYS B 336 8.54 3.90 42.29
CA LYS B 336 9.78 4.09 42.98
C LYS B 336 9.87 5.32 43.85
N VAL B 337 10.20 5.15 45.10
CA VAL B 337 10.38 6.25 46.02
C VAL B 337 11.86 6.50 46.01
N PHE B 338 12.45 7.17 46.99
CA PHE B 338 13.88 7.43 46.88
C PHE B 338 14.72 6.17 46.83
N ASP B 339 14.63 5.31 47.82
CA ASP B 339 15.37 4.06 47.80
C ASP B 339 14.46 2.87 47.90
N PHE B 340 13.24 3.08 48.31
CA PHE B 340 12.33 1.96 48.29
C PHE B 340 11.74 1.83 46.89
N THR B 341 11.33 0.62 46.62
CA THR B 341 10.52 0.35 45.48
C THR B 341 9.29 -0.33 46.08
N ALA B 342 8.13 0.07 45.58
CA ALA B 342 6.87 -0.49 46.06
C ALA B 342 6.11 -1.06 44.88
N ALA B 343 5.55 -2.26 45.05
CA ALA B 343 4.87 -2.95 43.97
C ALA B 343 3.78 -3.83 44.55
N SER B 344 2.75 -4.06 43.73
CA SER B 344 1.61 -4.88 44.12
C SER B 344 1.04 -5.52 42.88
N ALA B 345 0.41 -6.67 43.07
CA ALA B 345 -0.32 -7.32 42.01
C ALA B 345 -1.55 -7.94 42.64
N GLY B 346 -2.64 -7.90 41.91
CA GLY B 346 -3.84 -8.53 42.39
C GLY B 346 -4.58 -7.68 43.40
N VAL B 347 -5.40 -8.37 44.13
CA VAL B 347 -6.29 -7.79 45.13
C VAL B 347 -5.56 -7.58 46.45
N ASN B 348 -5.94 -6.51 47.14
CA ASN B 348 -5.51 -6.20 48.49
C ASN B 348 -6.69 -6.46 49.42
N GLU B 349 -6.39 -6.39 50.72
CA GLU B 349 -7.42 -6.67 51.71
C GLU B 349 -8.69 -5.89 51.41
N GLN B 350 -8.60 -4.58 51.25
CA GLN B 350 -9.80 -3.78 51.12
C GLN B 350 -10.60 -4.19 49.90
N MET B 351 -9.90 -4.40 48.78
CA MET B 351 -10.60 -4.88 47.59
C MET B 351 -11.03 -6.33 47.77
N ALA B 352 -10.32 -7.09 48.61
CA ALA B 352 -10.68 -8.49 48.81
C ALA B 352 -11.96 -8.62 49.63
N LYS B 353 -12.08 -7.80 50.67
CA LYS B 353 -13.27 -7.76 51.52
C LYS B 353 -14.44 -7.25 50.73
N GLU B 354 -14.23 -6.26 49.85
CA GLU B 354 -15.37 -5.80 49.10
C GLU B 354 -15.81 -6.77 48.02
N ALA B 355 -14.94 -7.64 47.52
CA ALA B 355 -15.42 -8.67 46.61
C ALA B 355 -16.08 -9.85 47.34
N GLY B 356 -16.11 -9.82 48.67
CA GLY B 356 -16.67 -10.89 49.46
C GLY B 356 -15.82 -12.13 49.52
N LEU B 357 -14.55 -12.04 49.18
CA LEU B 357 -13.75 -13.25 49.17
C LEU B 357 -13.25 -13.57 50.55
N ASP B 358 -13.04 -14.85 50.77
CA ASP B 358 -12.68 -15.43 52.05
C ASP B 358 -11.20 -15.78 51.93
N TYR B 359 -10.36 -15.11 52.71
CA TYR B 359 -8.95 -15.18 52.39
C TYR B 359 -8.15 -15.17 53.68
N PHE B 360 -6.87 -15.53 53.57
CA PHE B 360 -5.93 -15.37 54.67
C PHE B 360 -4.66 -14.76 54.10
N THR B 361 -3.86 -14.19 55.02
CA THR B 361 -2.75 -13.27 54.73
C THR B 361 -1.44 -13.80 55.30
N VAL B 362 -0.32 -13.45 54.67
CA VAL B 362 0.97 -13.74 55.29
C VAL B 362 2.06 -12.76 54.87
N ILE B 363 2.98 -12.50 55.79
CA ILE B 363 4.09 -11.57 55.55
C ILE B 363 5.40 -12.27 55.91
N ALA B 364 6.34 -12.29 54.96
CA ALA B 364 7.65 -12.91 55.19
C ALA B 364 8.73 -12.23 54.34
N PRO B 365 9.45 -11.27 54.92
CA PRO B 365 10.64 -10.74 54.25
C PRO B 365 11.75 -11.77 54.15
N SER B 366 12.60 -11.59 53.16
CA SER B 366 13.58 -12.60 52.80
C SER B 366 14.64 -11.91 51.97
N PRO B 367 15.82 -12.50 51.85
CA PRO B 367 16.88 -11.79 51.13
C PRO B 367 16.65 -11.78 49.62
N ASP B 368 16.97 -10.63 49.04
CA ASP B 368 17.06 -10.38 47.60
C ASP B 368 18.07 -11.32 46.89
N ARG B 369 19.16 -11.63 47.57
CA ARG B 369 20.19 -12.50 47.03
C ARG B 369 20.84 -13.27 48.16
N ALA B 370 21.72 -14.21 47.81
CA ALA B 370 22.40 -14.99 48.84
C ALA B 370 22.97 -14.06 49.89
N HIS B 371 22.68 -14.37 51.17
CA HIS B 371 23.04 -13.44 52.25
C HIS B 371 24.52 -13.14 52.27
N TYR B 372 25.37 -14.13 51.98
CA TYR B 372 26.79 -13.83 52.00
C TYR B 372 27.23 -12.96 50.84
N TYR B 373 26.41 -12.88 49.75
CA TYR B 373 26.74 -12.13 48.53
C TYR B 373 26.54 -10.63 48.77
N PRO B 374 27.38 -9.77 48.17
CA PRO B 374 27.33 -8.34 48.48
C PRO B 374 26.08 -7.62 48.04
N GLN B 375 25.70 -6.60 48.83
CA GLN B 375 24.52 -5.75 48.67
C GLN B 375 23.19 -6.52 48.78
N ALA B 376 23.16 -7.66 49.44
CA ALA B 376 21.89 -8.31 49.65
C ALA B 376 21.00 -7.38 50.48
N ASN B 377 19.75 -7.20 50.06
CA ASN B 377 18.79 -6.48 50.88
C ASN B 377 17.67 -7.44 51.27
N TYR B 378 16.84 -6.98 52.21
CA TYR B 378 15.70 -7.78 52.63
C TYR B 378 14.46 -7.16 52.01
N ILE B 379 13.91 -7.80 51.04
CA ILE B 379 12.66 -7.28 50.56
C ILE B 379 11.58 -7.87 51.46
N ARG B 380 10.46 -7.15 51.67
CA ARG B 380 9.32 -7.67 52.42
C ARG B 380 8.16 -7.93 51.47
N LEU B 381 7.66 -9.17 51.45
CA LEU B 381 6.50 -9.56 50.66
C LEU B 381 5.28 -9.79 51.55
N LYS B 382 4.12 -9.36 51.08
CA LYS B 382 2.86 -9.77 51.67
C LYS B 382 2.12 -10.52 50.59
N LEU B 383 1.50 -11.63 51.00
CA LEU B 383 0.79 -12.53 50.11
C LEU B 383 -0.62 -12.70 50.65
N ILE B 384 -1.62 -12.54 49.79
CA ILE B 384 -3.02 -12.72 50.14
C ILE B 384 -3.55 -13.90 49.34
N VAL B 385 -3.80 -15.02 50.02
CA VAL B 385 -4.29 -16.25 49.39
C VAL B 385 -5.73 -16.52 49.80
N GLU B 386 -6.48 -17.12 48.88
CA GLU B 386 -7.91 -17.39 49.08
C GLU B 386 -8.16 -18.79 49.60
N LYS B 387 -9.05 -18.91 50.60
CA LYS B 387 -9.21 -20.18 51.29
C LYS B 387 -9.97 -21.20 50.43
N GLY B 388 -9.78 -22.48 50.73
CA GLY B 388 -10.37 -23.53 49.91
C GLY B 388 -9.67 -23.79 48.60
N SER B 389 -9.65 -22.79 47.74
CA SER B 389 -8.95 -22.93 46.47
C SER B 389 -7.45 -22.91 46.68
N TRP B 390 -7.02 -22.18 47.72
CA TRP B 390 -5.64 -21.85 48.07
C TRP B 390 -4.94 -21.06 46.97
N ARG B 391 -5.66 -20.57 45.96
CA ARG B 391 -4.98 -19.85 44.90
C ARG B 391 -4.55 -18.46 45.41
N VAL B 392 -3.54 -17.90 44.76
CA VAL B 392 -2.92 -16.65 45.24
C VAL B 392 -3.59 -15.47 44.54
N ILE B 393 -4.26 -14.63 45.34
CA ILE B 393 -5.11 -13.57 44.80
C ILE B 393 -4.53 -12.19 45.00
N GLY B 394 -3.43 -12.04 45.74
CA GLY B 394 -2.80 -10.74 45.74
C GLY B 394 -1.43 -10.80 46.35
N ALA B 395 -0.48 -10.02 45.84
CA ALA B 395 0.83 -9.95 46.45
C ALA B 395 1.28 -8.50 46.47
N GLN B 396 1.99 -8.13 47.53
CA GLN B 396 2.59 -6.81 47.67
C GLN B 396 4.03 -6.96 48.13
N GLY B 397 4.90 -6.13 47.60
CA GLY B 397 6.27 -6.12 48.06
C GLY B 397 6.77 -4.71 48.13
N VAL B 398 7.59 -4.37 49.14
CA VAL B 398 8.17 -3.05 49.30
C VAL B 398 9.60 -3.18 49.80
N GLY B 399 10.40 -2.15 49.56
CA GLY B 399 11.66 -2.06 50.24
C GLY B 399 12.81 -1.73 49.32
N MET B 400 13.99 -1.75 49.91
CA MET B 400 15.22 -1.62 49.16
C MET B 400 15.52 -2.96 48.50
N GLY B 401 16.39 -2.93 47.53
CA GLY B 401 16.73 -4.15 46.84
C GLY B 401 15.77 -4.52 45.73
N GLU B 402 15.81 -5.79 45.33
CA GLU B 402 15.15 -6.24 44.11
C GLU B 402 13.74 -6.75 44.42
N VAL B 403 12.80 -5.82 44.50
CA VAL B 403 11.44 -6.22 44.79
C VAL B 403 10.66 -6.46 43.48
N ALA B 404 10.98 -5.69 42.43
CA ALA B 404 10.16 -5.67 41.22
C ALA B 404 10.06 -7.06 40.62
N LYS B 405 11.17 -7.77 40.56
CA LYS B 405 11.17 -9.10 39.98
C LYS B 405 10.16 -10.03 40.65
N ARG B 406 10.14 -10.08 41.99
CA ARG B 406 9.23 -11.03 42.61
C ARG B 406 7.76 -10.65 42.42
N ILE B 407 7.44 -9.37 42.29
CA ILE B 407 6.03 -9.07 42.06
C ILE B 407 5.68 -9.41 40.63
N ASP B 408 6.66 -9.37 39.73
CA ASP B 408 6.38 -9.84 38.39
C ASP B 408 6.10 -11.34 38.42
N VAL B 409 6.89 -12.09 39.20
CA VAL B 409 6.66 -13.54 39.23
C VAL B 409 5.33 -13.85 39.90
N LEU B 410 5.04 -13.19 41.02
CA LEU B 410 3.77 -13.48 41.68
C LEU B 410 2.59 -13.00 40.87
N SER B 411 2.73 -11.90 40.12
CA SER B 411 1.64 -11.43 39.27
C SER B 411 1.36 -12.40 38.13
N THR B 412 2.43 -12.96 37.52
CA THR B 412 2.25 -14.03 36.53
C THR B 412 1.57 -15.24 37.18
N ALA B 413 2.02 -15.61 38.37
CA ALA B 413 1.43 -16.71 39.14
C ALA B 413 -0.06 -16.45 39.42
N ILE B 414 -0.39 -15.22 39.83
CA ILE B 414 -1.78 -14.88 40.07
C ILE B 414 -2.60 -15.04 38.79
N GLN B 415 -2.09 -14.49 37.68
CA GLN B 415 -2.85 -14.54 36.44
C GLN B 415 -2.99 -15.93 35.87
N ALA B 416 -2.12 -16.86 36.29
CA ALA B 416 -2.28 -18.26 35.95
C ALA B 416 -3.12 -19.02 36.96
N GLY B 417 -3.58 -18.35 38.01
CA GLY B 417 -4.35 -19.03 39.03
C GLY B 417 -3.61 -20.04 39.87
N MET B 418 -2.27 -19.91 39.98
CA MET B 418 -1.45 -20.87 40.72
C MET B 418 -1.81 -20.89 42.20
N THR B 419 -1.76 -22.07 42.80
CA THR B 419 -2.04 -22.21 44.23
C THR B 419 -0.74 -22.09 44.99
N ILE B 420 -0.83 -21.77 46.29
CA ILE B 420 0.40 -21.65 47.05
C ILE B 420 1.19 -22.95 46.97
N ASP B 421 0.47 -24.05 46.87
CA ASP B 421 1.04 -25.37 46.75
C ASP B 421 1.90 -25.45 45.49
N GLN B 422 1.42 -24.92 44.36
CA GLN B 422 2.22 -24.99 43.18
C GLN B 422 3.21 -23.82 43.13
N LEU B 423 2.86 -22.68 43.72
CA LEU B 423 3.83 -21.60 43.78
C LEU B 423 5.13 -22.08 44.44
N ALA B 424 5.02 -22.91 45.48
CA ALA B 424 6.18 -23.39 46.20
C ALA B 424 7.14 -24.23 45.37
N ASN B 425 6.71 -24.87 44.28
CA ASN B 425 7.59 -25.73 43.48
C ASN B 425 8.11 -25.07 42.21
N LEU B 426 7.86 -23.78 42.05
CA LEU B 426 8.10 -23.12 40.79
C LEU B 426 9.60 -23.07 40.53
N ASP B 427 10.02 -23.53 39.36
CA ASP B 427 11.45 -23.52 39.05
C ASP B 427 11.83 -22.11 38.65
N LEU B 428 12.67 -21.46 39.48
CA LEU B 428 13.15 -20.13 39.17
C LEU B 428 14.62 -20.16 38.82
N ALA B 429 15.11 -18.99 38.41
CA ALA B 429 16.49 -18.80 38.03
C ALA B 429 17.24 -18.38 39.29
N TYR B 430 17.98 -19.31 39.87
CA TYR B 430 18.70 -19.03 41.10
C TYR B 430 20.20 -19.14 40.91
N ALA B 431 20.90 -18.14 41.40
CA ALA B 431 22.34 -18.14 41.53
C ALA B 431 22.66 -17.10 42.59
N PRO B 432 23.71 -17.30 43.37
CA PRO B 432 23.91 -16.49 44.55
C PRO B 432 23.81 -15.01 44.24
N PRO B 433 24.29 -14.52 43.08
CA PRO B 433 24.19 -13.09 42.84
C PRO B 433 22.79 -12.62 42.49
N TYR B 434 21.82 -13.52 42.30
CA TYR B 434 20.48 -13.12 41.88
C TYR B 434 19.38 -13.47 42.87
N SER B 435 19.54 -14.53 43.66
CA SER B 435 18.53 -14.89 44.64
C SER B 435 19.15 -15.83 45.66
N PRO B 436 18.44 -16.13 46.70
CA PRO B 436 18.89 -17.13 47.66
C PRO B 436 18.53 -18.48 47.02
N ALA B 437 18.76 -19.61 47.66
CA ALA B 437 18.40 -20.88 47.03
C ALA B 437 16.91 -20.94 46.77
N LEU B 438 16.14 -20.50 47.74
CA LEU B 438 14.71 -20.49 47.60
C LEU B 438 14.35 -19.05 47.48
N ASP B 439 13.78 -18.65 46.37
CA ASP B 439 13.45 -17.26 46.14
C ASP B 439 12.44 -16.77 47.11
N PRO B 440 12.62 -15.58 47.61
CA PRO B 440 11.62 -15.05 48.55
C PRO B 440 10.17 -15.42 48.20
N VAL B 441 9.89 -15.57 46.89
CA VAL B 441 8.58 -15.98 46.40
C VAL B 441 8.27 -17.39 46.86
N ILE B 442 9.24 -18.27 46.75
CA ILE B 442 9.07 -19.65 47.22
C ILE B 442 8.90 -19.67 48.74
N THR B 443 9.70 -18.87 49.46
CA THR B 443 9.67 -18.99 50.90
C THR B 443 8.33 -18.49 51.43
N ILE B 444 7.84 -17.36 50.90
CA ILE B 444 6.51 -16.90 51.34
C ILE B 444 5.44 -17.94 50.97
N ALA B 445 5.60 -18.62 49.81
CA ALA B 445 4.67 -19.72 49.49
C ALA B 445 4.67 -20.76 50.61
N ASN B 446 5.86 -21.11 51.10
CA ASN B 446 5.99 -22.14 52.12
C ASN B 446 5.39 -21.68 53.44
N VAL B 447 5.62 -20.42 53.80
CA VAL B 447 5.08 -19.87 55.05
C VAL B 447 3.56 -19.82 55.00
N ALA B 448 3.01 -19.46 53.84
CA ALA B 448 1.57 -19.53 53.65
C ALA B 448 1.08 -20.97 53.85
N MET B 449 1.78 -21.96 53.25
CA MET B 449 1.35 -23.33 53.50
C MET B 449 1.50 -23.72 54.98
N ASN B 450 2.34 -23.02 55.74
CA ASN B 450 2.43 -23.32 57.16
C ASN B 450 1.25 -22.75 57.93
N LYS B 451 0.81 -21.52 57.62
CA LYS B 451 -0.41 -21.04 58.25
C LYS B 451 -1.59 -21.93 57.89
N ARG B 452 -1.77 -22.19 56.60
CA ARG B 452 -2.85 -23.06 56.16
C ARG B 452 -2.77 -24.41 56.89
N ASP B 453 -1.59 -25.03 56.88
CA ASP B 453 -1.37 -26.31 57.55
C ASP B 453 -1.45 -26.21 59.09
N GLY B 454 -1.72 -25.03 59.63
CA GLY B 454 -1.92 -24.76 61.05
C GLY B 454 -0.67 -24.70 61.91
N LEU B 455 0.53 -24.74 61.32
CA LEU B 455 1.76 -24.90 62.10
C LEU B 455 2.14 -23.64 62.85
N PHE B 456 1.57 -22.49 62.53
CA PHE B 456 1.78 -21.32 63.37
C PHE B 456 0.60 -20.36 63.25
N GLU B 457 0.46 -19.52 64.28
CA GLU B 457 -0.52 -18.44 64.39
C GLU B 457 0.21 -17.09 64.43
N GLY B 458 -0.16 -16.16 63.55
CA GLY B 458 0.55 -14.89 63.42
C GLY B 458 -0.22 -13.66 63.91
N ILE B 459 0.55 -12.61 64.17
CA ILE B 459 0.07 -11.33 64.64
C ILE B 459 0.56 -10.17 63.77
N ASN B 460 -0.31 -9.19 63.64
CA ASN B 460 -0.12 -7.98 62.89
C ASN B 460 0.75 -7.16 63.77
N VAL B 461 1.44 -6.19 63.23
CA VAL B 461 2.35 -5.40 64.04
C VAL B 461 1.68 -4.50 65.04
N PHE B 462 0.37 -4.32 64.92
CA PHE B 462 -0.30 -3.46 65.86
C PHE B 462 -0.62 -4.23 67.14
N GLU B 463 -0.01 -3.77 68.23
CA GLU B 463 -0.11 -4.43 69.54
C GLU B 463 -0.42 -3.56 70.76
N LEU B 464 -1.15 -4.20 71.65
CA LEU B 464 -1.63 -3.69 72.91
C LEU B 464 -0.58 -3.33 73.97
N LYS B 465 -0.71 -2.14 74.56
CA LYS B 465 0.23 -1.69 75.58
C LYS B 465 1.60 -2.34 75.40
N ASP B 472 -2.16 -9.62 79.30
CA ASP B 472 -1.00 -10.01 80.07
C ASP B 472 -0.24 -11.02 79.28
N ILE B 473 0.56 -10.52 78.38
CA ILE B 473 1.27 -11.38 77.50
C ILE B 473 2.73 -11.14 77.53
N VAL B 474 3.46 -12.17 77.19
CA VAL B 474 4.88 -12.07 77.18
C VAL B 474 5.35 -12.05 75.78
N ILE B 475 6.20 -11.08 75.48
CA ILE B 475 6.85 -10.98 74.18
C ILE B 475 8.22 -11.63 74.28
N LEU B 476 8.36 -12.76 73.60
CA LEU B 476 9.64 -13.47 73.55
C LEU B 476 10.44 -13.03 72.31
N ASP B 477 11.60 -12.45 72.56
CA ASP B 477 12.50 -12.01 71.51
C ASP B 477 13.64 -13.02 71.48
N VAL B 478 13.69 -13.79 70.41
CA VAL B 478 14.71 -14.82 70.30
C VAL B 478 15.90 -14.37 69.48
N ARG B 479 16.20 -13.09 69.46
CA ARG B 479 17.32 -12.55 68.69
C ARG B 479 18.60 -12.10 69.42
N SER B 480 19.73 -12.38 68.79
CA SER B 480 21.07 -12.11 69.32
C SER B 480 21.49 -10.67 69.53
N GLU B 481 21.15 -9.79 68.60
CA GLU B 481 21.55 -8.40 68.71
C GLU B 481 20.41 -7.48 69.09
N GLU B 482 20.63 -6.70 70.14
CA GLU B 482 19.64 -5.78 70.61
C GLU B 482 20.05 -4.35 70.36
N GLU B 483 19.14 -3.68 69.65
CA GLU B 483 19.20 -2.30 69.25
C GLU B 483 17.79 -2.06 68.74
N ARG B 488 15.16 -2.57 69.68
CA ARG B 488 14.44 -3.50 70.55
C ARG B 488 13.06 -2.94 70.93
N ILE B 489 12.04 -3.80 70.97
CA ILE B 489 10.75 -3.46 71.56
C ILE B 489 10.99 -3.08 73.02
N GLU B 490 10.97 -1.78 73.31
CA GLU B 490 11.29 -1.31 74.67
C GLU B 490 10.02 -1.36 75.51
N SER B 491 9.97 -2.34 76.42
CA SER B 491 8.85 -2.60 77.31
C SER B 491 9.39 -3.53 78.39
N GLU B 492 8.66 -3.61 79.50
CA GLU B 492 9.02 -4.52 80.58
C GLU B 492 8.33 -5.87 80.44
N LYS B 493 7.63 -6.11 79.33
CA LYS B 493 7.01 -7.41 79.07
C LYS B 493 7.79 -8.22 78.05
N VAL B 494 9.05 -7.86 77.80
CA VAL B 494 9.90 -8.47 76.76
C VAL B 494 10.96 -9.36 77.39
N ILE B 495 11.02 -10.61 76.95
CA ILE B 495 11.97 -11.61 77.42
C ILE B 495 13.00 -11.79 76.31
N HIS B 496 14.27 -11.66 76.68
CA HIS B 496 15.31 -11.84 75.68
C HIS B 496 16.09 -13.13 75.93
N ILE B 497 15.98 -14.04 74.96
CA ILE B 497 16.72 -15.31 74.95
C ILE B 497 17.09 -15.68 73.51
N PRO B 498 18.38 -15.68 73.16
CA PRO B 498 18.76 -16.01 71.77
C PRO B 498 18.30 -17.41 71.38
N ILE B 499 18.07 -17.60 70.07
CA ILE B 499 17.37 -18.81 69.67
C ILE B 499 18.22 -20.04 70.00
N LEU B 500 19.53 -19.95 69.79
CA LEU B 500 20.44 -21.06 70.07
C LEU B 500 20.50 -21.49 71.54
N GLU B 501 20.03 -20.63 72.45
CA GLU B 501 20.06 -20.92 73.85
C GLU B 501 18.71 -21.30 74.37
N LEU B 502 17.69 -21.16 73.57
CA LEU B 502 16.33 -21.39 74.02
C LEU B 502 15.96 -22.77 74.49
N ARG B 503 16.43 -23.80 73.82
CA ARG B 503 16.07 -25.15 74.25
C ARG B 503 16.60 -25.39 75.63
N GLU B 504 17.81 -24.93 75.90
CA GLU B 504 18.40 -25.14 77.21
C GLU B 504 17.65 -24.43 78.33
N ARG B 505 17.27 -23.18 78.13
CA ARG B 505 16.61 -22.45 79.19
C ARG B 505 15.21 -21.92 78.95
N LEU B 506 14.20 -22.68 79.29
CA LEU B 506 12.83 -22.29 79.07
C LEU B 506 12.12 -22.04 80.37
N ASP B 507 12.84 -21.52 81.34
CA ASP B 507 12.34 -21.35 82.69
C ASP B 507 11.69 -19.98 82.92
N GLU B 508 12.11 -18.96 82.18
CA GLU B 508 11.47 -17.66 82.28
C GLU B 508 10.27 -17.56 81.41
N ILE B 509 9.92 -18.59 80.65
CA ILE B 509 8.85 -18.60 79.75
C ILE B 509 7.69 -19.37 80.38
N PRO B 510 6.59 -18.67 80.58
CA PRO B 510 5.44 -19.18 81.27
C PRO B 510 4.48 -19.89 80.38
N ARG B 511 4.26 -21.17 80.66
CA ARG B 511 3.37 -21.95 79.84
C ARG B 511 1.98 -21.38 79.96
N ASP B 512 1.80 -20.68 81.07
CA ASP B 512 0.54 -20.13 81.46
C ASP B 512 0.17 -18.75 80.93
N LYS B 513 1.01 -18.16 80.11
CA LYS B 513 0.70 -16.87 79.52
C LYS B 513 0.72 -17.00 78.01
N GLU B 514 0.10 -16.06 77.30
CA GLU B 514 0.10 -16.12 75.85
C GLU B 514 1.41 -15.49 75.40
N ILE B 515 2.27 -16.26 74.75
CA ILE B 515 3.56 -15.69 74.35
C ILE B 515 3.68 -15.31 72.91
N VAL B 516 4.22 -14.14 72.65
CA VAL B 516 4.40 -13.70 71.28
C VAL B 516 5.86 -13.71 70.95
N VAL B 517 6.27 -14.60 70.06
CA VAL B 517 7.67 -14.70 69.66
C VAL B 517 7.98 -13.64 68.61
N VAL B 518 9.04 -12.87 68.84
CA VAL B 518 9.42 -11.78 67.94
C VAL B 518 10.91 -11.91 67.58
N CYS B 519 11.20 -11.99 66.29
CA CYS B 519 12.56 -12.13 65.79
C CYS B 519 12.85 -10.97 64.85
N ALA B 520 13.99 -11.02 64.18
CA ALA B 520 14.37 -9.91 63.31
C ALA B 520 13.46 -9.82 62.09
N ILE B 521 13.25 -10.95 61.42
CA ILE B 521 12.46 -11.01 60.21
C ILE B 521 11.30 -11.98 60.30
N GLY B 522 11.24 -12.84 61.33
CA GLY B 522 10.18 -13.81 61.46
C GLY B 522 10.63 -15.24 61.27
N LEU B 523 11.87 -15.47 60.78
CA LEU B 523 12.35 -16.81 60.42
C LEU B 523 12.59 -17.64 61.66
N ARG B 524 13.43 -17.10 62.57
CA ARG B 524 13.69 -17.73 63.84
C ARG B 524 12.51 -17.65 64.75
N SER B 525 11.59 -16.72 64.53
CA SER B 525 10.34 -16.78 65.24
C SER B 525 9.62 -18.07 64.90
N PHE B 526 9.61 -18.44 63.62
CA PHE B 526 8.98 -19.70 63.29
C PHE B 526 9.67 -20.86 64.01
N GLU B 527 10.99 -20.95 63.87
CA GLU B 527 11.59 -22.17 64.41
C GLU B 527 11.59 -22.15 65.92
N ALA B 528 11.43 -20.98 66.52
CA ALA B 528 11.22 -20.91 67.96
C ALA B 528 9.82 -21.41 68.33
N SER B 529 8.80 -20.84 67.68
CA SER B 529 7.42 -21.20 68.00
C SER B 529 7.19 -22.70 67.89
N ARG B 530 7.80 -23.37 66.90
CA ARG B 530 7.51 -24.80 66.79
C ARG B 530 8.10 -25.60 67.94
N ILE B 531 9.31 -25.24 68.37
CA ILE B 531 9.86 -25.95 69.54
C ILE B 531 9.04 -25.68 70.81
N LEU B 532 8.58 -24.43 71.03
CA LEU B 532 7.69 -24.23 72.17
C LEU B 532 6.42 -25.08 72.03
N LYS B 533 5.83 -25.15 70.83
CA LYS B 533 4.64 -25.99 70.65
C LYS B 533 4.93 -27.42 71.04
N HIS B 534 6.16 -27.89 70.74
CA HIS B 534 6.49 -29.25 71.17
C HIS B 534 6.78 -29.33 72.67
N ALA B 535 7.36 -28.29 73.24
CA ALA B 535 7.46 -28.10 74.67
C ALA B 535 6.09 -27.84 75.36
N GLY B 536 4.93 -27.95 74.71
CA GLY B 536 3.65 -27.78 75.38
C GLY B 536 3.19 -26.36 75.64
N PHE B 537 3.57 -25.41 74.80
CA PHE B 537 3.19 -24.01 74.95
C PHE B 537 1.96 -23.76 74.12
N GLU B 538 0.79 -23.72 74.76
CA GLU B 538 -0.44 -23.82 73.97
C GLU B 538 -0.78 -22.52 73.25
N LYS B 539 -0.15 -21.40 73.65
CA LYS B 539 -0.61 -20.09 73.21
C LYS B 539 0.60 -19.21 72.88
N VAL B 540 1.25 -19.50 71.74
CA VAL B 540 2.30 -18.62 71.22
C VAL B 540 1.93 -18.13 69.83
N LYS B 541 2.17 -16.86 69.57
CA LYS B 541 1.93 -16.26 68.28
C LYS B 541 3.23 -15.63 67.77
N ILE B 542 3.25 -15.27 66.49
CA ILE B 542 4.45 -14.74 65.87
C ILE B 542 4.13 -13.39 65.26
N LEU B 543 5.07 -12.47 65.41
CA LEU B 543 4.92 -11.18 64.81
C LEU B 543 5.44 -11.34 63.41
N GLU B 544 4.55 -11.28 62.43
CA GLU B 544 4.98 -11.44 61.07
C GLU B 544 5.72 -10.24 60.57
N GLY B 545 6.88 -10.49 60.01
CA GLY B 545 7.75 -9.46 59.49
C GLY B 545 8.80 -9.07 60.48
N GLY B 546 8.59 -9.50 61.71
CA GLY B 546 9.55 -9.26 62.73
C GLY B 546 9.69 -7.80 62.94
N MET B 547 10.84 -7.44 63.46
CA MET B 547 11.17 -6.08 63.77
C MET B 547 11.15 -5.27 62.54
N ALA B 548 11.47 -5.88 61.42
CA ALA B 548 11.55 -5.02 60.23
C ALA B 548 10.33 -4.14 60.11
N PHE B 549 9.21 -4.58 60.66
CA PHE B 549 7.98 -3.81 60.58
C PHE B 549 7.80 -2.90 61.79
N TRP B 550 8.44 -3.25 62.89
CA TRP B 550 8.29 -2.45 64.10
C TRP B 550 8.90 -1.07 63.89
N PHE B 551 8.27 -0.10 64.53
CA PHE B 551 8.62 1.31 64.45
C PHE B 551 8.06 1.99 65.70
N MET C 1 9.47 -42.50 66.16
CA MET C 1 10.20 -42.97 65.00
C MET C 1 11.55 -42.32 64.99
N ASN C 2 12.57 -43.04 64.60
CA ASN C 2 13.87 -42.40 64.48
C ASN C 2 14.31 -42.43 63.01
N VAL C 3 14.80 -41.29 62.51
CA VAL C 3 15.06 -41.03 61.09
C VAL C 3 16.54 -40.82 60.82
N VAL C 4 17.02 -41.43 59.74
CA VAL C 4 18.42 -41.31 59.34
C VAL C 4 18.54 -40.60 58.00
N VAL C 5 19.57 -39.76 57.86
CA VAL C 5 19.79 -38.98 56.65
C VAL C 5 21.26 -39.15 56.25
N ILE C 6 21.48 -39.75 55.09
CA ILE C 6 22.84 -39.92 54.58
C ILE C 6 23.26 -38.68 53.81
N GLY C 7 24.23 -37.96 54.38
CA GLY C 7 24.81 -36.75 53.85
C GLY C 7 24.19 -35.49 54.41
N GLY C 8 25.03 -34.47 54.56
CA GLY C 8 24.51 -33.23 55.04
C GLY C 8 24.52 -32.12 54.00
N GLY C 9 24.10 -32.43 52.77
CA GLY C 9 23.94 -31.40 51.79
C GLY C 9 22.68 -30.60 52.05
N ALA C 10 22.35 -29.76 51.06
CA ALA C 10 21.12 -28.98 51.11
C ALA C 10 19.91 -29.89 51.31
N ALA C 11 19.81 -30.95 50.50
CA ALA C 11 18.66 -31.84 50.59
C ALA C 11 18.62 -32.53 51.94
N GLY C 12 19.74 -33.11 52.37
CA GLY C 12 19.74 -33.80 53.65
C GLY C 12 19.24 -32.93 54.78
N LEU C 13 19.77 -31.72 54.91
CA LEU C 13 19.44 -30.92 56.08
C LEU C 13 18.08 -30.24 55.98
N LYS C 14 17.62 -29.90 54.78
CA LYS C 14 16.26 -29.39 54.71
C LYS C 14 15.27 -30.48 55.10
N ALA C 15 15.53 -31.71 54.67
CA ALA C 15 14.75 -32.85 55.15
C ALA C 15 14.78 -32.94 56.68
N ALA C 16 15.98 -33.01 57.26
CA ALA C 16 16.10 -33.10 58.71
C ALA C 16 15.33 -31.98 59.42
N SER C 17 15.43 -30.75 58.90
CA SER C 17 14.84 -29.58 59.54
C SER C 17 13.33 -29.58 59.43
N ARG C 18 12.80 -29.96 58.27
CA ARG C 18 11.35 -29.99 58.11
C ARG C 18 10.74 -31.05 59.00
N ILE C 19 11.35 -32.23 59.01
CA ILE C 19 10.90 -33.31 59.90
C ILE C 19 10.95 -32.84 61.34
N ARG C 20 11.99 -32.08 61.69
CA ARG C 20 12.08 -31.59 63.06
C ARG C 20 11.00 -30.57 63.38
N ARG C 21 10.64 -29.69 62.43
CA ARG C 21 9.57 -28.74 62.71
C ARG C 21 8.20 -29.41 62.84
N LYS C 22 8.01 -30.60 62.26
CA LYS C 22 6.71 -31.27 62.36
C LYS C 22 6.67 -32.45 63.34
N ASP C 23 7.80 -32.96 63.82
CA ASP C 23 7.80 -34.02 64.82
C ASP C 23 8.83 -33.64 65.88
N GLY C 24 8.37 -33.19 67.05
CA GLY C 24 9.33 -32.83 68.09
C GLY C 24 9.92 -34.00 68.84
N ASP C 25 9.29 -35.18 68.73
CA ASP C 25 9.75 -36.36 69.43
C ASP C 25 10.70 -37.22 68.61
N ALA C 26 10.76 -37.03 67.29
CA ALA C 26 11.54 -37.93 66.46
C ALA C 26 13.02 -37.84 66.78
N SER C 27 13.71 -38.95 66.57
CA SER C 27 15.17 -38.97 66.61
C SER C 27 15.68 -38.75 65.19
N ILE C 28 16.47 -37.70 64.97
CA ILE C 28 17.02 -37.42 63.65
C ILE C 28 18.53 -37.43 63.69
N THR C 29 19.10 -38.38 62.96
CA THR C 29 20.54 -38.51 62.79
C THR C 29 20.88 -38.28 61.33
N VAL C 30 21.89 -37.45 61.10
CA VAL C 30 22.40 -37.20 59.76
C VAL C 30 23.87 -37.59 59.74
N VAL C 31 24.25 -38.44 58.80
CA VAL C 31 25.63 -38.90 58.70
C VAL C 31 26.30 -38.12 57.59
N GLU C 32 27.51 -37.63 57.87
CA GLU C 32 28.22 -36.77 56.93
C GLU C 32 29.62 -37.30 56.71
N ALA C 33 29.99 -37.51 55.46
CA ALA C 33 31.26 -38.16 55.19
C ALA C 33 32.48 -37.24 55.38
N GLY C 34 32.30 -35.93 55.29
CA GLY C 34 33.39 -34.98 55.39
C GLY C 34 33.35 -34.17 56.68
N LYS C 35 34.31 -33.25 56.80
CA LYS C 35 34.37 -32.39 57.98
C LYS C 35 33.29 -31.31 57.91
N TYR C 36 33.03 -30.78 56.73
CA TYR C 36 32.09 -29.69 56.50
C TYR C 36 30.67 -30.25 56.30
N VAL C 37 29.69 -29.41 56.65
CA VAL C 37 28.28 -29.74 56.46
C VAL C 37 27.50 -28.46 56.39
N SER C 38 26.42 -28.47 55.59
CA SER C 38 25.55 -27.32 55.38
C SER C 38 26.31 -26.18 54.69
N LEU C 39 27.39 -26.53 54.01
CA LEU C 39 28.20 -25.54 53.32
C LEU C 39 27.46 -25.07 52.10
N GLY C 40 27.39 -23.76 51.92
CA GLY C 40 26.76 -23.21 50.74
C GLY C 40 27.78 -23.32 49.65
N ARG C 41 27.78 -24.48 48.98
CA ARG C 41 28.75 -24.75 47.90
C ARG C 41 28.52 -23.84 46.71
N CYS C 42 27.27 -23.43 46.52
CA CYS C 42 26.93 -22.56 45.41
C CYS C 42 27.72 -21.26 45.43
N GLY C 43 28.31 -20.90 46.59
CA GLY C 43 29.13 -19.73 46.80
C GLY C 43 30.63 -19.91 46.68
N LEU C 44 31.13 -21.13 46.45
CA LEU C 44 32.56 -21.30 46.41
C LEU C 44 33.24 -20.51 45.28
N PRO C 45 32.67 -20.33 44.09
CA PRO C 45 33.36 -19.43 43.15
C PRO C 45 33.47 -18.06 43.75
N TYR C 46 32.40 -17.58 44.34
CA TYR C 46 32.43 -16.24 44.90
C TYR C 46 33.36 -16.15 46.09
N TYR C 47 33.71 -17.27 46.70
CA TYR C 47 34.79 -17.28 47.69
C TYR C 47 36.15 -17.14 47.02
N VAL C 48 36.44 -18.00 46.04
CA VAL C 48 37.71 -17.98 45.33
C VAL C 48 37.94 -16.61 44.70
N GLY C 49 36.92 -16.08 44.05
CA GLY C 49 37.05 -14.79 43.40
C GLY C 49 37.25 -13.65 44.35
N GLY C 50 37.13 -13.89 45.64
CA GLY C 50 37.45 -12.88 46.60
C GLY C 50 36.27 -12.07 47.06
N LEU C 51 35.11 -12.26 46.47
CA LEU C 51 33.95 -11.52 46.92
C LEU C 51 33.57 -11.88 48.31
N VAL C 52 33.69 -13.15 48.64
CA VAL C 52 33.29 -13.61 49.96
C VAL C 52 34.28 -13.64 51.12
N HIS C 53 35.58 -13.56 50.87
CA HIS C 53 36.52 -13.57 51.98
C HIS C 53 36.34 -14.86 52.77
N GLU C 54 36.22 -14.80 54.09
CA GLU C 54 36.30 -15.98 54.91
C GLU C 54 35.42 -17.08 54.38
N VAL C 55 35.96 -18.28 54.32
CA VAL C 55 35.26 -19.42 53.78
C VAL C 55 34.06 -19.89 54.55
N ASP C 56 34.03 -19.62 55.82
CA ASP C 56 32.93 -20.02 56.65
C ASP C 56 31.74 -19.18 56.36
N ASN C 57 31.92 -18.13 55.62
CA ASN C 57 30.82 -17.27 55.35
C ASN C 57 29.76 -18.05 54.62
N LEU C 58 30.20 -18.98 53.80
CA LEU C 58 29.27 -19.79 53.05
C LEU C 58 28.47 -20.56 54.02
N ARG C 59 29.07 -20.93 55.14
CA ARG C 59 28.37 -21.74 56.14
C ARG C 59 27.78 -20.98 57.33
N GLU C 60 27.66 -19.66 57.24
CA GLU C 60 27.09 -18.94 58.36
C GLU C 60 25.67 -18.46 58.12
N THR C 61 25.11 -17.95 59.20
CA THR C 61 23.75 -17.49 59.40
C THR C 61 23.66 -16.03 59.00
N THR C 62 22.42 -15.58 58.83
CA THR C 62 22.11 -14.20 58.47
C THR C 62 22.94 -13.20 59.29
N TYR C 63 22.85 -13.27 60.61
CA TYR C 63 23.61 -12.46 61.56
C TYR C 63 24.17 -13.38 62.63
N GLY C 64 24.86 -14.42 62.19
CA GLY C 64 25.40 -15.34 63.15
C GLY C 64 26.75 -15.91 62.80
N ALA C 65 26.86 -17.23 62.92
CA ALA C 65 28.14 -17.91 62.85
C ALA C 65 27.93 -19.39 62.52
N VAL C 66 29.02 -20.16 62.62
CA VAL C 66 29.20 -21.50 62.11
C VAL C 66 28.02 -22.45 62.32
N ARG C 67 27.49 -22.98 61.23
CA ARG C 67 26.47 -24.01 61.33
C ARG C 67 27.13 -25.37 61.24
N ASP C 68 27.86 -25.66 62.30
CA ASP C 68 28.41 -26.99 62.50
C ASP C 68 27.51 -27.78 63.45
N GLU C 69 27.97 -28.99 63.72
CA GLU C 69 27.17 -29.96 64.48
C GLU C 69 26.62 -29.36 65.76
N ALA C 70 27.41 -28.48 66.41
CA ALA C 70 26.95 -27.77 67.60
C ALA C 70 25.71 -26.92 67.32
N TYR C 71 25.73 -26.21 66.18
CA TYR C 71 24.54 -25.46 65.75
C TYR C 71 23.35 -26.38 65.64
N PHE C 72 23.46 -27.45 64.85
CA PHE C 72 22.31 -28.31 64.55
C PHE C 72 21.79 -29.09 65.75
N LYS C 73 22.64 -29.32 66.76
CA LYS C 73 22.21 -30.00 67.97
C LYS C 73 21.56 -29.00 68.93
N LYS C 74 22.23 -27.88 69.20
CA LYS C 74 21.66 -26.94 70.13
C LYS C 74 20.37 -26.33 69.60
N LEU C 75 20.34 -26.02 68.30
CA LEU C 75 19.22 -25.29 67.74
C LEU C 75 18.12 -26.22 67.23
N LYS C 76 18.49 -27.38 66.68
CA LYS C 76 17.48 -28.25 66.10
C LYS C 76 17.45 -29.65 66.69
N ASN C 77 18.24 -29.93 67.74
CA ASN C 77 18.27 -31.26 68.34
C ASN C 77 18.46 -32.33 67.26
N ILE C 78 19.30 -32.03 66.28
CA ILE C 78 19.61 -32.96 65.20
C ILE C 78 21.01 -33.48 65.47
N ASP C 79 21.17 -34.80 65.42
CA ASP C 79 22.46 -35.46 65.68
C ASP C 79 23.19 -35.57 64.34
N VAL C 80 24.17 -34.69 64.10
CA VAL C 80 24.92 -34.63 62.84
C VAL C 80 26.26 -35.28 63.10
N LEU C 81 26.51 -36.42 62.49
CA LEU C 81 27.76 -37.15 62.69
C LEU C 81 28.63 -36.80 61.51
N THR C 82 29.68 -36.06 61.79
CA THR C 82 30.66 -35.65 60.80
C THR C 82 31.73 -36.74 60.61
N GLU C 83 32.41 -36.68 59.46
CA GLU C 83 33.41 -37.65 59.03
C GLU C 83 32.96 -39.10 59.26
N THR C 84 31.64 -39.29 59.19
CA THR C 84 31.01 -40.60 59.23
C THR C 84 30.52 -40.97 57.82
N VAL C 85 31.05 -42.06 57.27
CA VAL C 85 30.64 -42.56 55.97
C VAL C 85 29.64 -43.68 56.14
N ALA C 86 28.56 -43.63 55.37
CA ALA C 86 27.59 -44.72 55.30
C ALA C 86 27.98 -45.66 54.15
N THR C 87 28.21 -46.95 54.47
CA THR C 87 28.69 -47.89 53.47
C THR C 87 27.70 -48.97 53.02
N GLU C 88 26.67 -49.28 53.80
CA GLU C 88 25.74 -50.33 53.44
C GLU C 88 24.34 -49.87 53.79
N ILE C 89 23.39 -50.10 52.90
CA ILE C 89 21.97 -49.98 53.25
C ILE C 89 21.31 -51.35 53.21
N ASP C 90 20.57 -51.70 54.27
CA ASP C 90 19.86 -52.98 54.42
C ASP C 90 18.37 -52.71 54.60
N ARG C 91 17.58 -53.01 53.57
CA ARG C 91 16.19 -52.59 53.60
C ARG C 91 15.33 -53.45 54.51
N SER C 92 15.63 -54.75 54.65
CA SER C 92 14.81 -55.62 55.50
C SER C 92 15.07 -55.36 56.98
N ARG C 93 16.33 -55.24 57.35
CA ARG C 93 16.65 -54.91 58.73
C ARG C 93 16.44 -53.44 59.05
N LYS C 94 16.20 -52.60 58.03
CA LYS C 94 16.03 -51.16 58.18
C LYS C 94 17.13 -50.52 59.04
N THR C 95 18.39 -50.78 58.61
CA THR C 95 19.61 -50.22 59.22
C THR C 95 20.55 -49.68 58.14
N VAL C 96 21.51 -48.86 58.59
CA VAL C 96 22.58 -48.35 57.74
C VAL C 96 23.89 -48.64 58.43
N LYS C 97 24.80 -49.31 57.74
CA LYS C 97 26.11 -49.56 58.32
C LYS C 97 26.98 -48.33 58.04
N ILE C 98 27.47 -47.70 59.10
CA ILE C 98 28.38 -46.57 58.99
C ILE C 98 29.72 -47.03 59.51
N VAL C 99 30.77 -46.30 59.16
CA VAL C 99 32.09 -46.49 59.78
C VAL C 99 32.48 -45.11 60.29
N ARG C 100 32.62 -44.96 61.60
CA ARG C 100 32.91 -43.68 62.26
C ARG C 100 34.30 -43.29 62.72
N ASN C 101 35.02 -44.16 63.39
CA ASN C 101 36.35 -43.81 63.86
C ASN C 101 37.23 -44.94 63.46
N GLY C 102 37.23 -45.23 62.19
CA GLY C 102 37.99 -46.36 61.71
C GLY C 102 37.37 -47.60 62.33
N SER C 103 36.14 -47.49 62.75
CA SER C 103 35.40 -48.55 63.35
C SER C 103 34.08 -48.51 62.67
N GLU C 104 33.36 -49.61 62.68
CA GLU C 104 32.09 -49.68 62.00
C GLU C 104 30.93 -49.89 62.94
N ASP C 105 29.96 -48.97 62.94
CA ASP C 105 28.80 -49.12 63.80
C ASP C 105 27.57 -49.21 62.90
N GLU C 106 26.39 -49.27 63.50
CA GLU C 106 25.17 -49.36 62.71
C GLU C 106 24.10 -48.44 63.26
N LEU C 107 23.25 -47.97 62.35
CA LEU C 107 22.16 -47.05 62.64
C LEU C 107 20.85 -47.69 62.22
N ASN C 108 19.90 -47.71 63.13
CA ASN C 108 18.55 -48.16 62.82
C ASN C 108 17.76 -47.01 62.23
N TYR C 109 16.86 -47.30 61.31
CA TYR C 109 16.06 -46.25 60.73
C TYR C 109 14.63 -46.67 60.60
N ASP C 110 13.72 -45.74 60.74
CA ASP C 110 12.32 -46.05 60.55
C ASP C 110 12.03 -45.54 59.15
N TYR C 111 12.52 -44.33 58.90
CA TYR C 111 12.45 -43.61 57.65
C TYR C 111 13.87 -43.19 57.39
N LEU C 112 14.34 -43.33 56.17
CA LEU C 112 15.70 -42.98 55.83
C LEU C 112 15.69 -42.04 54.67
N VAL C 113 16.60 -41.09 54.64
CA VAL C 113 16.69 -40.15 53.53
C VAL C 113 18.05 -40.32 52.85
N ILE C 114 18.04 -40.64 51.56
CA ILE C 114 19.30 -40.68 50.80
C ILE C 114 19.48 -39.32 50.13
N ALA C 115 20.53 -38.60 50.56
CA ALA C 115 20.85 -37.27 50.07
C ALA C 115 22.35 -37.16 49.87
N THR C 116 22.89 -38.04 49.04
CA THR C 116 24.33 -38.18 48.89
C THR C 116 24.93 -37.24 47.88
N GLY C 117 24.10 -36.48 47.14
CA GLY C 117 24.59 -35.54 46.15
C GLY C 117 25.27 -36.25 44.99
N ALA C 118 26.17 -35.53 44.32
CA ALA C 118 26.83 -36.03 43.10
C ALA C 118 28.32 -35.70 43.11
N ARG C 119 29.15 -36.66 42.69
CA ARG C 119 30.55 -36.37 42.49
C ARG C 119 30.75 -35.76 41.11
N PRO C 120 31.84 -35.02 40.88
CA PRO C 120 32.13 -34.56 39.53
C PRO C 120 32.61 -35.73 38.69
N ALA C 121 32.08 -35.82 37.48
CA ALA C 121 32.63 -36.77 36.52
C ALA C 121 34.00 -36.30 36.09
N LYS C 122 34.95 -37.22 36.10
CA LYS C 122 36.33 -36.87 35.81
C LYS C 122 36.69 -37.59 34.51
N PRO C 123 36.95 -36.87 33.42
CA PRO C 123 37.22 -37.51 32.12
C PRO C 123 38.48 -38.35 32.18
N PRO C 124 38.48 -39.51 31.53
CA PRO C 124 39.69 -40.34 31.54
C PRO C 124 40.81 -39.76 30.68
N ILE C 125 41.63 -38.93 31.30
CA ILE C 125 42.68 -38.23 30.61
C ILE C 125 43.97 -38.44 31.40
N GLU C 126 45.08 -38.62 30.69
CA GLU C 126 46.34 -38.81 31.40
C GLU C 126 46.74 -37.52 32.10
N GLY C 127 47.15 -37.64 33.37
CA GLY C 127 47.52 -36.54 34.22
C GLY C 127 46.37 -35.86 34.93
N ILE C 128 45.14 -36.38 34.81
CA ILE C 128 44.00 -35.73 35.44
C ILE C 128 44.09 -35.76 36.97
N GLU C 129 44.92 -36.65 37.50
CA GLU C 129 45.12 -36.76 38.95
C GLU C 129 46.42 -36.09 39.41
N ALA C 130 46.96 -35.23 38.56
CA ALA C 130 48.19 -34.50 38.82
C ALA C 130 47.91 -33.38 39.81
N GLU C 131 48.96 -32.78 40.34
CA GLU C 131 48.76 -31.84 41.42
C GLU C 131 48.55 -30.46 40.83
N GLY C 132 47.53 -29.76 41.28
CA GLY C 132 47.11 -28.57 40.56
C GLY C 132 45.87 -28.76 39.70
N VAL C 133 45.51 -29.99 39.39
CA VAL C 133 44.22 -30.26 38.76
C VAL C 133 43.18 -30.31 39.89
N VAL C 134 42.10 -29.54 39.73
CA VAL C 134 41.10 -29.37 40.76
C VAL C 134 39.70 -29.44 40.14
N THR C 135 38.69 -29.50 40.99
CA THR C 135 37.31 -29.26 40.64
C THR C 135 36.77 -28.26 41.64
N LEU C 136 35.71 -27.52 41.32
CA LEU C 136 35.16 -26.66 42.36
C LEU C 136 34.07 -27.35 43.16
N THR C 137 34.30 -28.54 43.72
CA THR C 137 33.15 -29.19 44.34
C THR C 137 33.07 -29.01 45.84
N SER C 138 34.13 -28.56 46.50
CA SER C 138 34.09 -28.53 47.95
C SER C 138 35.15 -27.56 48.49
N ALA C 139 34.97 -27.14 49.75
CA ALA C 139 35.81 -26.07 50.32
C ALA C 139 37.29 -26.44 50.33
N GLU C 140 37.61 -27.70 50.64
CA GLU C 140 39.00 -28.15 50.57
C GLU C 140 39.54 -27.99 49.14
N GLU C 141 38.71 -28.34 48.15
CA GLU C 141 39.13 -28.22 46.75
C GLU C 141 39.31 -26.74 46.38
N ALA C 142 38.48 -25.88 46.94
CA ALA C 142 38.55 -24.45 46.70
C ALA C 142 39.76 -23.77 47.24
N GLU C 143 40.11 -24.11 48.45
CA GLU C 143 41.27 -23.53 49.08
C GLU C 143 42.55 -23.93 48.44
N LYS C 144 42.64 -25.15 47.94
CA LYS C 144 43.87 -25.60 47.32
C LYS C 144 44.14 -24.66 46.21
N ILE C 145 43.10 -24.27 45.52
CA ILE C 145 43.25 -23.40 44.40
C ILE C 145 43.84 -22.08 44.83
N ILE C 146 43.33 -21.56 45.92
CA ILE C 146 43.84 -20.30 46.42
C ILE C 146 45.27 -20.40 46.87
N GLU C 147 45.63 -21.56 47.44
CA GLU C 147 46.98 -21.82 47.89
C GLU C 147 47.91 -21.71 46.69
N MET C 148 47.50 -22.32 45.57
CA MET C 148 48.33 -22.24 44.38
C MET C 148 48.42 -20.82 43.89
N TRP C 149 47.43 -20.00 44.25
CA TRP C 149 47.56 -18.60 43.90
C TRP C 149 48.48 -17.84 44.86
N GLU C 150 48.37 -18.12 46.16
CA GLU C 150 49.33 -17.57 47.12
C GLU C 150 50.72 -18.08 46.84
N GLU C 151 50.86 -19.37 46.53
CA GLU C 151 52.18 -19.88 46.17
C GLU C 151 52.61 -19.30 44.83
N GLY C 152 51.70 -18.71 44.06
CA GLY C 152 52.13 -17.84 42.98
C GLY C 152 51.93 -18.25 41.55
N ALA C 153 50.81 -18.90 41.22
CA ALA C 153 50.55 -19.23 39.83
C ALA C 153 49.78 -18.10 39.16
N GLU C 154 49.86 -18.03 37.82
CA GLU C 154 48.96 -17.13 37.11
C GLU C 154 48.38 -17.72 35.81
N LYS C 155 48.90 -18.80 35.21
CA LYS C 155 48.23 -19.36 34.03
C LYS C 155 47.32 -20.52 34.39
N ALA C 156 46.10 -20.48 33.87
CA ALA C 156 45.03 -21.34 34.34
C ALA C 156 44.28 -21.86 33.13
N VAL C 157 43.72 -23.07 33.26
CA VAL C 157 42.91 -23.70 32.22
C VAL C 157 41.63 -24.27 32.82
N VAL C 158 40.48 -23.93 32.24
CA VAL C 158 39.21 -24.53 32.65
C VAL C 158 38.74 -25.46 31.53
N ILE C 159 38.38 -26.68 31.89
CA ILE C 159 37.69 -27.62 31.00
C ILE C 159 36.25 -27.82 31.44
N GLY C 160 35.33 -27.45 30.55
CA GLY C 160 33.90 -27.42 30.74
C GLY C 160 33.48 -25.98 30.55
N ALA C 161 32.57 -25.68 29.62
CA ALA C 161 32.01 -24.33 29.53
C ALA C 161 30.62 -24.25 30.18
N GLY C 162 30.34 -25.10 31.16
CA GLY C 162 29.11 -25.00 31.91
C GLY C 162 29.11 -23.83 32.87
N PHE C 163 28.02 -23.65 33.62
CA PHE C 163 28.01 -22.51 34.52
C PHE C 163 29.12 -22.63 35.57
N ILE C 164 29.39 -23.84 36.06
CA ILE C 164 30.46 -23.95 37.07
C ILE C 164 31.79 -23.57 36.43
N GLY C 165 32.05 -24.08 35.23
CA GLY C 165 33.28 -23.71 34.55
C GLY C 165 33.40 -22.21 34.37
N LEU C 166 32.33 -21.57 33.91
CA LEU C 166 32.37 -20.15 33.59
C LEU C 166 32.55 -19.31 34.83
N GLU C 167 31.80 -19.61 35.88
CA GLU C 167 32.02 -18.87 37.13
C GLU C 167 33.43 -19.12 37.64
N SER C 168 34.03 -20.26 37.26
CA SER C 168 35.43 -20.54 37.61
C SER C 168 36.39 -19.68 36.81
N ALA C 169 36.12 -19.48 35.51
CA ALA C 169 36.95 -18.59 34.72
C ALA C 169 36.90 -17.17 35.29
N GLU C 170 35.71 -16.69 35.66
CA GLU C 170 35.65 -15.32 36.16
C GLU C 170 36.38 -15.23 37.48
N ALA C 171 36.24 -16.27 38.32
CA ALA C 171 36.92 -16.26 39.60
C ALA C 171 38.43 -16.27 39.41
N LEU C 172 38.91 -17.05 38.43
CA LEU C 172 40.35 -17.19 38.25
C LEU C 172 40.94 -15.91 37.71
N LYS C 173 40.21 -15.26 36.80
CA LYS C 173 40.66 -13.99 36.25
C LYS C 173 40.64 -12.90 37.31
N ASN C 174 39.73 -12.99 38.28
CA ASN C 174 39.73 -12.07 39.42
C ASN C 174 40.97 -12.22 40.30
N LEU C 175 41.68 -13.35 40.19
CA LEU C 175 42.93 -13.54 40.88
C LEU C 175 44.11 -13.09 40.01
N ASP C 176 43.84 -12.23 39.04
CA ASP C 176 44.81 -11.77 38.06
C ASP C 176 45.44 -12.92 37.28
N MET C 177 44.73 -13.98 36.96
CA MET C 177 45.37 -15.05 36.20
C MET C 177 44.97 -15.01 34.73
N GLU C 178 45.76 -15.69 33.90
CA GLU C 178 45.42 -15.87 32.49
C GLU C 178 44.62 -17.17 32.29
N VAL C 179 43.39 -17.04 31.80
CA VAL C 179 42.39 -18.12 31.81
C VAL C 179 42.07 -18.53 30.39
N THR C 180 42.12 -19.83 30.12
CA THR C 180 41.60 -20.38 28.88
C THR C 180 40.53 -21.40 29.24
N VAL C 181 39.43 -21.38 28.49
CA VAL C 181 38.35 -22.33 28.72
C VAL C 181 38.20 -23.19 27.48
N ILE C 182 38.18 -24.50 27.67
CA ILE C 182 38.08 -25.44 26.57
C ILE C 182 36.76 -26.14 26.68
N GLU C 183 35.99 -26.11 25.61
CA GLU C 183 34.71 -26.78 25.61
C GLU C 183 34.67 -27.67 24.39
N MET C 184 34.19 -28.89 24.63
CA MET C 184 34.04 -29.92 23.61
C MET C 184 32.93 -29.58 22.61
N MET C 185 31.93 -28.89 23.09
CA MET C 185 30.72 -28.58 22.36
C MET C 185 30.85 -27.36 21.46
N ASP C 186 29.79 -27.15 20.71
CA ASP C 186 29.74 -26.13 19.66
C ASP C 186 29.89 -24.72 20.21
N ARG C 187 29.53 -24.49 21.47
CA ARG C 187 29.48 -23.15 22.02
C ARG C 187 29.59 -23.19 23.54
N VAL C 188 29.85 -22.03 24.13
CA VAL C 188 29.77 -21.89 25.57
C VAL C 188 28.37 -22.28 26.10
N ALA C 189 28.31 -22.68 27.40
CA ALA C 189 27.05 -22.98 28.11
C ALA C 189 26.06 -23.76 27.26
N PRO C 190 26.50 -24.90 26.69
CA PRO C 190 25.64 -25.63 25.72
C PRO C 190 24.32 -26.12 26.29
N ALA C 191 24.36 -26.71 27.48
CA ALA C 191 23.16 -27.26 28.09
C ALA C 191 22.10 -26.17 28.28
N MET C 192 22.53 -24.91 28.39
CA MET C 192 21.69 -23.76 28.67
C MET C 192 21.28 -22.94 27.43
N LEU C 193 22.19 -22.65 26.52
CA LEU C 193 21.80 -21.81 25.38
C LEU C 193 22.14 -22.31 23.98
N ASP C 194 21.67 -21.56 23.00
CA ASP C 194 21.88 -21.86 21.58
C ASP C 194 22.98 -20.94 21.02
N ARG C 195 23.52 -21.30 19.84
CA ARG C 195 24.77 -20.68 19.39
C ARG C 195 24.62 -19.17 19.23
N GLU C 196 23.55 -18.76 18.55
CA GLU C 196 23.23 -17.34 18.42
C GLU C 196 23.31 -16.63 19.77
N MET C 197 22.79 -17.25 20.84
CA MET C 197 22.89 -16.61 22.15
C MET C 197 24.25 -16.84 22.80
N ALA C 198 24.80 -18.06 22.69
CA ALA C 198 26.03 -18.35 23.45
C ALA C 198 27.21 -17.55 22.95
N VAL C 199 27.24 -17.21 21.64
CA VAL C 199 28.36 -16.43 21.09
C VAL C 199 28.50 -15.10 21.81
N LEU C 200 27.39 -14.48 22.27
CA LEU C 200 27.51 -13.17 22.89
C LEU C 200 28.16 -13.27 24.26
N VAL C 201 27.87 -14.35 24.98
CA VAL C 201 28.61 -14.67 26.20
C VAL C 201 30.08 -14.92 25.87
N GLU C 202 30.31 -15.76 24.88
CA GLU C 202 31.68 -16.05 24.44
C GLU C 202 32.46 -14.74 24.29
N ASN C 203 31.93 -13.84 23.46
CA ASN C 203 32.61 -12.57 23.19
C ASN C 203 32.75 -11.71 24.45
N HIS C 204 31.76 -11.69 25.34
CA HIS C 204 31.97 -10.93 26.57
C HIS C 204 33.14 -11.49 27.39
N LEU C 205 33.30 -12.82 27.37
CA LEU C 205 34.44 -13.43 28.04
C LEU C 205 35.76 -13.03 27.38
N ARG C 206 35.89 -13.21 26.06
CA ARG C 206 37.14 -12.83 25.41
C ARG C 206 37.41 -11.34 25.52
N GLU C 207 36.37 -10.52 25.50
CA GLU C 207 36.57 -9.10 25.62
C GLU C 207 36.98 -8.73 27.03
N LYS C 208 36.77 -9.62 28.01
CA LYS C 208 37.31 -9.44 29.35
C LYS C 208 38.58 -10.26 29.64
N GLY C 209 39.23 -10.79 28.62
CA GLY C 209 40.53 -11.41 28.82
C GLY C 209 40.51 -12.86 29.23
N VAL C 210 39.36 -13.51 29.17
CA VAL C 210 39.26 -14.96 29.28
C VAL C 210 39.22 -15.52 27.86
N ASN C 211 40.27 -16.23 27.46
CA ASN C 211 40.33 -16.81 26.13
C ASN C 211 39.51 -18.08 26.12
N VAL C 212 38.84 -18.34 25.01
CA VAL C 212 37.81 -19.37 24.96
C VAL C 212 37.97 -20.15 23.66
N VAL C 213 37.96 -21.49 23.80
CA VAL C 213 38.24 -22.46 22.75
C VAL C 213 37.09 -23.44 22.70
N THR C 214 36.24 -23.37 21.67
CA THR C 214 35.10 -24.28 21.58
C THR C 214 35.40 -25.44 20.66
N SER C 215 34.47 -26.40 20.65
CA SER C 215 34.45 -27.60 19.77
C SER C 215 35.81 -28.30 19.72
N THR C 216 36.50 -28.37 20.86
CA THR C 216 37.74 -29.11 20.99
C THR C 216 37.73 -29.93 22.28
N ARG C 217 38.28 -31.13 22.24
CA ARG C 217 38.36 -31.91 23.45
C ARG C 217 39.82 -32.03 23.85
N VAL C 218 40.07 -32.17 25.15
CA VAL C 218 41.41 -32.18 25.71
C VAL C 218 41.89 -33.61 25.63
N GLU C 219 43.15 -33.78 25.33
CA GLU C 219 43.69 -35.08 25.00
C GLU C 219 44.71 -35.58 26.01
N LYS C 220 45.47 -34.66 26.59
CA LYS C 220 46.36 -35.11 27.64
C LYS C 220 46.53 -33.95 28.61
N ILE C 221 46.88 -34.32 29.84
CA ILE C 221 47.39 -33.38 30.83
C ILE C 221 48.82 -33.78 31.11
N VAL C 222 49.67 -32.81 30.93
CA VAL C 222 51.11 -32.87 31.00
C VAL C 222 51.48 -32.64 32.45
N SER C 223 52.37 -33.47 32.99
CA SER C 223 52.96 -33.13 34.28
C SER C 223 54.48 -33.21 34.19
N GLN C 224 55.14 -32.33 34.91
CA GLN C 224 56.56 -32.44 35.07
C GLN C 224 56.62 -32.58 36.58
N ASP C 225 56.46 -33.81 37.02
CA ASP C 225 56.42 -34.18 38.43
C ASP C 225 55.27 -33.51 39.14
N ASP C 226 54.10 -33.56 38.50
CA ASP C 226 52.89 -33.00 39.05
C ASP C 226 52.95 -31.51 39.06
N LYS C 227 52.95 -30.95 37.88
CA LYS C 227 52.95 -29.54 37.69
C LYS C 227 51.89 -29.63 36.67
N VAL C 228 52.00 -28.92 35.56
CA VAL C 228 50.99 -29.05 34.53
C VAL C 228 51.16 -28.14 33.33
N ARG C 229 50.35 -28.48 32.32
CA ARG C 229 50.12 -27.89 31.01
C ARG C 229 49.09 -28.83 30.35
N ALA C 230 48.08 -28.32 29.65
CA ALA C 230 47.06 -29.17 29.02
C ALA C 230 47.18 -29.22 27.53
N VAL C 231 46.59 -30.21 26.85
CA VAL C 231 46.73 -30.31 25.40
C VAL C 231 45.38 -30.18 24.71
N ILE C 232 45.31 -29.27 23.73
CA ILE C 232 44.08 -29.05 22.99
C ILE C 232 43.85 -30.14 21.95
N ALA C 233 42.65 -30.16 21.38
CA ALA C 233 42.30 -31.16 20.38
C ALA C 233 43.05 -30.90 19.07
N ASN C 234 43.21 -29.64 18.72
CA ASN C 234 43.91 -29.26 17.49
C ASN C 234 45.40 -29.57 17.56
N GLY C 235 45.85 -30.08 18.71
CA GLY C 235 47.25 -30.42 18.91
C GLY C 235 48.01 -29.32 19.63
N LYS C 236 47.33 -28.21 19.90
CA LYS C 236 47.94 -27.09 20.59
C LYS C 236 48.20 -27.41 22.05
N GLU C 237 49.10 -26.64 22.68
CA GLU C 237 49.42 -26.84 24.09
C GLU C 237 49.19 -25.57 24.89
N TYR C 238 48.30 -25.67 25.88
CA TYR C 238 47.97 -24.52 26.73
C TYR C 238 48.70 -24.63 28.08
N PRO C 239 49.73 -23.82 28.34
CA PRO C 239 50.34 -23.83 29.67
C PRO C 239 49.32 -23.56 30.78
N ALA C 240 49.56 -24.18 31.94
CA ALA C 240 48.70 -24.16 33.10
C ALA C 240 49.49 -24.45 34.36
N ASP C 241 49.07 -23.82 35.47
CA ASP C 241 49.48 -24.14 36.84
C ASP C 241 48.28 -24.57 37.69
N VAL C 242 47.06 -24.32 37.21
CA VAL C 242 45.86 -24.90 37.74
C VAL C 242 44.99 -25.33 36.57
N VAL C 243 44.32 -26.47 36.73
CA VAL C 243 43.29 -26.94 35.81
C VAL C 243 42.05 -27.16 36.64
N VAL C 244 40.92 -26.63 36.17
CA VAL C 244 39.65 -26.82 36.85
C VAL C 244 38.70 -27.59 35.93
N VAL C 245 38.41 -28.85 36.27
CA VAL C 245 37.54 -29.66 35.44
C VAL C 245 36.10 -29.43 35.91
N ALA C 246 35.27 -28.94 35.01
CA ALA C 246 33.87 -28.67 35.28
C ALA C 246 33.11 -29.29 34.13
N THR C 247 33.33 -30.59 34.02
CA THR C 247 32.98 -31.35 32.86
C THR C 247 31.65 -32.06 33.06
N GLY C 248 30.99 -31.80 34.15
CA GLY C 248 29.76 -32.46 34.47
C GLY C 248 29.90 -33.27 35.74
N ILE C 249 28.80 -33.87 36.14
CA ILE C 249 28.71 -34.52 37.42
C ILE C 249 28.23 -35.92 37.13
N LYS C 250 28.24 -36.74 38.19
CA LYS C 250 27.89 -38.15 38.15
C LYS C 250 27.25 -38.47 39.49
N PRO C 251 25.95 -38.82 39.51
CA PRO C 251 25.18 -38.87 40.78
C PRO C 251 25.64 -39.98 41.70
N ASN C 252 25.67 -39.70 43.00
CA ASN C 252 26.20 -40.66 44.00
C ASN C 252 25.11 -41.66 44.39
N SER C 253 24.78 -42.54 43.45
CA SER C 253 23.60 -43.40 43.58
C SER C 253 23.93 -44.83 43.99
N GLU C 254 25.21 -45.12 44.30
CA GLU C 254 25.69 -46.50 44.39
C GLU C 254 25.23 -47.21 45.67
N LEU C 255 25.26 -46.55 46.83
CA LEU C 255 24.67 -47.20 47.99
C LEU C 255 23.27 -47.68 47.68
N ALA C 256 22.57 -46.94 46.79
CA ALA C 256 21.23 -47.30 46.34
C ALA C 256 21.25 -48.53 45.43
N GLU C 257 22.10 -48.50 44.39
CA GLU C 257 22.04 -49.62 43.44
C GLU C 257 22.52 -50.90 44.10
N LYS C 258 23.43 -50.79 45.08
CA LYS C 258 23.87 -51.93 45.88
C LYS C 258 22.78 -52.41 46.86
N ALA C 259 21.97 -51.50 47.40
CA ALA C 259 20.87 -51.91 48.27
C ALA C 259 19.64 -52.44 47.51
N GLY C 260 19.75 -52.63 46.19
CA GLY C 260 18.64 -53.16 45.44
C GLY C 260 17.54 -52.19 45.06
N LEU C 261 17.66 -50.90 45.40
CA LEU C 261 16.73 -49.84 45.01
C LEU C 261 16.87 -49.55 43.50
N LYS C 262 15.90 -48.80 42.97
CA LYS C 262 15.76 -48.66 41.53
C LYS C 262 16.57 -47.47 41.01
N ILE C 263 17.34 -47.72 39.97
CA ILE C 263 18.15 -46.70 39.32
C ILE C 263 17.46 -46.34 38.01
N GLY C 264 17.22 -45.06 37.77
CA GLY C 264 16.58 -44.67 36.54
C GLY C 264 17.56 -44.64 35.39
N GLU C 265 17.03 -44.37 34.19
CA GLU C 265 17.92 -44.34 33.03
C GLU C 265 19.01 -43.29 33.08
N THR C 266 18.92 -42.30 33.95
CA THR C 266 19.99 -41.33 34.07
C THR C 266 21.15 -41.83 34.93
N GLY C 267 20.97 -42.93 35.67
CA GLY C 267 21.95 -43.35 36.64
C GLY C 267 21.67 -42.89 38.05
N ALA C 268 20.70 -42.00 38.24
CA ALA C 268 20.34 -41.46 39.55
C ALA C 268 19.22 -42.28 40.14
N ILE C 269 19.05 -42.13 41.45
CA ILE C 269 17.97 -42.84 42.12
C ILE C 269 16.63 -42.39 41.55
N TRP C 270 15.83 -43.35 41.10
CA TRP C 270 14.46 -43.05 40.73
C TRP C 270 13.64 -42.77 41.98
N VAL C 271 12.79 -41.73 41.92
CA VAL C 271 11.87 -41.34 43.01
C VAL C 271 10.53 -41.00 42.40
N ASP C 272 9.47 -41.15 43.17
CA ASP C 272 8.14 -40.83 42.69
C ASP C 272 7.82 -39.36 42.93
N GLU C 273 6.53 -38.99 42.73
CA GLU C 273 6.10 -37.62 42.97
C GLU C 273 6.39 -37.19 44.39
N TYR C 274 6.17 -38.11 45.35
CA TYR C 274 6.36 -37.87 46.77
C TYR C 274 7.82 -38.00 47.18
N MET C 275 8.65 -38.53 46.27
CA MET C 275 10.09 -38.67 46.39
C MET C 275 10.45 -39.94 47.17
N ARG C 276 9.50 -40.87 47.25
CA ARG C 276 9.92 -42.15 47.78
C ARG C 276 10.70 -42.87 46.69
N THR C 277 11.41 -43.90 47.09
CA THR C 277 12.17 -44.71 46.17
C THR C 277 11.38 -45.98 45.92
N SER C 278 12.05 -47.05 45.47
CA SER C 278 11.42 -48.35 45.40
C SER C 278 10.89 -48.73 46.77
N ASP C 279 11.75 -48.65 47.79
CA ASP C 279 11.37 -48.93 49.16
C ASP C 279 10.54 -47.78 49.73
N GLU C 280 9.41 -48.16 50.33
CA GLU C 280 8.43 -47.17 50.76
C GLU C 280 8.89 -46.43 52.00
N SER C 281 9.95 -46.94 52.68
CA SER C 281 10.59 -46.36 53.86
C SER C 281 11.78 -45.47 53.55
N ILE C 282 12.21 -45.39 52.30
CA ILE C 282 13.41 -44.67 51.94
C ILE C 282 13.02 -43.55 50.96
N TYR C 283 13.12 -42.31 51.42
CA TYR C 283 12.92 -41.12 50.59
C TYR C 283 14.28 -40.66 50.08
N ALA C 284 14.30 -39.97 48.94
CA ALA C 284 15.59 -39.56 48.38
C ALA C 284 15.43 -38.26 47.64
N GLY C 285 16.42 -37.38 47.80
CA GLY C 285 16.35 -36.06 47.20
C GLY C 285 17.71 -35.45 46.93
N GLY C 286 17.70 -34.42 46.11
CA GLY C 286 18.93 -33.74 45.79
C GLY C 286 19.52 -34.25 44.50
N ASP C 287 20.82 -34.06 44.39
CA ASP C 287 21.53 -34.34 43.14
C ASP C 287 21.65 -35.83 42.82
N CYS C 288 21.44 -36.74 43.77
CA CYS C 288 21.52 -38.17 43.48
C CYS C 288 20.23 -38.71 42.90
N VAL C 289 19.30 -37.80 42.63
CA VAL C 289 17.92 -38.12 42.37
C VAL C 289 17.57 -37.76 40.92
N GLU C 290 16.80 -38.63 40.30
CA GLU C 290 16.21 -38.35 39.00
C GLU C 290 14.96 -37.49 39.14
N THR C 291 14.71 -36.65 38.13
CA THR C 291 13.52 -35.81 38.07
C THR C 291 13.01 -35.83 36.65
N THR C 292 11.83 -35.26 36.48
CA THR C 292 11.18 -35.17 35.19
C THR C 292 11.29 -33.75 34.66
N CYS C 293 11.65 -33.61 33.37
CA CYS C 293 11.56 -32.32 32.66
C CYS C 293 10.09 -32.08 32.32
N LEU C 294 9.53 -31.01 32.89
CA LEU C 294 8.14 -30.67 32.72
C LEU C 294 7.68 -30.27 31.32
N VAL C 295 8.59 -29.75 30.51
CA VAL C 295 8.19 -29.33 29.17
C VAL C 295 8.02 -30.55 28.27
N THR C 296 8.91 -31.56 28.42
CA THR C 296 8.95 -32.74 27.53
C THR C 296 8.69 -34.07 28.20
N GLY C 297 8.66 -34.14 29.53
CA GLY C 297 8.51 -35.38 30.26
C GLY C 297 9.72 -36.29 30.26
N LYS C 298 10.81 -35.91 29.58
CA LYS C 298 12.00 -36.72 29.57
C LYS C 298 12.57 -36.76 30.98
N LYS C 299 13.11 -37.89 31.39
CA LYS C 299 13.67 -37.98 32.72
C LYS C 299 15.15 -37.63 32.68
N ILE C 300 15.56 -36.82 33.67
CA ILE C 300 16.84 -36.12 33.74
C ILE C 300 17.32 -36.00 35.19
N ILE C 301 18.50 -35.42 35.34
CA ILE C 301 19.11 -35.08 36.61
C ILE C 301 19.16 -33.56 36.66
N ALA C 302 18.52 -32.96 37.65
CA ALA C 302 18.54 -31.51 37.75
C ALA C 302 19.45 -31.15 38.91
N PRO C 303 20.83 -31.10 38.73
CA PRO C 303 21.72 -30.97 39.93
C PRO C 303 21.84 -29.53 40.39
N PHE C 304 20.76 -29.02 41.00
CA PHE C 304 20.72 -27.62 41.41
C PHE C 304 20.29 -27.52 42.87
N GLY C 305 20.78 -26.46 43.51
CA GLY C 305 20.54 -26.26 44.93
C GLY C 305 19.14 -25.79 45.25
N ASP C 306 18.53 -25.00 44.35
CA ASP C 306 17.14 -24.65 44.61
C ASP C 306 16.23 -25.88 44.55
N VAL C 307 16.43 -26.78 43.56
CA VAL C 307 15.56 -27.97 43.59
C VAL C 307 15.98 -28.88 44.72
N ALA C 308 17.26 -28.85 45.10
CA ALA C 308 17.69 -29.65 46.25
C ALA C 308 16.88 -29.29 47.47
N ASN C 309 16.78 -27.98 47.78
CA ASN C 309 15.99 -27.63 48.96
C ASN C 309 14.49 -27.91 48.78
N LYS C 310 13.95 -27.69 47.58
CA LYS C 310 12.53 -28.01 47.38
C LYS C 310 12.24 -29.49 47.61
N GLN C 311 13.05 -30.37 47.02
CA GLN C 311 12.88 -31.80 47.23
C GLN C 311 13.03 -32.13 48.70
N GLY C 312 14.10 -31.65 49.30
CA GLY C 312 14.33 -31.94 50.70
C GLY C 312 13.16 -31.55 51.58
N ARG C 313 12.53 -30.40 51.27
CA ARG C 313 11.39 -29.98 52.07
C ARG C 313 10.18 -30.91 51.89
N VAL C 314 9.91 -31.36 50.65
CA VAL C 314 8.77 -32.26 50.52
C VAL C 314 9.08 -33.60 51.19
N ILE C 315 10.35 -34.06 51.11
CA ILE C 315 10.73 -35.28 51.82
C ILE C 315 10.32 -35.17 53.27
N GLY C 316 10.74 -34.08 53.90
CA GLY C 316 10.41 -33.86 55.29
C GLY C 316 8.92 -33.77 55.54
N GLU C 317 8.17 -33.21 54.59
CA GLU C 317 6.73 -33.10 54.87
C GLU C 317 6.08 -34.47 54.84
N ASN C 318 6.60 -35.36 53.99
CA ASN C 318 5.97 -36.65 53.76
C ASN C 318 6.34 -37.70 54.79
N ILE C 319 7.62 -37.73 55.23
CA ILE C 319 8.02 -38.58 56.36
C ILE C 319 7.11 -38.35 57.55
N THR C 320 6.74 -37.09 57.79
CA THR C 320 5.88 -36.79 58.93
C THR C 320 4.40 -36.61 58.56
N GLY C 321 3.85 -37.47 57.70
CA GLY C 321 2.41 -37.50 57.46
C GLY C 321 1.84 -36.46 56.52
N GLY C 322 2.48 -36.22 55.39
CA GLY C 322 1.98 -35.26 54.44
C GLY C 322 1.82 -35.95 53.09
N ARG C 323 1.17 -35.26 52.18
CA ARG C 323 1.12 -35.71 50.79
C ARG C 323 1.53 -34.52 49.88
N ALA C 324 2.73 -33.99 50.12
CA ALA C 324 3.27 -32.97 49.22
C ALA C 324 3.95 -33.63 48.04
N VAL C 325 3.91 -32.95 46.92
CA VAL C 325 4.35 -33.53 45.67
C VAL C 325 5.39 -32.62 45.08
N PHE C 326 6.41 -33.20 44.49
CA PHE C 326 7.38 -32.41 43.74
C PHE C 326 7.34 -32.99 42.34
N PRO C 327 6.57 -32.39 41.45
CA PRO C 327 6.40 -32.98 40.11
C PRO C 327 7.64 -32.92 39.21
N GLY C 328 8.59 -32.04 39.45
CA GLY C 328 9.67 -31.94 38.48
C GLY C 328 10.08 -30.48 38.25
N VAL C 329 10.88 -30.23 37.19
CA VAL C 329 11.60 -28.96 36.97
C VAL C 329 11.49 -28.53 35.50
N ILE C 330 12.02 -27.35 35.23
CA ILE C 330 12.02 -26.75 33.90
C ILE C 330 13.46 -26.43 33.50
N ARG C 331 14.42 -26.93 34.29
CA ARG C 331 15.84 -26.56 34.24
C ARG C 331 15.99 -25.10 33.84
N THR C 332 15.34 -24.24 34.62
CA THR C 332 15.55 -22.80 34.57
C THR C 332 16.76 -22.45 35.44
N ALA C 333 17.87 -22.14 34.78
CA ALA C 333 19.12 -21.85 35.47
C ALA C 333 19.67 -20.49 35.06
N ILE C 334 20.53 -19.94 35.89
CA ILE C 334 21.15 -18.65 35.61
C ILE C 334 22.58 -18.70 36.14
N PHE C 335 23.50 -18.11 35.40
CA PHE C 335 24.85 -17.86 35.89
C PHE C 335 25.26 -16.46 35.48
N LYS C 336 26.26 -15.94 36.18
CA LYS C 336 26.75 -14.59 35.93
C LYS C 336 28.21 -14.64 35.54
N VAL C 337 28.52 -14.06 34.39
CA VAL C 337 29.87 -14.04 33.90
C VAL C 337 30.28 -12.61 33.73
N PHE C 338 31.06 -12.09 34.65
CA PHE C 338 31.48 -10.70 34.54
C PHE C 338 30.29 -9.77 34.53
N ASP C 339 30.18 -8.91 33.53
CA ASP C 339 29.11 -7.93 33.42
C ASP C 339 27.81 -8.40 32.80
N PHE C 340 27.83 -9.58 32.21
CA PHE C 340 26.68 -10.19 31.58
C PHE C 340 25.95 -11.15 32.47
N THR C 341 24.73 -11.43 32.12
CA THR C 341 23.92 -12.42 32.80
C THR C 341 23.51 -13.41 31.74
N ALA C 342 23.62 -14.69 32.06
CA ALA C 342 23.16 -15.72 31.15
C ALA C 342 22.10 -16.51 31.88
N ALA C 343 20.95 -16.70 31.23
CA ALA C 343 19.85 -17.39 31.88
C ALA C 343 18.96 -18.07 30.86
N SER C 344 18.37 -19.19 31.27
CA SER C 344 17.50 -19.92 30.37
C SER C 344 16.46 -20.64 31.20
N ALA C 345 15.30 -20.90 30.57
CA ALA C 345 14.23 -21.67 31.15
C ALA C 345 13.65 -22.53 30.07
N GLY C 346 13.27 -23.75 30.46
CA GLY C 346 12.64 -24.66 29.53
C GLY C 346 13.66 -25.31 28.60
N VAL C 347 13.13 -25.82 27.52
CA VAL C 347 13.89 -26.56 26.53
C VAL C 347 14.58 -25.57 25.58
N ASN C 348 15.72 -25.97 25.02
CA ASN C 348 16.43 -25.21 23.99
C ASN C 348 16.26 -25.92 22.63
N GLU C 349 16.74 -25.29 21.55
CA GLU C 349 16.61 -25.87 20.21
C GLU C 349 16.94 -27.36 20.21
N GLN C 350 18.09 -27.69 20.78
CA GLN C 350 18.60 -29.06 20.79
C GLN C 350 17.70 -30.01 21.55
N MET C 351 17.26 -29.62 22.75
CA MET C 351 16.42 -30.54 23.49
C MET C 351 15.04 -30.68 22.85
N ALA C 352 14.59 -29.67 22.10
CA ALA C 352 13.33 -29.74 21.39
C ALA C 352 13.43 -30.69 20.20
N LYS C 353 14.56 -30.63 19.50
CA LYS C 353 14.82 -31.56 18.41
C LYS C 353 14.90 -32.99 18.93
N GLU C 354 15.59 -33.17 20.05
CA GLU C 354 15.76 -34.51 20.62
C GLU C 354 14.48 -35.01 21.27
N ALA C 355 13.59 -34.12 21.70
CA ALA C 355 12.26 -34.52 22.12
C ALA C 355 11.30 -34.68 20.94
N GLY C 356 11.74 -34.37 19.73
CA GLY C 356 10.83 -34.52 18.62
C GLY C 356 9.76 -33.45 18.55
N LEU C 357 9.95 -32.33 19.23
CA LEU C 357 8.94 -31.28 19.18
C LEU C 357 9.08 -30.41 17.95
N ASP C 358 7.95 -29.87 17.55
CA ASP C 358 7.79 -29.03 16.36
C ASP C 358 7.70 -27.58 16.82
N TYR C 359 8.69 -26.76 16.45
CA TYR C 359 8.83 -25.47 17.11
C TYR C 359 9.28 -24.37 16.18
N PHE C 360 9.08 -23.15 16.62
CA PHE C 360 9.71 -22.02 15.98
C PHE C 360 10.37 -21.09 17.00
N THR C 361 11.22 -20.21 16.48
CA THR C 361 12.12 -19.38 17.28
C THR C 361 11.86 -17.93 16.92
N VAL C 362 12.09 -17.04 17.89
CA VAL C 362 12.17 -15.59 17.65
C VAL C 362 13.18 -15.02 18.61
N ILE C 363 13.90 -13.99 18.18
CA ILE C 363 14.87 -13.30 19.02
C ILE C 363 14.55 -11.83 19.00
N ALA C 364 14.45 -11.21 20.18
CA ALA C 364 14.07 -9.80 20.24
C ALA C 364 14.73 -9.10 21.40
N PRO C 365 15.85 -8.44 21.17
CA PRO C 365 16.41 -7.55 22.21
C PRO C 365 15.48 -6.37 22.45
N SER C 366 15.54 -5.85 23.67
CA SER C 366 14.66 -4.78 24.11
C SER C 366 15.30 -4.11 25.30
N PRO C 367 14.90 -2.88 25.62
CA PRO C 367 15.55 -2.18 26.73
C PRO C 367 15.09 -2.69 28.08
N ASP C 368 16.09 -2.77 28.96
CA ASP C 368 15.96 -3.14 30.37
C ASP C 368 14.93 -2.25 31.07
N ARG C 369 14.94 -0.96 30.77
CA ARG C 369 14.03 0.03 31.34
C ARG C 369 13.61 0.97 30.22
N ALA C 370 12.78 1.95 30.55
CA ALA C 370 12.47 3.00 29.57
C ALA C 370 13.77 3.60 29.06
N HIS C 371 13.90 3.69 27.72
CA HIS C 371 15.20 4.05 27.13
C HIS C 371 15.77 5.37 27.66
N TYR C 372 14.93 6.34 28.03
CA TYR C 372 15.49 7.59 28.54
C TYR C 372 16.04 7.47 29.96
N TYR C 373 15.66 6.48 30.66
CA TYR C 373 16.06 6.44 32.05
C TYR C 373 17.52 6.02 32.21
N PRO C 374 18.17 6.48 33.27
CA PRO C 374 19.58 6.13 33.48
C PRO C 374 19.82 4.63 33.62
N GLN C 375 20.99 4.19 33.13
CA GLN C 375 21.48 2.80 33.15
C GLN C 375 20.58 1.83 32.38
N ALA C 376 19.83 2.31 31.39
CA ALA C 376 19.03 1.41 30.59
C ALA C 376 19.93 0.49 29.77
N ASN C 377 19.70 -0.84 29.85
CA ASN C 377 20.41 -1.75 28.97
C ASN C 377 19.48 -2.53 28.05
N TYR C 378 20.10 -3.16 27.07
CA TYR C 378 19.37 -3.92 26.07
C TYR C 378 19.66 -5.37 26.38
N ILE C 379 18.62 -6.12 26.65
CA ILE C 379 18.79 -7.50 26.94
C ILE C 379 18.27 -8.31 25.79
N ARG C 380 19.05 -9.29 25.33
CA ARG C 380 18.64 -10.11 24.20
C ARG C 380 17.93 -11.36 24.69
N LEU C 381 16.74 -11.62 24.16
CA LEU C 381 16.00 -12.77 24.55
C LEU C 381 15.70 -13.62 23.39
N LYS C 382 15.70 -14.91 23.61
CA LYS C 382 15.30 -15.87 22.60
C LYS C 382 14.10 -16.62 23.14
N LEU C 383 13.10 -16.78 22.29
CA LEU C 383 11.85 -17.42 22.68
C LEU C 383 11.61 -18.57 21.74
N ILE C 384 11.38 -19.73 22.33
CA ILE C 384 11.09 -20.92 21.57
C ILE C 384 9.66 -21.32 21.86
N VAL C 385 8.82 -21.14 20.85
CA VAL C 385 7.40 -21.39 21.00
C VAL C 385 6.97 -22.58 20.17
N GLU C 386 5.95 -23.27 20.71
CA GLU C 386 5.52 -24.59 20.25
C GLU C 386 4.48 -24.46 19.16
N LYS C 387 4.66 -25.16 18.05
CA LYS C 387 3.83 -24.88 16.87
C LYS C 387 2.45 -25.51 17.04
N GLY C 388 1.48 -24.93 16.37
CA GLY C 388 0.11 -25.41 16.58
C GLY C 388 -0.53 -24.97 17.87
N SER C 389 -0.05 -25.43 19.04
CA SER C 389 -0.60 -24.94 20.32
C SER C 389 -0.12 -23.54 20.69
N TRP C 390 1.04 -23.11 20.15
CA TRP C 390 1.69 -21.84 20.44
C TRP C 390 2.10 -21.73 21.90
N ARG C 391 2.30 -22.88 22.54
CA ARG C 391 2.82 -22.91 23.91
C ARG C 391 4.24 -22.35 23.92
N VAL C 392 4.59 -21.67 25.00
CA VAL C 392 5.94 -21.15 25.14
C VAL C 392 6.72 -22.24 25.84
N ILE C 393 7.68 -22.87 25.13
CA ILE C 393 8.36 -24.06 25.65
C ILE C 393 9.82 -23.82 26.07
N GLY C 394 10.40 -22.66 25.74
CA GLY C 394 11.72 -22.29 26.19
C GLY C 394 12.04 -20.83 25.95
N ALA C 395 12.86 -20.24 26.85
CA ALA C 395 13.34 -18.88 26.74
C ALA C 395 14.81 -18.77 27.16
N GLN C 396 15.56 -17.90 26.45
CA GLN C 396 16.95 -17.64 26.79
C GLN C 396 17.17 -16.15 26.84
N GLY C 397 18.00 -15.71 27.75
CA GLY C 397 18.41 -14.33 27.87
C GLY C 397 19.86 -14.21 28.23
N VAL C 398 20.53 -13.24 27.62
CA VAL C 398 21.91 -12.90 27.90
C VAL C 398 22.02 -11.38 27.84
N GLY C 399 23.00 -10.83 28.54
CA GLY C 399 23.19 -9.41 28.36
C GLY C 399 23.57 -8.62 29.60
N MET C 400 23.78 -7.32 29.46
CA MET C 400 24.32 -6.61 30.60
C MET C 400 23.29 -6.13 31.62
N GLY C 401 22.05 -5.89 31.20
CA GLY C 401 21.06 -5.33 32.08
C GLY C 401 20.56 -6.29 33.12
N GLU C 402 19.26 -6.17 33.41
CA GLU C 402 18.51 -7.02 34.33
C GLU C 402 17.75 -8.11 33.55
N VAL C 403 18.42 -9.22 33.27
CA VAL C 403 17.74 -10.22 32.45
C VAL C 403 17.02 -11.27 33.31
N ALA C 404 17.51 -11.53 34.53
CA ALA C 404 16.96 -12.60 35.35
C ALA C 404 15.47 -12.42 35.52
N LYS C 405 15.00 -11.19 35.73
CA LYS C 405 13.56 -10.95 35.87
C LYS C 405 12.78 -11.48 34.67
N ARG C 406 13.21 -11.14 33.46
CA ARG C 406 12.45 -11.60 32.33
C ARG C 406 12.53 -13.12 32.24
N ILE C 407 13.63 -13.74 32.70
CA ILE C 407 13.58 -15.20 32.63
C ILE C 407 12.78 -15.80 33.76
N ASP C 408 12.68 -15.14 34.91
CA ASP C 408 11.78 -15.62 35.96
C ASP C 408 10.33 -15.50 35.52
N VAL C 409 9.97 -14.39 34.86
CA VAL C 409 8.62 -14.30 34.37
C VAL C 409 8.37 -15.35 33.31
N LEU C 410 9.31 -15.50 32.35
CA LEU C 410 9.10 -16.47 31.28
C LEU C 410 9.09 -17.89 31.81
N SER C 411 9.89 -18.16 32.84
CA SER C 411 9.90 -19.49 33.45
C SER C 411 8.56 -19.82 34.08
N THR C 412 8.00 -18.86 34.84
CA THR C 412 6.66 -19.06 35.39
C THR C 412 5.65 -19.28 34.26
N ALA C 413 5.79 -18.50 33.18
CA ALA C 413 4.93 -18.64 32.02
C ALA C 413 4.97 -20.07 31.47
N ILE C 414 6.18 -20.60 31.24
CA ILE C 414 6.33 -21.95 30.71
C ILE C 414 5.74 -22.99 31.67
N GLN C 415 5.91 -22.80 32.99
CA GLN C 415 5.30 -23.78 33.91
C GLN C 415 3.78 -23.69 33.96
N ALA C 416 3.18 -22.58 33.53
CA ALA C 416 1.74 -22.50 33.37
C ALA C 416 1.28 -22.91 31.99
N GLY C 417 2.19 -23.18 31.06
CA GLY C 417 1.74 -23.52 29.73
C GLY C 417 1.13 -22.35 28.98
N MET C 418 1.54 -21.13 29.31
CA MET C 418 1.03 -19.95 28.65
C MET C 418 1.42 -19.95 27.18
N THR C 419 0.53 -19.42 26.37
CA THR C 419 0.75 -19.27 24.95
C THR C 419 1.29 -17.88 24.66
N ILE C 420 1.99 -17.76 23.52
CA ILE C 420 2.50 -16.44 23.17
C ILE C 420 1.34 -15.45 23.17
N ASP C 421 0.14 -15.94 22.85
CA ASP C 421 -1.06 -15.09 22.78
C ASP C 421 -1.49 -14.63 24.14
N GLN C 422 -1.44 -15.51 25.12
CA GLN C 422 -1.80 -14.95 26.38
C GLN C 422 -0.63 -14.23 27.03
N LEU C 423 0.59 -14.71 26.78
CA LEU C 423 1.74 -14.01 27.35
C LEU C 423 1.71 -12.53 26.97
N ALA C 424 1.31 -12.20 25.74
CA ALA C 424 1.38 -10.81 25.33
C ALA C 424 0.48 -9.88 26.16
N ASN C 425 -0.59 -10.40 26.77
CA ASN C 425 -1.47 -9.55 27.58
C ASN C 425 -1.15 -9.60 29.05
N LEU C 426 0.00 -10.14 29.40
CA LEU C 426 0.36 -10.35 30.80
C LEU C 426 0.59 -9.02 31.51
N ASP C 427 -0.11 -8.80 32.62
CA ASP C 427 0.05 -7.56 33.35
C ASP C 427 1.31 -7.69 34.19
N LEU C 428 2.34 -6.92 33.85
CA LEU C 428 3.52 -6.93 34.66
C LEU C 428 3.56 -5.61 35.40
N ALA C 429 4.55 -5.45 36.25
CA ALA C 429 4.73 -4.21 36.99
C ALA C 429 5.64 -3.31 36.15
N TYR C 430 5.07 -2.24 35.55
CA TYR C 430 5.87 -1.34 34.71
C TYR C 430 6.01 0.08 35.29
N ALA C 431 7.25 0.55 35.37
CA ALA C 431 7.51 1.94 35.70
C ALA C 431 8.85 2.30 35.09
N PRO C 432 9.03 3.53 34.63
CA PRO C 432 10.19 3.87 33.77
C PRO C 432 11.51 3.36 34.32
N PRO C 433 11.73 3.35 35.64
CA PRO C 433 12.99 2.77 36.15
C PRO C 433 13.05 1.25 36.16
N TYR C 434 11.97 0.53 35.80
CA TYR C 434 11.92 -0.93 35.93
C TYR C 434 11.69 -1.66 34.64
N SER C 435 11.05 -1.02 33.70
CA SER C 435 10.79 -1.59 32.42
C SER C 435 10.33 -0.52 31.49
N PRO C 436 10.26 -0.91 30.18
CA PRO C 436 9.70 0.08 29.27
C PRO C 436 8.17 -0.07 29.40
N ALA C 437 7.37 0.54 28.56
CA ALA C 437 5.93 0.40 28.70
C ALA C 437 5.53 -1.04 28.55
N LEU C 438 6.14 -1.71 27.61
CA LEU C 438 5.84 -3.10 27.37
C LEU C 438 7.11 -3.72 27.72
N ASP C 439 7.07 -4.68 28.61
CA ASP C 439 8.27 -5.31 29.09
C ASP C 439 8.87 -6.20 28.00
N PRO C 440 10.22 -6.33 27.96
CA PRO C 440 10.83 -7.21 26.96
C PRO C 440 10.10 -8.54 26.82
N VAL C 441 9.51 -9.06 27.91
CA VAL C 441 8.75 -10.30 27.85
C VAL C 441 7.53 -10.14 26.94
N ILE C 442 6.78 -9.07 27.15
CA ILE C 442 5.62 -8.83 26.29
C ILE C 442 6.07 -8.62 24.85
N THR C 443 7.19 -7.93 24.68
CA THR C 443 7.67 -7.61 23.34
C THR C 443 8.00 -8.89 22.55
N ILE C 444 8.68 -9.84 23.18
CA ILE C 444 9.00 -11.06 22.47
C ILE C 444 7.71 -11.82 22.19
N ALA C 445 6.73 -11.70 23.08
CA ALA C 445 5.44 -12.32 22.79
C ALA C 445 4.86 -11.77 21.48
N ASN C 446 4.90 -10.44 21.30
CA ASN C 446 4.34 -9.81 20.11
C ASN C 446 5.14 -10.21 18.88
N VAL C 447 6.46 -10.26 19.02
CA VAL C 447 7.29 -10.64 17.88
C VAL C 447 6.96 -12.05 17.42
N ALA C 448 6.80 -12.97 18.37
CA ALA C 448 6.41 -14.34 18.04
C ALA C 448 5.11 -14.36 17.27
N MET C 449 4.15 -13.57 17.73
CA MET C 449 2.85 -13.47 17.08
C MET C 449 3.01 -12.88 15.69
N ASN C 450 4.07 -12.10 15.46
CA ASN C 450 4.28 -11.50 14.17
C ASN C 450 4.89 -12.50 13.21
N LYS C 451 5.73 -13.42 13.72
CA LYS C 451 6.20 -14.50 12.88
C LYS C 451 5.08 -15.49 12.53
N ARG C 452 4.40 -16.01 13.52
CA ARG C 452 3.34 -16.99 13.33
C ARG C 452 2.27 -16.45 12.44
N ASP C 453 1.86 -15.21 12.65
CA ASP C 453 0.89 -14.61 11.75
C ASP C 453 1.48 -14.38 10.36
N GLY C 454 2.76 -14.65 10.15
CA GLY C 454 3.36 -14.43 8.84
C GLY C 454 3.70 -12.99 8.45
N LEU C 455 3.62 -12.02 9.39
CA LEU C 455 3.81 -10.62 9.00
C LEU C 455 5.26 -10.34 8.66
N PHE C 456 6.18 -11.15 9.13
CA PHE C 456 7.56 -11.03 8.69
C PHE C 456 8.19 -12.42 8.67
N GLU C 457 9.15 -12.59 7.80
CA GLU C 457 9.95 -13.81 7.80
C GLU C 457 11.33 -13.45 8.30
N GLY C 458 11.82 -14.09 9.34
CA GLY C 458 13.13 -13.76 9.87
C GLY C 458 14.28 -14.70 9.59
N ILE C 459 15.51 -14.21 9.69
CA ILE C 459 16.66 -15.04 9.41
C ILE C 459 17.75 -15.15 10.47
N ASN C 460 18.36 -16.31 10.58
CA ASN C 460 19.48 -16.56 11.53
C ASN C 460 20.71 -15.66 11.39
N VAL C 461 21.36 -15.33 12.49
CA VAL C 461 22.55 -14.47 12.40
C VAL C 461 23.66 -15.11 11.62
N PHE C 462 23.71 -16.42 11.61
CA PHE C 462 24.75 -17.07 10.85
C PHE C 462 24.20 -17.10 9.48
N GLU C 463 24.24 -15.93 8.85
CA GLU C 463 23.78 -15.74 7.48
C GLU C 463 25.04 -15.77 6.67
N LEU C 464 25.83 -14.70 6.78
CA LEU C 464 27.11 -14.64 6.08
C LEU C 464 26.99 -15.19 4.67
N LYS C 465 25.79 -15.61 4.31
CA LYS C 465 25.55 -16.16 3.02
C LYS C 465 26.10 -15.27 1.95
N GLU C 466 26.63 -14.13 2.35
CA GLU C 466 27.20 -13.23 1.40
C GLU C 466 28.17 -13.96 0.45
N ASP C 472 23.33 -12.07 -6.07
CA ASP C 472 23.99 -11.88 -4.81
C ASP C 472 22.92 -11.63 -3.75
N ILE C 473 23.15 -10.58 -2.96
CA ILE C 473 22.25 -10.25 -1.85
C ILE C 473 22.35 -8.77 -1.54
N VAL C 474 21.22 -8.17 -1.15
CA VAL C 474 21.17 -6.84 -0.57
C VAL C 474 21.06 -6.92 0.96
N ILE C 475 22.01 -6.30 1.67
CA ILE C 475 21.87 -6.11 3.11
C ILE C 475 21.39 -4.67 3.27
N LEU C 476 20.09 -4.53 3.55
CA LEU C 476 19.49 -3.20 3.70
C LEU C 476 19.61 -2.73 5.14
N ASP C 477 20.38 -1.66 5.34
CA ASP C 477 20.69 -1.16 6.68
C ASP C 477 19.93 0.13 6.89
N VAL C 478 18.93 0.09 7.76
CA VAL C 478 18.12 1.28 7.96
C VAL C 478 18.46 2.00 9.26
N ARG C 479 19.68 1.95 9.72
CA ARG C 479 20.00 2.72 10.91
C ARG C 479 20.43 4.11 10.53
N SER C 480 20.97 4.87 11.48
CA SER C 480 21.45 6.21 11.18
C SER C 480 22.87 6.57 11.67
N GLU C 481 23.22 6.01 12.82
CA GLU C 481 24.50 6.27 13.48
C GLU C 481 25.74 5.99 12.63
N GLU C 482 26.04 4.72 12.40
CA GLU C 482 27.26 4.38 11.64
C GLU C 482 28.63 4.22 12.32
N GLU C 483 28.71 4.13 13.66
CA GLU C 483 29.99 3.95 14.25
C GLU C 483 30.30 2.44 14.13
N ARG C 488 27.81 -0.39 11.12
CA ARG C 488 29.20 -0.71 10.78
C ARG C 488 29.41 -2.12 10.14
N ILE C 489 28.51 -2.67 9.34
CA ILE C 489 28.83 -3.93 8.67
C ILE C 489 29.55 -3.60 7.38
N GLU C 490 30.79 -4.09 7.23
CA GLU C 490 31.69 -3.60 6.19
C GLU C 490 31.67 -4.63 5.05
N SER C 491 30.76 -4.40 4.09
CA SER C 491 30.55 -5.22 2.89
C SER C 491 30.11 -4.34 1.72
N GLU C 492 30.39 -4.80 0.51
CA GLU C 492 29.90 -4.03 -0.63
C GLU C 492 28.43 -4.31 -0.89
N LYS C 493 27.87 -5.36 -0.26
CA LYS C 493 26.48 -5.69 -0.46
C LYS C 493 25.57 -4.89 0.45
N VAL C 494 26.08 -3.90 1.17
CA VAL C 494 25.26 -3.23 2.17
C VAL C 494 24.88 -1.86 1.62
N ILE C 495 23.56 -1.64 1.50
CA ILE C 495 22.93 -0.42 1.01
C ILE C 495 22.37 0.29 2.23
N HIS C 496 22.87 1.48 2.54
CA HIS C 496 22.39 2.20 3.72
C HIS C 496 21.49 3.37 3.35
N ILE C 497 20.25 3.32 3.83
CA ILE C 497 19.34 4.47 3.78
C ILE C 497 18.52 4.43 5.06
N PRO C 498 18.63 5.43 5.93
CA PRO C 498 17.93 5.41 7.23
C PRO C 498 16.42 5.31 7.10
N ILE C 499 15.76 4.75 8.08
CA ILE C 499 14.35 4.45 7.99
C ILE C 499 13.42 5.61 7.70
N LEU C 500 13.64 6.75 8.30
CA LEU C 500 12.80 7.88 8.06
C LEU C 500 12.90 8.35 6.65
N GLU C 501 14.01 8.06 6.00
CA GLU C 501 14.20 8.48 4.63
C GLU C 501 13.93 7.45 3.58
N LEU C 502 13.50 6.27 3.96
CA LEU C 502 13.37 5.18 2.99
C LEU C 502 12.07 5.28 2.22
N ARG C 503 10.99 5.62 2.86
CA ARG C 503 9.75 5.62 2.13
C ARG C 503 9.94 6.45 0.91
N GLU C 504 10.71 7.51 1.00
CA GLU C 504 10.98 8.29 -0.20
C GLU C 504 11.91 7.60 -1.18
N ARG C 505 13.04 7.09 -0.72
CA ARG C 505 14.05 6.48 -1.58
C ARG C 505 13.97 4.97 -1.83
N LEU C 506 12.86 4.46 -2.29
CA LEU C 506 12.83 3.03 -2.54
C LEU C 506 13.31 2.76 -3.93
N ASP C 507 13.63 3.82 -4.65
CA ASP C 507 14.06 3.74 -5.99
C ASP C 507 15.52 3.46 -5.97
N GLU C 508 15.97 2.68 -5.01
CA GLU C 508 17.38 2.39 -4.95
C GLU C 508 17.58 0.95 -4.61
N ILE C 509 16.63 0.40 -3.89
CA ILE C 509 16.72 -0.97 -3.50
C ILE C 509 16.40 -1.79 -4.71
N PRO C 510 17.21 -2.90 -4.91
CA PRO C 510 16.90 -3.67 -6.12
C PRO C 510 15.76 -4.61 -5.97
N ARG C 511 14.92 -4.73 -6.98
CA ARG C 511 13.79 -5.62 -6.90
C ARG C 511 14.04 -6.92 -7.62
N ASP C 512 15.30 -7.23 -7.84
CA ASP C 512 15.63 -8.47 -8.48
C ASP C 512 16.26 -9.34 -7.43
N LYS C 513 16.69 -8.78 -6.32
CA LYS C 513 17.31 -9.65 -5.34
C LYS C 513 16.61 -10.03 -4.04
N GLU C 514 17.41 -10.53 -3.10
CA GLU C 514 16.97 -10.93 -1.78
C GLU C 514 17.42 -9.87 -0.86
N ILE C 515 16.51 -9.36 -0.06
CA ILE C 515 16.79 -8.31 0.87
C ILE C 515 16.74 -8.78 2.29
N VAL C 516 17.71 -8.39 3.08
CA VAL C 516 17.77 -8.78 4.48
C VAL C 516 17.93 -7.47 5.24
N VAL C 517 16.85 -7.01 5.88
CA VAL C 517 16.86 -5.74 6.58
C VAL C 517 17.69 -5.92 7.83
N VAL C 518 18.65 -5.02 8.05
CA VAL C 518 19.54 -5.08 9.21
C VAL C 518 19.47 -3.74 9.91
N CYS C 519 19.07 -3.74 11.19
CA CYS C 519 19.09 -2.50 11.94
C CYS C 519 19.81 -2.75 13.25
N ALA C 520 19.66 -1.85 14.21
CA ALA C 520 20.42 -1.98 15.45
C ALA C 520 19.98 -3.19 16.29
N ILE C 521 18.69 -3.29 16.59
CA ILE C 521 18.21 -4.36 17.47
C ILE C 521 17.13 -5.20 16.82
N GLY C 522 16.63 -4.80 15.65
CA GLY C 522 15.63 -5.53 14.90
C GLY C 522 14.29 -4.84 14.81
N LEU C 523 14.05 -3.83 15.65
CA LEU C 523 12.70 -3.28 15.71
C LEU C 523 12.43 -2.43 14.48
N ARG C 524 13.35 -1.51 14.17
CA ARG C 524 13.12 -0.76 12.95
C ARG C 524 13.29 -1.64 11.72
N SER C 525 14.01 -2.76 11.83
CA SER C 525 14.06 -3.69 10.72
C SER C 525 12.68 -4.26 10.40
N PHE C 526 11.94 -4.66 11.43
CA PHE C 526 10.56 -5.09 11.21
C PHE C 526 9.75 -4.00 10.53
N GLU C 527 9.83 -2.77 11.03
CA GLU C 527 8.94 -1.80 10.43
C GLU C 527 9.39 -1.42 9.01
N ALA C 528 10.69 -1.56 8.73
CA ALA C 528 11.18 -1.38 7.37
C ALA C 528 10.64 -2.48 6.47
N SER C 529 10.79 -3.73 6.89
CA SER C 529 10.27 -4.83 6.10
C SER C 529 8.82 -4.59 5.77
N ARG C 530 8.08 -4.02 6.72
CA ARG C 530 6.66 -3.86 6.43
C ARG C 530 6.47 -2.81 5.37
N ILE C 531 7.26 -1.75 5.41
CA ILE C 531 7.18 -0.73 4.36
C ILE C 531 7.49 -1.34 2.98
N LEU C 532 8.55 -2.14 2.88
CA LEU C 532 8.91 -2.72 1.59
C LEU C 532 7.86 -3.74 1.13
N LYS C 533 7.38 -4.59 2.04
CA LYS C 533 6.33 -5.54 1.67
C LYS C 533 5.15 -4.84 1.03
N HIS C 534 4.72 -3.68 1.57
CA HIS C 534 3.55 -3.05 0.95
C HIS C 534 3.89 -2.41 -0.39
N ALA C 535 5.18 -2.14 -0.63
CA ALA C 535 5.73 -1.75 -1.92
C ALA C 535 5.95 -2.94 -2.85
N GLY C 536 5.54 -4.16 -2.49
CA GLY C 536 5.63 -5.28 -3.41
C GLY C 536 7.00 -5.91 -3.62
N PHE C 537 7.85 -5.92 -2.60
CA PHE C 537 9.18 -6.48 -2.81
C PHE C 537 9.33 -8.01 -2.76
N LYS C 539 9.20 -11.82 -0.36
CA LYS C 539 10.52 -11.70 -0.99
C LYS C 539 11.58 -10.96 -0.15
N VAL C 540 11.32 -10.73 1.15
CA VAL C 540 12.24 -10.00 2.05
C VAL C 540 12.41 -10.75 3.39
N LYS C 541 13.65 -10.87 3.85
CA LYS C 541 13.91 -11.51 5.13
C LYS C 541 14.46 -10.45 6.07
N ILE C 542 14.38 -10.73 7.36
CA ILE C 542 14.77 -9.72 8.33
C ILE C 542 15.73 -10.35 9.33
N LEU C 543 16.76 -9.59 9.71
CA LEU C 543 17.75 -10.08 10.65
C LEU C 543 17.22 -10.01 12.09
N GLU C 544 17.30 -11.14 12.79
CA GLU C 544 16.82 -11.22 14.16
C GLU C 544 17.92 -10.84 15.15
N GLY C 545 17.70 -9.75 15.89
CA GLY C 545 18.68 -9.28 16.86
C GLY C 545 19.36 -8.00 16.43
N GLY C 546 19.27 -7.69 15.14
CA GLY C 546 19.88 -6.51 14.59
C GLY C 546 21.39 -6.62 14.46
N MET C 547 22.10 -5.59 14.90
CA MET C 547 23.56 -5.58 14.83
C MET C 547 24.17 -6.22 16.07
N ALA C 548 23.35 -6.37 17.12
CA ALA C 548 23.82 -6.96 18.36
C ALA C 548 24.33 -8.40 18.23
N PHE C 549 23.70 -9.22 17.42
CA PHE C 549 24.18 -10.58 17.24
C PHE C 549 25.11 -10.59 16.04
N TRP C 550 26.10 -9.72 16.02
CA TRP C 550 26.94 -9.61 14.84
C TRP C 550 28.41 -9.97 15.01
N PHE C 551 29.09 -9.40 16.03
CA PHE C 551 30.55 -9.53 16.27
C PHE C 551 31.44 -9.42 15.01
N MET D 1 25.78 3.06 -55.02
CA MET D 1 26.28 2.26 -53.93
C MET D 1 25.46 1.04 -54.03
N ASN D 2 25.73 0.10 -53.15
CA ASN D 2 24.93 -1.09 -53.13
C ASN D 2 24.34 -1.17 -51.75
N VAL D 3 23.06 -1.45 -51.71
CA VAL D 3 22.35 -1.55 -50.47
C VAL D 3 21.75 -2.91 -50.37
N VAL D 4 21.92 -3.54 -49.24
CA VAL D 4 21.35 -4.83 -49.03
C VAL D 4 20.41 -4.74 -47.86
N VAL D 5 19.21 -5.28 -48.00
CA VAL D 5 18.25 -5.23 -46.93
C VAL D 5 17.78 -6.61 -46.54
N ILE D 6 17.68 -6.88 -45.24
CA ILE D 6 17.22 -8.18 -44.76
C ILE D 6 15.78 -8.12 -44.29
N GLY D 7 14.87 -8.59 -45.13
CA GLY D 7 13.46 -8.60 -44.80
C GLY D 7 12.59 -9.06 -45.96
N GLY D 8 11.52 -8.32 -46.22
CA GLY D 8 10.61 -8.66 -47.31
C GLY D 8 9.19 -8.22 -47.03
N GLY D 9 8.99 -7.59 -45.87
CA GLY D 9 7.66 -7.13 -45.48
C GLY D 9 7.48 -5.64 -45.74
N ALA D 10 6.71 -4.99 -44.86
CA ALA D 10 6.45 -3.58 -44.99
C ALA D 10 7.74 -2.80 -44.89
N ALA D 11 8.48 -3.01 -43.79
CA ALA D 11 9.67 -2.23 -43.52
C ALA D 11 10.70 -2.42 -44.63
N GLY D 12 11.16 -3.67 -44.81
CA GLY D 12 12.18 -3.98 -45.81
C GLY D 12 11.95 -3.35 -47.17
N LEU D 13 10.80 -3.65 -47.77
CA LEU D 13 10.55 -3.23 -49.13
C LEU D 13 10.21 -1.75 -49.23
N LYS D 14 9.52 -1.15 -48.25
CA LYS D 14 9.32 0.30 -48.37
C LYS D 14 10.66 1.01 -48.30
N ALA D 15 11.52 0.56 -47.41
CA ALA D 15 12.89 1.09 -47.40
C ALA D 15 13.50 0.93 -48.79
N ALA D 16 13.35 -0.26 -49.37
CA ALA D 16 13.93 -0.48 -50.71
C ALA D 16 13.34 0.47 -51.75
N SER D 17 12.03 0.66 -51.73
CA SER D 17 11.38 1.46 -52.76
C SER D 17 11.81 2.91 -52.66
N ARG D 18 11.86 3.46 -51.45
CA ARG D 18 12.27 4.85 -51.32
C ARG D 18 13.72 5.04 -51.75
N ILE D 19 14.61 4.11 -51.39
CA ILE D 19 15.98 4.29 -51.88
C ILE D 19 16.00 4.25 -53.40
N ARG D 20 15.18 3.40 -54.02
CA ARG D 20 15.15 3.43 -55.47
C ARG D 20 14.73 4.82 -55.98
N ARG D 21 13.72 5.43 -55.42
CA ARG D 21 13.30 6.70 -55.95
C ARG D 21 14.35 7.78 -55.85
N LYS D 22 15.03 7.85 -54.73
CA LYS D 22 16.07 8.83 -54.56
C LYS D 22 17.32 8.61 -55.40
N ASP D 23 17.73 7.35 -55.58
CA ASP D 23 18.89 7.01 -56.38
C ASP D 23 18.48 5.99 -57.44
N GLY D 24 18.68 6.26 -58.72
CA GLY D 24 18.25 5.32 -59.73
C GLY D 24 19.25 4.27 -60.11
N ASP D 25 20.54 4.49 -59.79
CA ASP D 25 21.61 3.55 -60.11
C ASP D 25 22.35 3.00 -58.88
N ALA D 26 21.77 3.12 -57.69
CA ALA D 26 22.20 2.28 -56.59
C ALA D 26 21.77 0.83 -56.84
N SER D 27 22.58 -0.09 -56.33
CA SER D 27 22.33 -1.53 -56.43
C SER D 27 21.62 -2.01 -55.16
N ILE D 28 20.37 -2.43 -55.31
CA ILE D 28 19.53 -2.79 -54.17
C ILE D 28 19.23 -4.28 -54.28
N THR D 29 19.67 -5.01 -53.28
CA THR D 29 19.39 -6.43 -53.11
C THR D 29 18.56 -6.58 -51.84
N VAL D 30 17.36 -7.13 -51.97
CA VAL D 30 16.53 -7.49 -50.84
C VAL D 30 16.60 -8.99 -50.68
N VAL D 31 17.01 -9.42 -49.49
CA VAL D 31 17.16 -10.83 -49.12
C VAL D 31 15.93 -11.24 -48.34
N GLU D 32 15.19 -12.22 -48.85
CA GLU D 32 13.99 -12.74 -48.21
C GLU D 32 14.07 -14.24 -48.02
N ALA D 33 13.57 -14.73 -46.86
CA ALA D 33 13.65 -16.14 -46.52
C ALA D 33 12.52 -17.01 -47.10
N GLY D 34 11.33 -16.45 -47.37
CA GLY D 34 10.18 -17.25 -47.77
C GLY D 34 9.86 -17.18 -49.27
N LYS D 35 8.75 -17.85 -49.65
CA LYS D 35 8.27 -17.80 -51.04
C LYS D 35 7.73 -16.43 -51.36
N TYR D 36 6.76 -15.99 -50.59
CA TYR D 36 6.02 -14.77 -50.87
C TYR D 36 6.77 -13.59 -50.28
N VAL D 37 6.45 -12.43 -50.80
CA VAL D 37 7.20 -11.22 -50.49
C VAL D 37 6.35 -9.98 -50.71
N SER D 38 6.34 -9.09 -49.73
CA SER D 38 5.42 -7.94 -49.67
C SER D 38 3.98 -8.38 -49.44
N LEU D 39 3.77 -9.49 -48.73
CA LEU D 39 2.41 -10.00 -48.53
C LEU D 39 1.67 -9.15 -47.51
N GLY D 40 0.40 -8.88 -47.81
CA GLY D 40 -0.39 -8.09 -46.86
C GLY D 40 -0.91 -8.88 -45.68
N ARG D 41 0.00 -9.33 -44.83
CA ARG D 41 -0.36 -10.11 -43.65
C ARG D 41 -1.42 -9.40 -42.82
N CYS D 42 -1.42 -8.08 -42.88
CA CYS D 42 -2.38 -7.27 -42.13
C CYS D 42 -3.80 -7.52 -42.63
N GLY D 43 -4.00 -8.65 -43.31
CA GLY D 43 -5.29 -9.01 -43.84
C GLY D 43 -5.61 -10.49 -43.69
N LEU D 44 -4.57 -11.30 -43.54
CA LEU D 44 -4.75 -12.74 -43.38
C LEU D 44 -6.02 -13.13 -42.62
N PRO D 45 -6.40 -12.49 -41.50
CA PRO D 45 -7.67 -12.87 -40.88
C PRO D 45 -8.83 -12.74 -41.85
N TYR D 46 -8.92 -11.61 -42.57
CA TYR D 46 -10.05 -11.36 -43.47
C TYR D 46 -10.03 -12.30 -44.67
N TYR D 47 -8.90 -12.96 -44.88
CA TYR D 47 -8.81 -14.06 -45.84
C TYR D 47 -9.42 -15.34 -45.26
N VAL D 48 -9.01 -15.72 -44.04
CA VAL D 48 -9.62 -16.88 -43.39
C VAL D 48 -11.14 -16.69 -43.33
N GLY D 49 -11.58 -15.53 -42.87
CA GLY D 49 -13.01 -15.28 -42.68
C GLY D 49 -13.83 -15.29 -43.96
N GLY D 50 -13.21 -15.12 -45.12
CA GLY D 50 -13.91 -15.10 -46.40
C GLY D 50 -14.05 -13.74 -47.07
N LEU D 51 -13.72 -12.65 -46.42
CA LEU D 51 -13.83 -11.34 -47.04
C LEU D 51 -12.94 -11.24 -48.23
N VAL D 52 -11.76 -11.84 -48.10
CA VAL D 52 -10.77 -11.83 -49.16
C VAL D 52 -10.81 -13.19 -49.79
N HIS D 53 -11.05 -13.25 -51.08
CA HIS D 53 -11.14 -14.54 -51.74
C HIS D 53 -9.91 -15.42 -51.89
N GLU D 54 -8.76 -14.85 -52.21
CA GLU D 54 -7.54 -15.62 -52.33
C GLU D 54 -6.38 -14.81 -51.78
N VAL D 55 -5.37 -15.51 -51.33
CA VAL D 55 -4.22 -14.87 -50.67
C VAL D 55 -3.51 -13.86 -51.56
N ASP D 56 -3.60 -14.05 -52.88
CA ASP D 56 -2.93 -13.10 -53.75
C ASP D 56 -3.65 -11.76 -53.81
N ASN D 57 -4.86 -11.66 -53.24
CA ASN D 57 -5.47 -10.36 -53.02
C ASN D 57 -4.71 -9.50 -52.02
N LEU D 58 -3.81 -10.07 -51.24
CA LEU D 58 -3.07 -9.30 -50.26
C LEU D 58 -1.67 -8.98 -50.74
N ARG D 59 -1.34 -9.42 -51.96
CA ARG D 59 -0.18 -9.00 -52.75
C ARG D 59 -0.71 -8.58 -54.15
N GLU D 60 -1.23 -7.36 -54.29
CA GLU D 60 -1.86 -6.96 -55.57
C GLU D 60 -1.76 -5.44 -55.75
N THR D 61 -2.67 -4.90 -56.56
CA THR D 61 -2.60 -3.54 -57.08
C THR D 61 -4.02 -3.00 -57.42
N ARG D 67 2.67 -9.89 -58.12
CA ARG D 67 3.65 -9.11 -57.37
C ARG D 67 4.84 -9.94 -56.90
N ASP D 68 5.31 -10.79 -57.77
CA ASP D 68 6.38 -11.68 -57.48
C ASP D 68 7.65 -10.92 -57.60
N GLU D 69 8.75 -11.65 -57.74
CA GLU D 69 10.08 -11.05 -57.84
C GLU D 69 10.15 -10.25 -59.12
N ALA D 70 9.48 -10.75 -60.15
CA ALA D 70 9.46 -10.07 -61.44
C ALA D 70 8.90 -8.66 -61.30
N TYR D 71 7.78 -8.51 -60.58
CA TYR D 71 7.26 -7.17 -60.31
C TYR D 71 8.35 -6.27 -59.78
N PHE D 72 9.03 -6.70 -58.71
CA PHE D 72 10.02 -5.77 -58.16
C PHE D 72 11.22 -5.57 -59.10
N LYS D 73 11.50 -6.52 -60.01
CA LYS D 73 12.59 -6.33 -60.97
C LYS D 73 12.21 -5.30 -62.03
N LYS D 74 11.12 -5.58 -62.75
CA LYS D 74 10.70 -4.77 -63.88
C LYS D 74 10.36 -3.35 -63.45
N LEU D 75 9.72 -3.20 -62.28
CA LEU D 75 9.25 -1.87 -61.90
C LEU D 75 10.36 -1.04 -61.26
N LYS D 76 11.01 -1.61 -60.26
CA LYS D 76 11.93 -0.85 -59.43
C LYS D 76 13.38 -1.27 -59.60
N ASN D 77 13.68 -2.30 -60.41
CA ASN D 77 15.05 -2.78 -60.59
C ASN D 77 15.66 -3.18 -59.25
N ILE D 78 14.83 -3.75 -58.38
CA ILE D 78 15.25 -4.25 -57.08
C ILE D 78 15.40 -5.75 -57.21
N ASP D 79 16.58 -6.25 -56.89
CA ASP D 79 16.83 -7.69 -57.00
C ASP D 79 16.40 -8.32 -55.67
N VAL D 80 15.29 -9.09 -55.70
CA VAL D 80 14.83 -9.77 -54.51
C VAL D 80 15.10 -11.26 -54.65
N LEU D 81 15.98 -11.75 -53.78
CA LEU D 81 16.31 -13.18 -53.65
C LEU D 81 15.35 -13.86 -52.66
N THR D 82 14.38 -14.59 -53.22
CA THR D 82 13.41 -15.33 -52.43
C THR D 82 13.98 -16.64 -51.90
N GLU D 83 13.48 -17.08 -50.75
CA GLU D 83 13.92 -18.32 -50.12
C GLU D 83 15.43 -18.35 -49.82
N THR D 84 15.97 -17.20 -49.44
CA THR D 84 17.38 -17.10 -49.10
C THR D 84 17.48 -16.60 -47.68
N VAL D 85 18.28 -17.27 -46.85
CA VAL D 85 18.40 -16.83 -45.46
C VAL D 85 19.70 -16.06 -45.30
N ALA D 86 19.65 -14.94 -44.62
CA ALA D 86 20.87 -14.29 -44.16
C ALA D 86 21.24 -14.94 -42.84
N THR D 87 22.45 -15.49 -42.77
CA THR D 87 22.81 -16.25 -41.59
C THR D 87 23.82 -15.54 -40.69
N GLU D 88 24.59 -14.59 -41.22
CA GLU D 88 25.42 -13.75 -40.37
C GLU D 88 25.73 -12.43 -41.08
N ILE D 89 25.84 -11.39 -40.27
CA ILE D 89 26.28 -10.04 -40.67
C ILE D 89 27.68 -9.82 -40.14
N ASP D 90 28.57 -9.33 -41.00
CA ASP D 90 29.96 -9.03 -40.63
C ASP D 90 30.17 -7.53 -40.84
N ARG D 91 30.12 -6.76 -39.75
CA ARG D 91 30.24 -5.31 -39.89
C ARG D 91 31.65 -4.88 -40.25
N SER D 92 32.65 -5.75 -40.04
CA SER D 92 34.01 -5.35 -40.33
C SER D 92 34.29 -5.37 -41.83
N ARG D 93 33.75 -6.36 -42.56
CA ARG D 93 33.92 -6.42 -44.00
C ARG D 93 32.75 -5.84 -44.76
N LYS D 94 31.79 -5.23 -44.06
CA LYS D 94 30.53 -4.80 -44.63
C LYS D 94 29.96 -5.88 -45.55
N THR D 95 29.67 -7.03 -44.96
CA THR D 95 29.19 -8.20 -45.70
C THR D 95 27.98 -8.82 -44.99
N VAL D 96 27.15 -9.50 -45.78
CA VAL D 96 26.08 -10.36 -45.27
C VAL D 96 26.25 -11.72 -45.88
N LYS D 97 26.49 -12.73 -45.05
CA LYS D 97 26.58 -14.10 -45.54
C LYS D 97 25.17 -14.68 -45.72
N ILE D 98 24.89 -15.30 -46.86
CA ILE D 98 23.58 -15.89 -47.18
C ILE D 98 23.59 -17.34 -47.69
N VAL D 99 22.43 -17.99 -47.60
CA VAL D 99 22.29 -19.37 -48.06
C VAL D 99 21.29 -19.46 -49.21
N ARG D 100 21.66 -20.06 -50.32
CA ARG D 100 20.73 -20.11 -51.39
C ARG D 100 20.89 -21.41 -52.05
N ASN D 101 19.81 -22.10 -52.28
CA ASN D 101 19.87 -23.34 -52.97
C ASN D 101 20.80 -24.26 -52.21
N GLY D 102 20.94 -24.03 -50.93
CA GLY D 102 21.77 -24.88 -50.12
C GLY D 102 23.23 -24.59 -50.29
N SER D 103 23.55 -23.61 -51.11
CA SER D 103 24.93 -23.26 -51.31
C SER D 103 25.02 -21.87 -50.83
N GLU D 104 25.92 -21.63 -49.89
CA GLU D 104 26.10 -20.31 -49.28
C GLU D 104 26.82 -19.29 -50.15
N ASP D 105 26.56 -18.02 -49.90
CA ASP D 105 27.26 -16.94 -50.59
C ASP D 105 27.37 -15.71 -49.73
N GLU D 106 27.96 -14.66 -50.29
CA GLU D 106 28.19 -13.45 -49.52
C GLU D 106 27.81 -12.23 -50.33
N LEU D 107 27.02 -11.36 -49.70
CA LEU D 107 26.61 -10.08 -50.26
C LEU D 107 27.44 -8.99 -49.59
N ASN D 108 28.01 -8.09 -50.40
CA ASN D 108 28.71 -6.93 -49.87
C ASN D 108 27.81 -5.70 -49.98
N TYR D 109 27.74 -4.96 -48.89
CA TYR D 109 26.87 -3.81 -48.78
C TYR D 109 27.67 -2.60 -48.35
N ASP D 110 27.17 -1.41 -48.71
CA ASP D 110 27.64 -0.14 -48.17
C ASP D 110 26.67 0.43 -47.15
N TYR D 111 25.39 0.37 -47.45
CA TYR D 111 24.34 0.50 -46.46
C TYR D 111 23.54 -0.80 -46.39
N LEU D 112 23.03 -1.10 -45.19
CA LEU D 112 22.28 -2.33 -44.93
C LEU D 112 21.04 -1.99 -44.12
N VAL D 113 19.89 -2.52 -44.55
CA VAL D 113 18.63 -2.45 -43.81
C VAL D 113 18.38 -3.79 -43.13
N ILE D 114 18.24 -3.78 -41.80
CA ILE D 114 17.77 -4.93 -41.05
C ILE D 114 16.28 -4.74 -40.85
N ALA D 115 15.47 -5.55 -41.52
CA ALA D 115 14.03 -5.45 -41.44
C ALA D 115 13.52 -6.88 -41.36
N THR D 116 13.77 -7.49 -40.21
CA THR D 116 13.57 -8.92 -40.06
C THR D 116 12.26 -9.27 -39.41
N GLY D 117 11.41 -8.28 -39.14
CA GLY D 117 10.11 -8.54 -38.51
C GLY D 117 10.23 -9.12 -37.12
N ALA D 118 9.23 -9.93 -36.78
CA ALA D 118 9.15 -10.52 -35.47
C ALA D 118 8.45 -11.86 -35.65
N ARG D 119 8.79 -12.83 -34.75
CA ARG D 119 8.15 -14.13 -34.76
C ARG D 119 7.09 -14.20 -33.68
N PRO D 120 6.09 -15.06 -33.83
CA PRO D 120 5.11 -15.27 -32.74
C PRO D 120 5.79 -15.89 -31.54
N ALA D 121 5.55 -15.29 -30.36
CA ALA D 121 6.03 -15.83 -29.10
C ALA D 121 5.29 -17.10 -28.77
N LYS D 122 6.04 -18.14 -28.45
CA LYS D 122 5.45 -19.45 -28.17
C LYS D 122 5.39 -19.60 -26.67
N PRO D 123 4.21 -19.65 -26.04
CA PRO D 123 4.17 -19.93 -24.58
C PRO D 123 4.75 -21.29 -24.29
N PRO D 124 5.75 -21.36 -23.49
CA PRO D 124 6.38 -22.64 -23.19
C PRO D 124 5.43 -23.61 -22.52
N ILE D 125 4.65 -24.39 -23.29
CA ILE D 125 3.73 -25.35 -22.70
C ILE D 125 3.62 -26.58 -23.61
N GLU D 126 3.23 -27.68 -22.99
CA GLU D 126 3.23 -28.98 -23.64
C GLU D 126 2.16 -29.07 -24.73
N GLY D 127 2.55 -29.54 -25.91
CA GLY D 127 1.62 -29.74 -26.99
C GLY D 127 1.52 -28.56 -27.91
N ILE D 128 2.37 -27.58 -27.73
CA ILE D 128 2.32 -26.40 -28.54
C ILE D 128 2.59 -26.64 -30.01
N GLU D 129 3.41 -27.62 -30.32
CA GLU D 129 3.76 -27.93 -31.69
C GLU D 129 2.89 -28.97 -32.33
N ALA D 130 1.87 -29.39 -31.63
CA ALA D 130 0.98 -30.40 -32.13
C ALA D 130 0.26 -29.88 -33.35
N GLU D 131 -0.08 -30.77 -34.26
CA GLU D 131 -0.71 -30.36 -35.48
C GLU D 131 -1.99 -29.69 -35.10
N GLY D 132 -2.34 -28.67 -35.84
CA GLY D 132 -3.53 -27.92 -35.56
C GLY D 132 -3.35 -26.71 -34.70
N VAL D 133 -2.14 -26.51 -34.20
CA VAL D 133 -1.81 -25.35 -33.40
C VAL D 133 -1.08 -24.50 -34.39
N VAL D 134 -1.52 -23.28 -34.55
CA VAL D 134 -1.05 -22.42 -35.61
C VAL D 134 -0.78 -21.03 -35.04
N THR D 135 -0.21 -20.17 -35.86
CA THR D 135 -0.17 -18.74 -35.63
C THR D 135 -0.64 -18.04 -36.89
N LEU D 136 -1.07 -16.79 -36.78
CA LEU D 136 -1.53 -16.09 -37.98
C LEU D 136 -0.44 -15.22 -38.56
N THR D 137 0.76 -15.78 -38.68
CA THR D 137 1.91 -15.00 -39.10
C THR D 137 2.25 -15.17 -40.58
N SER D 138 1.87 -16.29 -41.19
CA SER D 138 2.20 -16.57 -42.57
C SER D 138 0.98 -16.99 -43.36
N ALA D 139 1.06 -16.77 -44.68
CA ALA D 139 0.06 -17.31 -45.59
C ALA D 139 -0.13 -18.80 -45.33
N GLU D 140 1.00 -19.52 -45.21
CA GLU D 140 0.97 -20.98 -45.06
C GLU D 140 0.13 -21.39 -43.86
N GLU D 141 0.37 -20.74 -42.73
CA GLU D 141 -0.37 -21.08 -41.51
C GLU D 141 -1.86 -20.73 -41.66
N ALA D 142 -2.19 -19.58 -42.28
CA ALA D 142 -3.60 -19.29 -42.55
C ALA D 142 -4.24 -20.40 -43.39
N GLU D 143 -3.57 -20.85 -44.41
CA GLU D 143 -4.12 -21.87 -45.26
C GLU D 143 -4.35 -23.15 -44.53
N LYS D 144 -3.46 -23.48 -43.61
CA LYS D 144 -3.61 -24.71 -42.88
C LYS D 144 -4.87 -24.63 -42.10
N ILE D 145 -5.24 -23.46 -41.63
CA ILE D 145 -6.51 -23.34 -40.94
C ILE D 145 -7.57 -23.62 -41.95
N ILE D 146 -7.41 -23.18 -43.19
CA ILE D 146 -8.46 -23.47 -44.17
C ILE D 146 -8.59 -24.98 -44.46
N GLU D 147 -7.47 -25.70 -44.59
CA GLU D 147 -7.54 -27.15 -44.87
C GLU D 147 -8.14 -27.90 -43.69
N MET D 148 -7.80 -27.56 -42.46
CA MET D 148 -8.42 -28.33 -41.38
C MET D 148 -9.90 -28.01 -41.26
N TRP D 149 -10.34 -26.82 -41.66
CA TRP D 149 -11.80 -26.67 -41.69
C TRP D 149 -12.41 -27.45 -42.88
N GLU D 150 -11.75 -27.45 -44.04
CA GLU D 150 -12.21 -28.33 -45.14
C GLU D 150 -12.31 -29.79 -44.70
N GLU D 151 -11.47 -30.21 -43.75
CA GLU D 151 -11.38 -31.60 -43.32
C GLU D 151 -12.27 -31.94 -42.12
N GLY D 152 -13.06 -31.00 -41.61
CA GLY D 152 -14.01 -31.29 -40.56
C GLY D 152 -13.84 -30.58 -39.22
N ALA D 153 -13.04 -29.52 -39.17
CA ALA D 153 -12.80 -28.81 -37.91
C ALA D 153 -14.00 -27.93 -37.57
N GLU D 154 -14.44 -28.01 -36.33
CA GLU D 154 -15.64 -27.32 -35.91
C GLU D 154 -15.51 -26.57 -34.60
N LYS D 155 -14.49 -26.86 -33.80
CA LYS D 155 -14.25 -26.20 -32.51
C LYS D 155 -12.89 -25.53 -32.57
N ALA D 156 -12.79 -24.38 -31.91
CA ALA D 156 -11.56 -23.61 -31.96
C ALA D 156 -11.30 -22.99 -30.60
N VAL D 157 -10.04 -22.99 -30.17
CA VAL D 157 -9.58 -22.17 -29.06
C VAL D 157 -8.60 -21.15 -29.61
N VAL D 158 -8.72 -19.90 -29.16
CA VAL D 158 -7.70 -18.87 -29.36
C VAL D 158 -7.07 -18.56 -28.01
N ILE D 159 -5.73 -18.53 -27.96
CA ILE D 159 -5.04 -18.06 -26.76
C ILE D 159 -4.65 -16.60 -26.97
N GLY D 160 -5.34 -15.68 -26.28
CA GLY D 160 -4.99 -14.28 -26.33
C GLY D 160 -6.09 -13.45 -26.94
N ALA D 161 -6.56 -12.45 -26.20
CA ALA D 161 -7.48 -11.45 -26.75
C ALA D 161 -6.74 -10.18 -27.18
N GLY D 162 -5.57 -10.33 -27.83
CA GLY D 162 -4.97 -9.25 -28.58
C GLY D 162 -5.76 -8.98 -29.83
N PHE D 163 -5.32 -7.95 -30.57
CA PHE D 163 -6.08 -7.69 -31.79
C PHE D 163 -5.92 -8.85 -32.76
N ILE D 164 -4.76 -9.49 -32.78
CA ILE D 164 -4.62 -10.65 -33.65
C ILE D 164 -5.49 -11.79 -33.16
N GLY D 165 -5.40 -12.13 -31.86
CA GLY D 165 -6.31 -13.09 -31.26
C GLY D 165 -7.76 -12.91 -31.68
N LEU D 166 -8.36 -11.80 -31.27
CA LEU D 166 -9.79 -11.54 -31.52
C LEU D 166 -10.13 -11.48 -33.02
N GLU D 167 -9.20 -11.00 -33.86
CA GLU D 167 -9.53 -11.04 -35.27
C GLU D 167 -9.51 -12.46 -35.80
N SER D 168 -8.68 -13.33 -35.22
CA SER D 168 -8.73 -14.73 -35.64
C SER D 168 -9.89 -15.45 -35.01
N ALA D 169 -10.33 -14.98 -33.85
CA ALA D 169 -11.58 -15.45 -33.29
C ALA D 169 -12.70 -15.20 -34.26
N GLU D 170 -12.86 -13.95 -34.72
CA GLU D 170 -13.97 -13.64 -35.63
C GLU D 170 -13.79 -14.38 -36.95
N ALA D 171 -12.58 -14.30 -37.52
CA ALA D 171 -12.31 -15.06 -38.73
C ALA D 171 -12.72 -16.52 -38.59
N LEU D 172 -12.47 -17.12 -37.43
CA LEU D 172 -12.78 -18.53 -37.28
C LEU D 172 -14.28 -18.77 -37.10
N LYS D 173 -14.95 -17.91 -36.34
CA LYS D 173 -16.39 -18.05 -36.17
C LYS D 173 -17.13 -17.85 -37.48
N ASN D 174 -16.60 -16.99 -38.37
CA ASN D 174 -17.23 -16.89 -39.69
C ASN D 174 -17.08 -18.18 -40.49
N LEU D 175 -16.35 -19.14 -39.95
CA LEU D 175 -16.23 -20.45 -40.57
C LEU D 175 -17.19 -21.40 -39.90
N ASP D 176 -18.04 -20.87 -39.04
CA ASP D 176 -19.00 -21.63 -38.28
C ASP D 176 -18.44 -22.69 -37.33
N MET D 177 -17.40 -22.29 -36.62
CA MET D 177 -16.74 -23.08 -35.62
C MET D 177 -17.20 -22.46 -34.35
N GLU D 178 -17.08 -23.20 -33.25
CA GLU D 178 -17.45 -22.70 -31.94
C GLU D 178 -16.13 -22.09 -31.50
N VAL D 179 -16.14 -20.84 -31.04
CA VAL D 179 -14.87 -20.25 -30.70
C VAL D 179 -14.86 -19.95 -29.20
N THR D 180 -13.79 -20.36 -28.54
CA THR D 180 -13.54 -19.91 -27.19
C THR D 180 -12.19 -19.23 -27.17
N VAL D 181 -12.09 -18.11 -26.44
CA VAL D 181 -10.87 -17.33 -26.32
C VAL D 181 -10.42 -17.32 -24.86
N ILE D 182 -9.14 -17.59 -24.64
CA ILE D 182 -8.55 -17.72 -23.31
C ILE D 182 -7.54 -16.60 -23.16
N GLU D 183 -7.80 -15.70 -22.19
CA GLU D 183 -6.96 -14.53 -21.96
C GLU D 183 -6.31 -14.63 -20.59
N MET D 184 -5.04 -14.25 -20.57
CA MET D 184 -4.20 -14.23 -19.38
C MET D 184 -4.62 -13.15 -18.38
N MET D 185 -5.08 -12.01 -18.87
CA MET D 185 -5.43 -10.81 -18.10
C MET D 185 -6.84 -10.56 -17.60
N ASP D 186 -7.03 -9.40 -16.97
CA ASP D 186 -8.31 -9.03 -16.38
C ASP D 186 -9.43 -8.87 -17.39
N ARG D 187 -9.06 -8.45 -18.60
CA ARG D 187 -10.05 -8.26 -19.61
C ARG D 187 -9.48 -8.42 -20.96
N VAL D 188 -10.35 -8.51 -21.95
CA VAL D 188 -9.96 -8.63 -23.36
C VAL D 188 -9.27 -7.36 -23.87
N ALA D 189 -8.36 -7.56 -24.81
CA ALA D 189 -7.56 -6.49 -25.42
C ALA D 189 -6.82 -5.66 -24.39
N PRO D 190 -5.90 -6.24 -23.62
CA PRO D 190 -5.31 -5.50 -22.49
C PRO D 190 -4.39 -4.34 -22.89
N ALA D 191 -3.70 -4.43 -24.03
CA ALA D 191 -2.78 -3.35 -24.40
C ALA D 191 -3.56 -2.08 -24.73
N MET D 192 -4.80 -2.25 -25.16
CA MET D 192 -5.55 -1.15 -25.72
C MET D 192 -6.56 -0.58 -24.75
N LEU D 193 -7.06 -1.38 -23.83
CA LEU D 193 -8.26 -0.99 -23.11
C LEU D 193 -8.11 -1.25 -21.62
N ASP D 194 -8.87 -0.48 -20.86
CA ASP D 194 -9.12 -0.74 -19.46
C ASP D 194 -10.29 -1.71 -19.29
N ARG D 195 -10.36 -2.33 -18.12
CA ARG D 195 -11.45 -3.27 -17.86
C ARG D 195 -12.72 -2.54 -18.26
N GLU D 196 -13.02 -1.48 -17.51
CA GLU D 196 -14.17 -0.62 -17.77
C GLU D 196 -14.75 -0.72 -19.17
N MET D 197 -13.88 -0.57 -20.16
CA MET D 197 -14.26 -0.53 -21.55
C MET D 197 -14.27 -1.90 -22.19
N ALA D 198 -13.21 -2.67 -21.94
CA ALA D 198 -13.11 -4.02 -22.48
C ALA D 198 -14.32 -4.88 -22.11
N VAL D 199 -15.02 -4.58 -21.01
CA VAL D 199 -16.25 -5.32 -20.74
C VAL D 199 -17.12 -5.33 -22.00
N LEU D 200 -17.47 -4.15 -22.49
CA LEU D 200 -18.28 -4.01 -23.69
C LEU D 200 -17.83 -4.97 -24.78
N VAL D 201 -16.62 -4.77 -25.31
CA VAL D 201 -16.12 -5.65 -26.37
C VAL D 201 -16.39 -7.11 -26.00
N GLU D 202 -15.88 -7.53 -24.83
CA GLU D 202 -16.13 -8.88 -24.29
C GLU D 202 -17.56 -9.38 -24.46
N ASN D 203 -18.54 -8.59 -23.98
CA ASN D 203 -19.94 -8.98 -24.06
C ASN D 203 -20.45 -8.98 -25.50
N HIS D 204 -19.98 -8.07 -26.37
CA HIS D 204 -20.33 -8.17 -27.78
C HIS D 204 -19.87 -9.51 -28.36
N LEU D 205 -18.62 -9.90 -28.06
CA LEU D 205 -18.16 -11.19 -28.53
C LEU D 205 -19.09 -12.29 -28.06
N ARG D 206 -19.30 -12.38 -26.74
CA ARG D 206 -20.20 -13.41 -26.24
C ARG D 206 -21.55 -13.37 -26.98
N GLU D 207 -22.06 -12.19 -27.24
CA GLU D 207 -23.36 -12.10 -27.91
C GLU D 207 -23.31 -12.54 -29.37
N LYS D 208 -22.11 -12.68 -29.95
CA LYS D 208 -22.02 -13.24 -31.29
C LYS D 208 -21.65 -14.72 -31.30
N GLY D 209 -21.64 -15.38 -30.14
CA GLY D 209 -21.32 -16.80 -30.07
C GLY D 209 -19.87 -17.12 -29.78
N VAL D 210 -19.04 -16.11 -29.57
CA VAL D 210 -17.65 -16.31 -29.17
C VAL D 210 -17.65 -16.34 -27.65
N ASN D 211 -17.15 -17.42 -27.08
CA ASN D 211 -17.00 -17.42 -25.65
C ASN D 211 -15.61 -16.91 -25.30
N VAL D 212 -15.54 -16.22 -24.16
CA VAL D 212 -14.37 -15.47 -23.74
C VAL D 212 -14.15 -15.72 -22.27
N VAL D 213 -12.94 -16.16 -21.90
CA VAL D 213 -12.59 -16.30 -20.48
C VAL D 213 -11.26 -15.57 -20.21
N THR D 214 -11.27 -14.69 -19.21
CA THR D 214 -10.16 -13.83 -18.81
C THR D 214 -9.54 -14.36 -17.51
N SER D 215 -8.38 -13.79 -17.18
CA SER D 215 -7.56 -14.13 -15.97
C SER D 215 -7.39 -15.63 -15.79
N THR D 216 -7.07 -16.33 -16.88
CA THR D 216 -6.70 -17.74 -16.83
C THR D 216 -5.50 -17.92 -17.74
N ARG D 217 -4.54 -18.74 -17.32
CA ARG D 217 -3.55 -19.22 -18.26
C ARG D 217 -4.05 -20.51 -18.90
N VAL D 218 -3.30 -20.97 -19.87
CA VAL D 218 -3.42 -22.32 -20.38
C VAL D 218 -2.28 -23.14 -19.81
N GLU D 219 -2.61 -24.32 -19.30
CA GLU D 219 -1.65 -25.18 -18.63
C GLU D 219 -1.02 -26.20 -19.56
N LYS D 220 -1.84 -26.81 -20.42
CA LYS D 220 -1.38 -27.85 -21.33
C LYS D 220 -2.28 -27.82 -22.56
N ILE D 221 -1.76 -28.42 -23.63
CA ILE D 221 -2.49 -28.67 -24.87
C ILE D 221 -2.58 -30.18 -25.06
N VAL D 222 -3.72 -30.77 -24.66
CA VAL D 222 -3.95 -32.21 -24.84
C VAL D 222 -3.99 -32.53 -26.34
N SER D 223 -3.29 -33.57 -26.74
CA SER D 223 -3.29 -33.89 -28.13
C SER D 223 -3.53 -35.35 -28.37
N GLN D 224 -4.49 -35.64 -29.22
CA GLN D 224 -4.82 -37.01 -29.53
C GLN D 224 -4.38 -37.34 -30.92
N ASP D 225 -3.43 -38.25 -31.04
CA ASP D 225 -2.94 -38.59 -32.34
C ASP D 225 -2.34 -37.34 -32.95
N ASP D 226 -2.17 -36.29 -32.14
CA ASP D 226 -1.68 -35.00 -32.55
C ASP D 226 -2.87 -34.21 -33.05
N LYS D 227 -3.68 -33.74 -32.12
CA LYS D 227 -4.83 -32.96 -32.46
C LYS D 227 -4.95 -31.85 -31.48
N VAL D 228 -5.85 -31.95 -30.51
CA VAL D 228 -6.02 -30.90 -29.53
C VAL D 228 -7.16 -31.08 -28.52
N ARG D 229 -7.19 -30.11 -27.62
CA ARG D 229 -8.12 -29.94 -26.54
C ARG D 229 -7.18 -29.20 -25.64
N ALA D 230 -7.63 -28.17 -24.94
CA ALA D 230 -6.72 -27.40 -24.10
C ALA D 230 -7.19 -27.27 -22.68
N VAL D 231 -6.28 -27.44 -21.73
CA VAL D 231 -6.64 -27.34 -20.32
C VAL D 231 -6.53 -25.90 -19.83
N ILE D 232 -7.67 -25.26 -19.65
CA ILE D 232 -7.70 -23.87 -19.18
C ILE D 232 -6.79 -23.68 -17.98
N ASN D 234 -7.28 -22.82 -15.36
CA ASN D 234 -8.10 -22.90 -14.16
C ASN D 234 -8.38 -24.34 -13.74
N GLY D 235 -8.22 -25.27 -14.68
CA GLY D 235 -8.45 -26.67 -14.42
C GLY D 235 -9.59 -27.23 -15.25
N LYS D 236 -9.94 -26.54 -16.32
CA LYS D 236 -11.01 -26.97 -17.21
C LYS D 236 -10.48 -27.37 -18.58
N GLU D 237 -11.30 -28.08 -19.35
CA GLU D 237 -10.92 -28.52 -20.65
C GLU D 237 -11.84 -27.88 -21.66
N TYR D 238 -11.27 -27.43 -22.77
CA TYR D 238 -12.04 -26.83 -23.82
C TYR D 238 -11.67 -27.54 -25.07
N PRO D 239 -12.61 -28.42 -25.59
CA PRO D 239 -12.23 -29.09 -26.82
C PRO D 239 -11.76 -28.14 -27.85
N ALA D 240 -11.07 -28.61 -28.88
CA ALA D 240 -10.60 -27.72 -29.89
C ALA D 240 -10.04 -28.49 -31.02
N ASP D 241 -10.52 -28.21 -32.24
CA ASP D 241 -9.93 -28.92 -33.36
C ASP D 241 -8.73 -28.16 -33.86
N VAL D 242 -8.70 -26.86 -33.59
CA VAL D 242 -7.57 -25.99 -33.86
C VAL D 242 -7.34 -25.08 -32.68
N VAL D 243 -6.12 -24.62 -32.56
CA VAL D 243 -5.75 -23.57 -31.64
C VAL D 243 -4.93 -22.58 -32.43
N VAL D 244 -5.29 -21.30 -32.37
CA VAL D 244 -4.41 -20.24 -32.84
C VAL D 244 -3.80 -19.57 -31.60
N VAL D 245 -2.47 -19.54 -31.55
CA VAL D 245 -1.73 -18.94 -30.45
C VAL D 245 -1.35 -17.53 -30.86
N ALA D 246 -1.94 -16.55 -30.17
CA ALA D 246 -1.77 -15.13 -30.47
C ALA D 246 -1.40 -14.37 -29.19
N THR D 247 -0.27 -14.74 -28.58
CA THR D 247 0.03 -14.29 -27.23
C THR D 247 1.13 -13.24 -27.19
N GLY D 248 1.34 -12.56 -28.29
CA GLY D 248 2.41 -11.60 -28.40
C GLY D 248 3.42 -12.05 -29.42
N ILE D 249 4.49 -11.27 -29.53
CA ILE D 249 5.53 -11.52 -30.50
C ILE D 249 6.89 -11.47 -29.82
N LYS D 250 7.89 -11.85 -30.56
CA LYS D 250 9.26 -11.73 -30.10
C LYS D 250 10.07 -11.25 -31.30
N PRO D 251 10.78 -10.13 -31.19
CA PRO D 251 11.43 -9.53 -32.37
C PRO D 251 12.67 -10.29 -32.81
N ASN D 252 12.84 -10.35 -34.13
CA ASN D 252 13.85 -11.17 -34.80
C ASN D 252 15.18 -10.43 -34.80
N SER D 253 15.74 -10.33 -33.62
CA SER D 253 16.86 -9.44 -33.39
C SER D 253 18.19 -10.17 -33.26
N GLU D 254 18.22 -11.51 -33.38
CA GLU D 254 19.43 -12.23 -33.04
C GLU D 254 20.51 -12.09 -34.11
N LEU D 255 20.15 -11.95 -35.38
CA LEU D 255 21.17 -11.55 -36.36
C LEU D 255 21.84 -10.24 -35.95
N ALA D 256 21.07 -9.36 -35.32
CA ALA D 256 21.55 -8.05 -34.93
C ALA D 256 22.48 -8.12 -33.72
N GLU D 257 22.09 -8.89 -32.71
CA GLU D 257 22.91 -9.05 -31.51
C GLU D 257 24.22 -9.76 -31.82
N LYS D 258 24.14 -10.85 -32.57
CA LYS D 258 25.37 -11.55 -32.84
C LYS D 258 26.33 -10.75 -33.77
N ALA D 259 25.99 -9.51 -34.11
CA ALA D 259 26.86 -8.63 -34.90
C ALA D 259 27.41 -7.49 -34.07
N GLY D 260 27.19 -7.50 -32.76
CA GLY D 260 27.59 -6.41 -31.90
C GLY D 260 26.63 -5.25 -31.85
N LEU D 261 25.64 -5.22 -32.74
CA LEU D 261 24.60 -4.21 -32.68
C LEU D 261 23.90 -4.22 -31.32
N LYS D 262 23.38 -3.06 -30.95
CA LYS D 262 22.95 -2.75 -29.60
C LYS D 262 21.48 -3.08 -29.42
N ILE D 263 21.17 -4.00 -28.51
CA ILE D 263 19.79 -4.40 -28.26
C ILE D 263 19.30 -3.68 -27.00
N GLY D 264 18.21 -2.93 -27.13
CA GLY D 264 17.64 -2.18 -26.03
C GLY D 264 16.79 -3.06 -25.18
N GLU D 265 16.27 -2.50 -24.08
CA GLU D 265 15.71 -3.32 -23.01
C GLU D 265 14.43 -4.05 -23.42
N THR D 266 13.90 -3.80 -24.61
CA THR D 266 12.77 -4.59 -25.07
C THR D 266 13.19 -5.93 -25.69
N GLY D 267 14.48 -6.17 -25.85
CA GLY D 267 14.93 -7.27 -26.66
C GLY D 267 15.06 -6.98 -28.13
N ALA D 268 14.64 -5.81 -28.60
CA ALA D 268 14.66 -5.47 -30.02
C ALA D 268 15.84 -4.56 -30.34
N ILE D 269 16.30 -4.62 -31.59
CA ILE D 269 17.36 -3.71 -32.06
C ILE D 269 17.06 -2.27 -31.68
N TRP D 270 17.95 -1.67 -30.89
CA TRP D 270 17.91 -0.23 -30.62
C TRP D 270 18.29 0.54 -31.88
N VAL D 271 17.50 1.57 -32.22
CA VAL D 271 17.91 2.57 -33.20
C VAL D 271 17.71 3.93 -32.55
N ASP D 272 18.12 4.97 -33.26
CA ASP D 272 17.90 6.33 -32.80
C ASP D 272 16.73 6.92 -33.60
N GLU D 273 16.54 8.23 -33.54
CA GLU D 273 15.48 8.87 -34.27
C GLU D 273 15.67 8.70 -35.75
N TYR D 274 16.89 8.78 -36.20
CA TYR D 274 17.19 8.66 -37.60
C TYR D 274 17.01 7.24 -38.12
N MET D 275 16.90 6.30 -37.21
CA MET D 275 16.72 4.90 -37.51
C MET D 275 18.02 4.17 -37.77
N ARG D 276 19.16 4.79 -37.49
CA ARG D 276 20.42 4.13 -37.65
C ARG D 276 20.51 3.23 -36.46
N THR D 277 21.29 2.18 -36.58
CA THR D 277 21.44 1.27 -35.48
C THR D 277 22.73 1.70 -34.86
N SER D 278 23.41 0.85 -34.11
CA SER D 278 24.69 1.21 -33.53
C SER D 278 25.75 1.46 -34.59
N ASP D 279 25.72 0.69 -35.67
CA ASP D 279 26.67 0.86 -36.76
C ASP D 279 26.05 1.86 -37.70
N GLU D 280 26.80 2.87 -38.10
CA GLU D 280 26.24 3.91 -38.96
C GLU D 280 25.80 3.43 -40.33
N SER D 281 26.46 2.42 -40.84
CA SER D 281 26.12 1.91 -42.15
C SER D 281 24.90 1.03 -42.11
N ILE D 282 24.33 0.82 -40.91
CA ILE D 282 23.35 -0.22 -40.67
C ILE D 282 22.05 0.37 -40.11
N TYR D 283 21.05 0.48 -40.96
CA TYR D 283 19.75 0.97 -40.56
C TYR D 283 18.84 -0.21 -40.25
N ALA D 284 17.93 -0.03 -39.30
CA ALA D 284 16.98 -1.08 -39.04
C ALA D 284 15.67 -0.44 -38.68
N GLY D 285 14.58 -1.11 -39.04
CA GLY D 285 13.26 -0.54 -38.85
C GLY D 285 12.24 -1.62 -39.09
N GLY D 286 11.05 -1.36 -38.60
CA GLY D 286 10.01 -2.31 -38.63
C GLY D 286 9.90 -3.08 -37.32
N ASP D 287 9.34 -4.29 -37.44
CA ASP D 287 8.86 -5.04 -36.28
C ASP D 287 9.96 -5.55 -35.37
N CYS D 288 11.20 -5.58 -35.87
CA CYS D 288 12.36 -6.03 -35.11
C CYS D 288 12.99 -4.93 -34.26
N VAL D 289 12.48 -3.71 -34.30
CA VAL D 289 13.21 -2.53 -33.84
C VAL D 289 12.49 -1.91 -32.65
N GLU D 290 13.27 -1.27 -31.78
CA GLU D 290 12.69 -0.56 -30.65
C GLU D 290 12.22 0.83 -31.07
N THR D 291 11.25 1.37 -30.33
CA THR D 291 10.78 2.72 -30.62
C THR D 291 10.26 3.32 -29.33
N THR D 292 10.15 4.64 -29.30
CA THR D 292 9.80 5.39 -28.10
C THR D 292 8.30 5.67 -28.06
N CYS D 293 7.68 5.46 -26.90
CA CYS D 293 6.30 5.87 -26.67
C CYS D 293 6.32 7.34 -26.32
N LEU D 294 5.81 8.18 -27.20
CA LEU D 294 6.05 9.61 -27.00
C LEU D 294 5.21 10.20 -25.88
N VAL D 295 4.27 9.45 -25.32
CA VAL D 295 3.56 10.07 -24.22
C VAL D 295 4.39 9.93 -22.95
N THR D 296 5.09 8.80 -22.78
CA THR D 296 5.88 8.57 -21.57
C THR D 296 7.39 8.56 -21.80
N GLY D 297 7.87 8.38 -23.04
CA GLY D 297 9.27 8.24 -23.31
C GLY D 297 9.86 6.90 -22.96
N LYS D 298 9.06 5.97 -22.44
CA LYS D 298 9.62 4.64 -22.27
C LYS D 298 9.82 4.04 -23.66
N LYS D 299 10.78 3.14 -23.76
CA LYS D 299 11.02 2.44 -25.01
C LYS D 299 10.18 1.17 -25.04
N ILE D 300 9.63 0.87 -26.22
CA ILE D 300 8.63 -0.18 -26.40
C ILE D 300 8.82 -0.78 -27.79
N ILE D 301 8.12 -1.87 -28.05
CA ILE D 301 8.05 -2.41 -29.41
C ILE D 301 6.64 -2.15 -29.89
N ALA D 302 6.50 -1.30 -30.91
CA ALA D 302 5.21 -0.97 -31.49
C ALA D 302 5.07 -1.74 -32.79
N PRO D 303 4.58 -2.99 -32.72
CA PRO D 303 4.70 -3.92 -33.84
C PRO D 303 3.56 -3.83 -34.86
N PHE D 304 3.35 -2.65 -35.43
CA PHE D 304 2.24 -2.40 -36.33
C PHE D 304 2.71 -2.09 -37.75
N GLY D 305 1.79 -2.21 -38.69
CA GLY D 305 2.12 -2.01 -40.09
C GLY D 305 2.24 -0.55 -40.48
N ASP D 306 1.44 0.31 -39.87
CA ASP D 306 1.63 1.73 -40.13
C ASP D 306 2.97 2.21 -39.58
N VAL D 307 3.36 1.71 -38.40
CA VAL D 307 4.65 2.05 -37.84
C VAL D 307 5.75 1.59 -38.78
N ALA D 308 5.55 0.42 -39.40
CA ALA D 308 6.57 -0.17 -40.26
C ALA D 308 6.77 0.64 -41.52
N ASN D 309 5.68 0.99 -42.22
CA ASN D 309 5.87 1.83 -43.39
C ASN D 309 6.53 3.16 -43.03
N LYS D 310 6.07 3.82 -41.95
CA LYS D 310 6.66 5.10 -41.56
C LYS D 310 8.18 4.98 -41.34
N GLN D 311 8.59 3.99 -40.53
CA GLN D 311 10.02 3.74 -40.30
C GLN D 311 10.77 3.39 -41.58
N GLY D 312 10.30 2.40 -42.33
CA GLY D 312 10.99 2.01 -43.54
C GLY D 312 11.21 3.16 -44.50
N ARG D 313 10.24 4.07 -44.60
CA ARG D 313 10.48 5.25 -45.42
C ARG D 313 11.58 6.14 -44.85
N VAL D 314 11.56 6.40 -43.54
CA VAL D 314 12.59 7.28 -42.99
C VAL D 314 13.98 6.68 -43.21
N ILE D 315 14.08 5.33 -43.16
CA ILE D 315 15.35 4.63 -43.48
C ILE D 315 15.74 4.90 -44.91
N GLY D 316 14.79 4.67 -45.83
CA GLY D 316 14.99 4.97 -47.24
C GLY D 316 15.51 6.36 -47.50
N GLU D 317 14.87 7.34 -46.90
CA GLU D 317 15.30 8.70 -47.08
C GLU D 317 16.71 8.95 -46.57
N ASN D 318 17.05 8.43 -45.41
CA ASN D 318 18.38 8.61 -44.85
C ASN D 318 19.55 7.99 -45.57
N ILE D 319 19.37 6.81 -46.12
CA ILE D 319 20.44 6.16 -46.84
C ILE D 319 20.77 7.00 -48.05
N THR D 320 19.78 7.76 -48.51
CA THR D 320 19.87 8.61 -49.68
C THR D 320 20.42 10.00 -49.37
N GLY D 321 20.89 10.16 -48.16
CA GLY D 321 21.52 11.38 -47.71
C GLY D 321 20.73 12.43 -47.00
N GLY D 322 19.44 12.28 -46.98
CA GLY D 322 18.60 13.22 -46.31
C GLY D 322 18.54 13.00 -44.83
N ARG D 323 17.90 13.92 -44.15
CA ARG D 323 17.63 13.86 -42.73
C ARG D 323 16.12 13.75 -42.53
N ALA D 324 15.69 12.66 -41.92
CA ALA D 324 14.29 12.43 -41.62
C ALA D 324 14.21 11.70 -40.29
N VAL D 325 13.21 12.03 -39.48
CA VAL D 325 13.10 11.43 -38.15
C VAL D 325 11.80 10.64 -38.02
N PHE D 326 11.83 9.69 -37.11
CA PHE D 326 10.64 8.99 -36.64
C PHE D 326 10.70 9.13 -35.13
N PRO D 327 10.04 10.15 -34.57
CA PRO D 327 10.29 10.46 -33.16
C PRO D 327 9.82 9.37 -32.21
N GLY D 328 8.79 8.60 -32.56
CA GLY D 328 8.26 7.56 -31.71
C GLY D 328 6.84 7.26 -32.11
N VAL D 329 6.12 6.57 -31.23
CA VAL D 329 4.72 6.24 -31.48
C VAL D 329 3.95 6.55 -30.21
N ILE D 330 2.62 6.46 -30.30
CA ILE D 330 1.76 6.64 -29.15
C ILE D 330 0.81 5.46 -28.93
N ARG D 331 1.02 4.37 -29.65
CA ARG D 331 0.19 3.18 -29.52
C ARG D 331 -1.28 3.28 -29.98
N THR D 332 -1.59 4.16 -30.92
CA THR D 332 -2.97 4.29 -31.42
C THR D 332 -3.26 3.10 -32.29
N ALA D 333 -4.00 2.17 -31.75
CA ALA D 333 -4.29 0.96 -32.45
C ALA D 333 -5.80 0.84 -32.52
N ILE D 334 -6.24 -0.06 -33.39
CA ILE D 334 -7.64 -0.26 -33.64
C ILE D 334 -7.83 -1.65 -34.21
N PHE D 335 -8.92 -2.30 -33.86
CA PHE D 335 -9.21 -3.59 -34.42
C PHE D 335 -10.69 -3.69 -34.60
N LYS D 336 -11.12 -4.58 -35.46
CA LYS D 336 -12.52 -4.73 -35.71
C LYS D 336 -13.08 -6.06 -35.29
N VAL D 337 -14.09 -6.00 -34.46
CA VAL D 337 -14.76 -7.20 -34.02
C VAL D 337 -15.97 -7.31 -34.88
N PHE D 338 -16.84 -8.22 -34.56
CA PHE D 338 -17.96 -8.45 -35.44
C PHE D 338 -18.58 -7.13 -35.88
N ASP D 339 -19.31 -6.49 -34.99
CA ASP D 339 -19.97 -5.24 -35.31
C ASP D 339 -19.41 -4.06 -34.56
N PHE D 340 -18.53 -4.31 -33.57
CA PHE D 340 -17.92 -3.27 -32.79
C PHE D 340 -16.56 -2.91 -33.35
N THR D 341 -16.18 -1.68 -33.08
CA THR D 341 -14.83 -1.18 -33.26
C THR D 341 -14.25 -1.02 -31.86
N ALA D 342 -12.96 -1.27 -31.70
CA ALA D 342 -12.26 -0.83 -30.49
C ALA D 342 -10.97 -0.13 -30.91
N ALA D 343 -10.64 0.95 -30.21
CA ALA D 343 -9.50 1.78 -30.61
C ALA D 343 -8.95 2.55 -29.42
N SER D 344 -7.66 2.83 -29.48
CA SER D 344 -6.87 3.26 -28.34
C SER D 344 -5.83 4.24 -28.84
N ALA D 345 -5.51 5.20 -28.01
CA ALA D 345 -4.53 6.20 -28.34
C ALA D 345 -3.90 6.63 -27.03
N GLY D 346 -2.62 6.96 -27.12
CA GLY D 346 -1.93 7.45 -25.95
C GLY D 346 -1.87 6.34 -24.93
N VAL D 347 -2.02 6.73 -23.67
CA VAL D 347 -1.67 5.89 -22.54
C VAL D 347 -2.93 5.42 -21.85
N ASN D 348 -2.95 4.15 -21.42
CA ASN D 348 -4.06 3.64 -20.62
C ASN D 348 -3.65 3.58 -19.13
N GLU D 349 -4.58 3.10 -18.30
CA GLU D 349 -4.42 3.19 -16.85
C GLU D 349 -3.23 2.39 -16.33
N GLN D 350 -3.01 1.17 -16.85
CA GLN D 350 -1.85 0.42 -16.36
C GLN D 350 -0.54 1.10 -16.70
N MET D 351 -0.41 1.57 -17.92
CA MET D 351 0.87 2.14 -18.30
C MET D 351 0.98 3.60 -17.88
N ALA D 352 -0.15 4.29 -17.68
CA ALA D 352 -0.11 5.58 -17.01
C ALA D 352 0.37 5.42 -15.57
N LYS D 353 -0.04 4.34 -14.92
CA LYS D 353 0.46 4.03 -13.59
C LYS D 353 1.95 3.75 -13.61
N GLU D 354 2.40 2.81 -14.48
CA GLU D 354 3.81 2.45 -14.48
C GLU D 354 4.69 3.59 -14.99
N ALA D 355 4.10 4.65 -15.55
CA ALA D 355 4.85 5.86 -15.90
C ALA D 355 4.88 6.90 -14.78
N GLY D 356 4.12 6.69 -13.70
CA GLY D 356 4.12 7.58 -12.57
C GLY D 356 3.31 8.84 -12.75
N LEU D 357 2.51 8.92 -13.83
CA LEU D 357 1.73 10.11 -14.13
C LEU D 357 0.52 10.21 -13.21
N ASP D 358 0.33 11.38 -12.62
CA ASP D 358 -0.90 11.60 -11.87
C ASP D 358 -1.97 12.03 -12.88
N TYR D 359 -3.09 11.29 -12.91
CA TYR D 359 -4.05 11.44 -14.00
C TYR D 359 -5.45 11.35 -13.45
N PHE D 360 -6.40 11.81 -14.23
CA PHE D 360 -7.79 11.52 -13.93
C PHE D 360 -8.51 11.08 -15.20
N THR D 361 -9.64 10.40 -14.98
CA THR D 361 -10.34 9.61 -15.99
C THR D 361 -11.78 10.07 -16.14
N VAL D 362 -12.31 10.04 -17.35
CA VAL D 362 -13.72 10.36 -17.54
C VAL D 362 -14.22 9.60 -18.77
N ILE D 363 -15.45 9.12 -18.73
CA ILE D 363 -15.98 8.36 -19.86
C ILE D 363 -17.40 8.85 -20.14
N ALA D 364 -17.68 9.13 -21.40
CA ALA D 364 -18.90 9.79 -21.78
C ALA D 364 -19.29 9.30 -23.16
N PRO D 365 -20.37 8.52 -23.33
CA PRO D 365 -20.78 8.08 -24.66
C PRO D 365 -21.66 9.11 -25.34
N SER D 366 -21.68 9.06 -26.66
CA SER D 366 -22.30 10.13 -27.42
C SER D 366 -22.81 9.59 -28.74
N PRO D 367 -23.81 10.25 -29.32
CA PRO D 367 -24.30 9.85 -30.64
C PRO D 367 -23.24 9.96 -31.74
N ASP D 368 -23.26 8.95 -32.61
CA ASP D 368 -22.40 8.85 -33.78
C ASP D 368 -22.55 10.08 -34.68
N ARG D 369 -23.78 10.31 -35.13
CA ARG D 369 -24.17 11.44 -35.97
C ARG D 369 -25.36 12.10 -35.30
N ALA D 370 -26.05 12.99 -36.02
CA ALA D 370 -27.19 13.69 -35.43
C ALA D 370 -28.15 12.68 -34.84
N HIS D 371 -28.58 12.93 -33.60
CA HIS D 371 -29.42 11.95 -32.91
C HIS D 371 -30.63 11.56 -33.77
N TYR D 372 -31.21 12.53 -34.52
CA TYR D 372 -32.37 12.35 -35.39
C TYR D 372 -32.04 11.76 -36.75
N TYR D 373 -30.75 11.63 -37.12
CA TYR D 373 -30.41 11.12 -38.46
C TYR D 373 -30.36 9.60 -38.44
N PRO D 374 -30.77 8.94 -39.52
CA PRO D 374 -30.86 7.47 -39.51
C PRO D 374 -29.49 6.81 -39.45
N GLN D 375 -29.43 5.75 -38.62
CA GLN D 375 -28.23 4.95 -38.33
C GLN D 375 -27.26 5.66 -37.40
N ALA D 376 -27.74 6.63 -36.64
CA ALA D 376 -26.93 7.17 -35.54
C ALA D 376 -26.74 6.09 -34.47
N ASN D 377 -25.50 5.91 -34.04
CA ASN D 377 -25.15 4.95 -33.02
C ASN D 377 -24.54 5.66 -31.85
N TYR D 378 -24.41 4.94 -30.75
CA TYR D 378 -23.77 5.46 -29.56
C TYR D 378 -22.37 4.90 -29.44
N ILE D 379 -21.39 5.77 -29.59
CA ILE D 379 -20.01 5.37 -29.33
C ILE D 379 -19.74 5.67 -27.87
N ARG D 380 -18.83 4.93 -27.25
CA ARG D 380 -18.46 5.17 -25.86
C ARG D 380 -16.99 5.49 -25.80
N LEU D 381 -16.69 6.72 -25.39
CA LEU D 381 -15.31 7.19 -25.27
C LEU D 381 -14.92 7.28 -23.81
N LYS D 382 -13.71 6.84 -23.53
CA LYS D 382 -13.03 7.10 -22.29
C LYS D 382 -11.78 7.90 -22.60
N LEU D 383 -11.56 8.93 -21.81
CA LEU D 383 -10.42 9.82 -21.97
C LEU D 383 -9.65 9.89 -20.65
N ILE D 384 -8.32 9.84 -20.77
CA ILE D 384 -7.39 9.95 -19.64
C ILE D 384 -6.62 11.26 -19.80
N VAL D 385 -6.71 12.12 -18.77
CA VAL D 385 -6.10 13.44 -18.77
C VAL D 385 -5.08 13.53 -17.62
N GLU D 386 -3.90 14.12 -17.93
CA GLU D 386 -2.85 14.36 -16.93
C GLU D 386 -3.20 15.57 -16.09
N LYS D 387 -3.08 15.41 -14.77
CA LYS D 387 -3.48 16.46 -13.86
C LYS D 387 -2.51 17.62 -13.91
N GLY D 388 -3.02 18.77 -13.45
CA GLY D 388 -2.29 20.01 -13.45
C GLY D 388 -2.07 20.59 -14.82
N SER D 389 -1.28 19.91 -15.67
CA SER D 389 -1.05 20.41 -17.00
C SER D 389 -2.33 20.38 -17.81
N TRP D 390 -3.19 19.40 -17.50
CA TRP D 390 -4.44 19.12 -18.19
C TRP D 390 -4.21 18.63 -19.62
N ARG D 391 -2.97 18.32 -19.99
CA ARG D 391 -2.69 17.65 -21.25
C ARG D 391 -3.45 16.32 -21.28
N VAL D 392 -4.04 15.98 -22.42
CA VAL D 392 -4.70 14.68 -22.58
C VAL D 392 -3.65 13.63 -22.97
N ILE D 393 -3.64 12.51 -22.23
CA ILE D 393 -2.61 11.49 -22.36
C ILE D 393 -3.14 10.15 -22.90
N GLY D 394 -4.44 9.90 -22.85
CA GLY D 394 -4.98 8.71 -23.49
C GLY D 394 -6.45 8.82 -23.81
N ALA D 395 -6.88 8.09 -24.80
CA ALA D 395 -8.27 8.04 -25.15
C ALA D 395 -8.56 6.67 -25.64
N GLN D 396 -9.75 6.16 -25.40
CA GLN D 396 -10.10 4.86 -25.92
C GLN D 396 -11.54 4.84 -26.31
N GLY D 397 -11.89 4.05 -27.29
CA GLY D 397 -13.26 3.97 -27.72
C GLY D 397 -13.70 2.62 -28.18
N VAL D 398 -14.94 2.30 -27.92
CA VAL D 398 -15.49 1.04 -28.30
C VAL D 398 -16.85 1.42 -28.74
N GLY D 399 -17.46 0.58 -29.54
CA GLY D 399 -18.79 0.86 -29.97
C GLY D 399 -19.24 0.32 -31.28
N MET D 400 -20.54 0.46 -31.44
CA MET D 400 -21.30 0.06 -32.56
C MET D 400 -21.12 0.83 -33.84
N GLY D 401 -21.08 2.14 -33.81
CA GLY D 401 -20.95 2.85 -35.08
C GLY D 401 -19.54 3.30 -35.38
N GLU D 402 -19.36 4.61 -35.57
CA GLU D 402 -18.09 5.18 -36.05
C GLU D 402 -17.20 5.66 -34.90
N VAL D 403 -16.28 4.80 -34.43
CA VAL D 403 -15.41 5.27 -33.32
C VAL D 403 -14.06 5.69 -33.88
N ALA D 404 -13.69 5.08 -35.01
CA ALA D 404 -12.34 5.26 -35.57
C ALA D 404 -12.01 6.73 -35.79
N LYS D 405 -12.98 7.51 -36.27
CA LYS D 405 -12.69 8.93 -36.49
C LYS D 405 -12.35 9.62 -35.17
N ARG D 406 -13.17 9.39 -34.12
CA ARG D 406 -12.90 10.02 -32.81
C ARG D 406 -11.55 9.62 -32.26
N ILE D 407 -11.14 8.38 -32.49
CA ILE D 407 -9.83 8.05 -31.98
C ILE D 407 -8.74 8.65 -32.84
N ASP D 408 -8.97 8.85 -34.14
CA ASP D 408 -7.94 9.52 -34.94
C ASP D 408 -7.81 10.98 -34.54
N VAL D 409 -8.92 11.67 -34.27
CA VAL D 409 -8.78 13.06 -33.84
C VAL D 409 -8.14 13.13 -32.46
N LEU D 410 -8.57 12.27 -31.52
CA LEU D 410 -7.99 12.31 -30.18
C LEU D 410 -6.55 11.86 -30.18
N SER D 411 -6.20 11.02 -31.13
CA SER D 411 -4.82 10.59 -31.29
C SER D 411 -3.94 11.75 -31.73
N THR D 412 -4.37 12.48 -32.77
CA THR D 412 -3.55 13.62 -33.15
C THR D 412 -3.65 14.72 -32.10
N ALA D 413 -4.76 14.80 -31.38
CA ALA D 413 -4.82 15.73 -30.26
C ALA D 413 -3.76 15.39 -29.20
N ILE D 414 -3.60 14.10 -28.91
CA ILE D 414 -2.64 13.69 -27.88
C ILE D 414 -1.22 13.93 -28.35
N GLN D 415 -0.93 13.65 -29.62
CA GLN D 415 0.39 14.03 -30.13
C GLN D 415 0.57 15.55 -30.24
N ALA D 416 -0.51 16.31 -30.20
CA ALA D 416 -0.32 17.74 -30.14
C ALA D 416 -0.08 18.20 -28.71
N GLY D 417 -0.25 17.31 -27.72
CA GLY D 417 -0.21 17.76 -26.34
C GLY D 417 -1.28 18.78 -26.04
N MET D 418 -2.45 18.61 -26.62
CA MET D 418 -3.52 19.56 -26.39
C MET D 418 -4.13 19.36 -25.01
N THR D 419 -4.67 20.45 -24.47
CA THR D 419 -5.33 20.49 -23.17
C THR D 419 -6.83 20.22 -23.34
N ILE D 420 -7.45 19.58 -22.34
CA ILE D 420 -8.91 19.46 -22.41
C ILE D 420 -9.57 20.82 -22.58
N ASP D 421 -8.86 21.90 -22.24
CA ASP D 421 -9.37 23.23 -22.51
C ASP D 421 -9.28 23.54 -24.01
N GLN D 422 -8.10 23.39 -24.61
CA GLN D 422 -8.06 23.68 -26.04
C GLN D 422 -8.69 22.56 -26.88
N LEU D 423 -8.98 21.38 -26.28
CA LEU D 423 -9.72 20.31 -26.97
C LEU D 423 -11.16 20.69 -27.18
N ALA D 424 -11.76 21.29 -26.16
CA ALA D 424 -13.19 21.54 -26.14
C ALA D 424 -13.64 22.50 -27.22
N ASN D 425 -12.72 23.26 -27.79
CA ASN D 425 -13.08 24.19 -28.83
C ASN D 425 -12.29 23.96 -30.10
N LEU D 426 -12.20 22.71 -30.48
CA LEU D 426 -11.54 22.29 -31.67
C LEU D 426 -12.55 22.39 -32.75
N ASP D 427 -12.25 23.09 -33.82
CA ASP D 427 -13.20 23.22 -34.91
C ASP D 427 -13.17 21.96 -35.68
N LEU D 428 -14.26 21.22 -35.57
CA LEU D 428 -14.41 19.96 -36.32
C LEU D 428 -15.45 20.08 -37.43
N ALA D 429 -15.49 19.05 -38.27
CA ALA D 429 -16.32 19.06 -39.46
C ALA D 429 -17.65 18.44 -39.11
N TYR D 430 -18.65 19.28 -38.91
CA TYR D 430 -19.97 18.83 -38.46
C TYR D 430 -21.06 19.09 -39.50
N ALA D 431 -21.82 18.04 -39.78
CA ALA D 431 -23.13 18.09 -40.43
C ALA D 431 -23.95 16.95 -39.85
N PRO D 432 -25.29 17.03 -39.91
CA PRO D 432 -26.14 16.02 -39.26
C PRO D 432 -25.78 14.59 -39.61
N PRO D 433 -25.40 14.26 -40.84
CA PRO D 433 -24.94 12.88 -41.12
C PRO D 433 -23.52 12.50 -40.66
N TYR D 434 -22.80 13.39 -40.03
CA TYR D 434 -21.45 13.02 -39.69
C TYR D 434 -21.18 13.09 -38.22
N SER D 435 -21.87 14.02 -37.59
CA SER D 435 -21.73 14.18 -36.19
C SER D 435 -22.82 15.06 -35.70
N PRO D 436 -22.96 15.06 -34.33
CA PRO D 436 -23.96 15.99 -33.81
C PRO D 436 -23.33 17.39 -33.77
N ALA D 437 -24.00 18.40 -33.23
CA ALA D 437 -23.40 19.74 -33.23
C ALA D 437 -22.07 19.81 -32.52
N LEU D 438 -21.95 19.13 -31.38
CA LEU D 438 -20.72 19.09 -30.66
C LEU D 438 -20.32 17.66 -30.80
N ASP D 439 -19.14 17.43 -31.35
CA ASP D 439 -18.66 16.09 -31.62
C ASP D 439 -18.50 15.33 -30.31
N PRO D 440 -18.72 14.02 -30.31
CA PRO D 440 -18.38 13.22 -29.13
C PRO D 440 -17.06 13.62 -28.50
N VAL D 441 -16.07 13.97 -29.34
CA VAL D 441 -14.76 14.35 -28.82
C VAL D 441 -14.85 15.68 -28.10
N ILE D 442 -15.62 16.60 -28.67
CA ILE D 442 -15.93 17.85 -27.98
C ILE D 442 -16.58 17.55 -26.65
N THR D 443 -17.72 16.86 -26.69
CA THR D 443 -18.47 16.73 -25.46
C THR D 443 -17.68 16.02 -24.36
N ILE D 444 -16.83 15.04 -24.70
CA ILE D 444 -16.05 14.46 -23.61
C ILE D 444 -14.92 15.42 -23.17
N ALA D 445 -14.44 16.30 -24.06
CA ALA D 445 -13.60 17.38 -23.54
C ALA D 445 -14.36 18.13 -22.46
N ASN D 446 -15.59 18.56 -22.77
CA ASN D 446 -16.38 19.28 -21.77
C ASN D 446 -16.58 18.45 -20.49
N VAL D 447 -16.74 17.13 -20.60
CA VAL D 447 -17.06 16.29 -19.45
C VAL D 447 -15.84 16.17 -18.54
N ALA D 448 -14.66 15.99 -19.16
CA ALA D 448 -13.41 16.13 -18.46
C ALA D 448 -13.33 17.46 -17.69
N MET D 449 -13.72 18.58 -18.32
CA MET D 449 -13.56 19.80 -17.53
C MET D 449 -14.66 19.97 -16.47
N ASN D 450 -15.81 19.34 -16.63
CA ASN D 450 -16.79 19.36 -15.55
C ASN D 450 -16.37 18.50 -14.35
N LYS D 451 -15.60 17.42 -14.57
CA LYS D 451 -15.05 16.70 -13.41
C LYS D 451 -13.86 17.43 -12.80
N ARG D 452 -12.98 17.96 -13.66
CA ARG D 452 -11.77 18.62 -13.20
C ARG D 452 -12.12 19.83 -12.35
N ASP D 453 -12.96 20.73 -12.91
CA ASP D 453 -13.52 21.89 -12.23
C ASP D 453 -14.38 21.45 -11.06
N GLY D 454 -14.34 20.17 -10.72
CA GLY D 454 -15.08 19.62 -9.58
C GLY D 454 -16.58 19.71 -9.70
N LEU D 455 -17.03 20.23 -10.84
CA LEU D 455 -18.44 20.41 -11.11
C LEU D 455 -19.22 19.21 -10.63
N PHE D 456 -18.78 18.01 -11.01
CA PHE D 456 -19.47 16.82 -10.57
C PHE D 456 -18.45 15.81 -10.10
N GLU D 457 -18.86 14.99 -9.15
CA GLU D 457 -18.03 13.89 -8.68
C GLU D 457 -18.55 12.63 -9.36
N GLY D 458 -17.65 11.85 -9.92
CA GLY D 458 -18.02 10.81 -10.84
C GLY D 458 -17.33 9.49 -10.52
N ILE D 459 -18.08 8.40 -10.74
CA ILE D 459 -17.61 7.04 -10.46
C ILE D 459 -18.02 6.13 -11.60
N ASN D 460 -17.18 5.12 -11.85
CA ASN D 460 -17.39 4.08 -12.85
C ASN D 460 -18.40 3.01 -12.43
N VAL D 461 -18.51 1.96 -13.23
CA VAL D 461 -19.49 0.92 -12.97
C VAL D 461 -19.04 -0.29 -12.21
N PHE D 462 -17.74 -0.52 -12.12
CA PHE D 462 -17.29 -1.69 -11.39
C PHE D 462 -17.61 -1.44 -9.94
N GLU D 463 -17.56 -0.19 -9.55
CA GLU D 463 -17.87 0.17 -8.21
C GLU D 463 -19.30 -0.25 -7.89
N LEU D 464 -19.38 -1.48 -7.43
CA LEU D 464 -20.59 -2.17 -7.01
C LEU D 464 -20.54 -2.42 -5.53
N LYS D 465 -21.53 -1.89 -4.88
CA LYS D 465 -21.63 -1.95 -3.47
C LYS D 465 -23.09 -2.02 -3.31
N GLU D 466 -23.57 -3.24 -3.22
CA GLU D 466 -24.96 -3.55 -3.06
C GLU D 466 -24.95 -4.93 -2.42
N ILE D 473 -27.19 2.85 0.74
CA ILE D 473 -26.75 3.11 -0.65
C ILE D 473 -27.96 3.23 -1.53
N VAL D 474 -28.09 4.33 -2.27
CA VAL D 474 -29.29 4.48 -3.10
C VAL D 474 -28.91 4.89 -4.48
N ILE D 475 -29.57 4.31 -5.46
CA ILE D 475 -29.28 4.64 -6.82
C ILE D 475 -30.51 5.26 -7.41
N LEU D 476 -30.36 6.42 -8.04
CA LEU D 476 -31.52 7.05 -8.63
C LEU D 476 -31.50 7.03 -10.13
N ASP D 477 -32.54 6.42 -10.67
CA ASP D 477 -32.69 6.27 -12.07
C ASP D 477 -33.38 7.45 -12.65
N VAL D 478 -32.59 8.43 -13.04
CA VAL D 478 -33.18 9.65 -13.59
C VAL D 478 -33.77 9.41 -15.00
N ARG D 479 -33.91 8.14 -15.38
CA ARG D 479 -34.42 7.73 -16.71
C ARG D 479 -35.84 8.10 -17.07
N SER D 480 -36.66 7.14 -17.49
CA SER D 480 -38.05 7.42 -17.87
C SER D 480 -38.85 6.28 -18.49
N GLU D 481 -38.17 5.28 -19.02
CA GLU D 481 -38.87 4.18 -19.68
C GLU D 481 -38.08 2.90 -19.62
N GLU D 482 -38.50 2.03 -18.72
CA GLU D 482 -37.85 0.79 -18.49
C GLU D 482 -38.30 -0.45 -19.27
N GLU D 483 -37.45 -0.83 -20.23
CA GLU D 483 -37.53 -2.01 -21.06
C GLU D 483 -36.29 -2.84 -20.69
N PHE D 484 -35.26 -2.16 -20.20
CA PHE D 484 -34.01 -2.70 -19.75
C PHE D 484 -33.91 -1.95 -18.43
N LYS D 485 -33.61 -2.62 -17.31
CA LYS D 485 -33.52 -1.91 -16.02
C LYS D 485 -32.74 -2.75 -15.07
N THR D 486 -32.49 -2.26 -13.85
CA THR D 486 -31.77 -3.03 -12.84
C THR D 486 -32.70 -3.36 -11.67
N ARG D 487 -32.53 -4.51 -11.02
CA ARG D 487 -33.38 -4.98 -9.94
C ARG D 487 -33.03 -4.59 -8.50
N ARG D 488 -34.05 -4.22 -7.73
CA ARG D 488 -33.86 -3.82 -6.32
C ARG D 488 -35.12 -3.24 -5.69
N LYS D 493 -31.28 -0.82 -4.06
CA LYS D 493 -32.03 0.28 -3.48
C LYS D 493 -32.50 1.25 -4.57
N VAL D 494 -33.33 0.78 -5.51
CA VAL D 494 -33.60 1.46 -6.77
C VAL D 494 -34.86 2.32 -6.62
N ILE D 495 -34.67 3.65 -6.56
CA ILE D 495 -35.79 4.59 -6.60
C ILE D 495 -35.78 5.28 -7.97
N HIS D 496 -36.94 5.38 -8.59
CA HIS D 496 -37.06 5.87 -9.96
C HIS D 496 -37.87 7.14 -9.95
N ILE D 497 -37.31 8.22 -10.51
CA ILE D 497 -38.02 9.47 -10.69
C ILE D 497 -37.52 10.08 -12.01
N PRO D 498 -38.37 10.20 -13.04
CA PRO D 498 -37.91 10.75 -14.33
C PRO D 498 -37.24 12.12 -14.21
N ILE D 499 -36.29 12.41 -15.06
CA ILE D 499 -35.62 13.66 -14.91
C ILE D 499 -36.64 14.76 -14.99
N LEU D 500 -37.55 14.64 -15.93
CA LEU D 500 -38.57 15.65 -16.11
C LEU D 500 -39.43 15.78 -14.90
N GLU D 501 -39.60 14.70 -14.17
CA GLU D 501 -40.40 14.76 -12.97
C GLU D 501 -39.60 15.14 -11.75
N LEU D 502 -38.29 15.18 -11.84
CA LEU D 502 -37.48 15.49 -10.67
C LEU D 502 -37.59 16.82 -9.96
N ARG D 503 -37.71 17.92 -10.68
CA ARG D 503 -37.71 19.22 -10.02
C ARG D 503 -38.85 19.21 -9.04
N GLU D 504 -39.96 18.67 -9.48
CA GLU D 504 -41.12 18.51 -8.66
C GLU D 504 -41.12 17.40 -7.60
N ARG D 505 -40.92 16.16 -7.98
CA ARG D 505 -40.98 15.16 -6.96
C ARG D 505 -39.87 15.60 -6.07
N LEU D 506 -38.74 14.92 -6.15
CA LEU D 506 -37.58 15.26 -5.33
C LEU D 506 -37.84 14.93 -3.86
N ASP D 507 -39.11 14.70 -3.53
CA ASP D 507 -39.49 14.38 -2.15
C ASP D 507 -38.94 13.02 -1.73
N GLU D 508 -39.17 12.01 -2.56
CA GLU D 508 -38.70 10.66 -2.28
C GLU D 508 -37.23 10.66 -1.90
N ILE D 509 -36.42 11.40 -2.66
CA ILE D 509 -35.00 11.48 -2.41
C ILE D 509 -34.90 11.57 -0.90
N PRO D 510 -33.86 10.99 -0.29
CA PRO D 510 -33.82 11.02 1.18
C PRO D 510 -32.79 11.95 1.83
N ARG D 511 -31.54 11.83 1.41
CA ARG D 511 -30.43 12.62 1.95
C ARG D 511 -29.93 11.87 3.17
N ASP D 512 -28.70 12.15 3.58
CA ASP D 512 -28.12 11.47 4.75
C ASP D 512 -27.74 10.04 4.37
N LYS D 513 -27.85 9.75 3.09
CA LYS D 513 -27.53 8.44 2.52
C LYS D 513 -26.80 8.73 1.22
N GLU D 514 -25.98 7.80 0.75
CA GLU D 514 -25.27 8.07 -0.48
C GLU D 514 -26.17 7.78 -1.65
N ILE D 515 -26.33 8.79 -2.49
CA ILE D 515 -27.16 8.68 -3.66
C ILE D 515 -26.25 8.83 -4.83
N VAL D 516 -26.36 7.87 -5.71
CA VAL D 516 -25.52 7.70 -6.89
C VAL D 516 -26.42 7.85 -8.10
N VAL D 517 -26.31 8.98 -8.80
CA VAL D 517 -27.28 9.25 -9.85
C VAL D 517 -26.91 8.47 -11.10
N VAL D 518 -27.93 7.93 -11.74
CA VAL D 518 -27.79 6.95 -12.79
C VAL D 518 -28.79 7.26 -13.88
N CYS D 519 -28.31 7.63 -15.06
CA CYS D 519 -29.22 7.75 -16.19
C CYS D 519 -28.81 6.77 -17.29
N ALA D 520 -29.43 6.94 -18.45
CA ALA D 520 -29.28 5.97 -19.54
C ALA D 520 -27.85 5.92 -20.05
N ILE D 521 -27.20 7.08 -20.25
CA ILE D 521 -25.79 7.09 -20.65
C ILE D 521 -25.07 8.27 -19.98
N GLY D 522 -25.71 8.90 -19.00
CA GLY D 522 -25.07 9.78 -18.06
C GLY D 522 -25.24 11.27 -18.28
N LEU D 523 -25.80 11.67 -19.43
CA LEU D 523 -26.08 13.09 -19.68
C LEU D 523 -27.08 13.64 -18.67
N ARG D 524 -28.26 13.02 -18.62
CA ARG D 524 -29.24 13.43 -17.63
C ARG D 524 -28.79 13.16 -16.23
N SER D 525 -27.89 12.21 -16.04
CA SER D 525 -27.30 12.01 -14.73
C SER D 525 -26.53 13.25 -14.30
N PHE D 526 -25.81 13.86 -15.23
CA PHE D 526 -25.09 15.08 -14.90
C PHE D 526 -26.10 16.17 -14.57
N GLU D 527 -27.08 16.36 -15.47
CA GLU D 527 -28.04 17.45 -15.28
C GLU D 527 -28.89 17.27 -14.00
N ALA D 528 -29.08 16.04 -13.52
CA ALA D 528 -29.66 15.85 -12.20
C ALA D 528 -28.67 16.18 -11.09
N SER D 529 -27.47 15.57 -11.15
CA SER D 529 -26.47 15.74 -10.10
C SER D 529 -26.33 17.19 -9.70
N ARG D 530 -26.30 18.09 -10.68
CA ARG D 530 -26.15 19.50 -10.36
C ARG D 530 -27.44 20.11 -9.80
N ILE D 531 -28.58 19.53 -10.16
CA ILE D 531 -29.90 19.89 -9.65
C ILE D 531 -29.96 19.53 -8.17
N LEU D 532 -29.48 18.35 -7.82
CA LEU D 532 -29.48 17.93 -6.44
C LEU D 532 -28.55 18.79 -5.64
N LYS D 533 -27.41 19.14 -6.22
CA LYS D 533 -26.46 19.95 -5.52
C LYS D 533 -27.14 21.24 -5.19
N HIS D 534 -27.89 21.82 -6.13
CA HIS D 534 -28.55 23.07 -5.80
C HIS D 534 -29.47 22.79 -4.65
N ALA D 535 -30.15 21.64 -4.71
CA ALA D 535 -31.08 21.25 -3.65
C ALA D 535 -30.42 21.35 -2.28
N GLY D 536 -29.26 20.72 -2.14
CA GLY D 536 -28.53 20.74 -0.87
C GLY D 536 -27.95 19.38 -0.52
N PHE D 537 -28.15 18.41 -1.40
CA PHE D 537 -27.65 17.06 -1.18
C PHE D 537 -26.13 17.05 -1.03
N GLU D 538 -25.65 16.36 -0.01
CA GLU D 538 -24.22 16.27 0.25
C GLU D 538 -23.48 15.22 -0.57
N LYS D 539 -24.06 14.04 -0.71
CA LYS D 539 -23.41 13.01 -1.47
C LYS D 539 -24.24 12.63 -2.65
N VAL D 540 -23.73 12.89 -3.85
CA VAL D 540 -24.39 12.59 -5.12
C VAL D 540 -23.26 12.01 -5.92
N LYS D 541 -23.41 10.86 -6.54
CA LYS D 541 -22.33 10.32 -7.34
C LYS D 541 -23.00 10.06 -8.68
N ILE D 542 -22.30 10.45 -9.72
CA ILE D 542 -22.83 10.21 -11.04
C ILE D 542 -21.99 9.09 -11.62
N LEU D 543 -22.76 8.20 -12.21
CA LEU D 543 -22.32 6.98 -12.82
C LEU D 543 -21.86 7.16 -14.23
N GLU D 544 -20.55 7.25 -14.40
CA GLU D 544 -20.01 7.46 -15.70
C GLU D 544 -20.42 6.34 -16.60
N GLY D 545 -20.72 6.70 -17.83
CA GLY D 545 -21.13 5.75 -18.84
C GLY D 545 -22.61 5.53 -18.78
N GLY D 546 -23.13 5.38 -17.58
CA GLY D 546 -24.54 5.16 -17.41
C GLY D 546 -24.97 3.77 -17.76
N MET D 547 -26.25 3.61 -18.01
CA MET D 547 -26.78 2.32 -18.36
C MET D 547 -26.04 1.85 -19.57
N ALA D 548 -25.12 2.67 -20.04
CA ALA D 548 -24.36 2.27 -21.21
C ALA D 548 -23.45 1.08 -20.91
N PHE D 549 -23.05 0.93 -19.66
CA PHE D 549 -22.14 -0.14 -19.27
C PHE D 549 -22.78 -1.08 -18.27
N TRP D 550 -24.11 -1.08 -18.16
CA TRP D 550 -24.68 -1.86 -17.07
C TRP D 550 -24.67 -3.35 -17.37
N PHE D 551 -25.02 -3.74 -18.59
CA PHE D 551 -25.13 -5.16 -19.00
C PHE D 551 -25.73 -6.12 -17.91
#